data_8XAG
# 
_entry.id   8XAG 
# 
_audit_conform.dict_name       mmcif_pdbx.dic 
_audit_conform.dict_version    5.399 
_audit_conform.dict_location   http://mmcif.pdb.org/dictionaries/ascii/mmcif_pdbx.dic 
# 
loop_
_database_2.database_id 
_database_2.database_code 
_database_2.pdbx_database_accession 
_database_2.pdbx_DOI 
PDB   8XAG         pdb_00008xag 10.2210/pdb8xag/pdb 
WWPDB D_1300043028 ?            ?                   
# 
_pdbx_audit_revision_history.ordinal             1 
_pdbx_audit_revision_history.data_content_type   'Structure model' 
_pdbx_audit_revision_history.major_revision      1 
_pdbx_audit_revision_history.minor_revision      0 
_pdbx_audit_revision_history.revision_date       2024-12-04 
# 
_pdbx_audit_revision_details.ordinal             1 
_pdbx_audit_revision_details.revision_ordinal    1 
_pdbx_audit_revision_details.data_content_type   'Structure model' 
_pdbx_audit_revision_details.provider            repository 
_pdbx_audit_revision_details.type                'Initial release' 
_pdbx_audit_revision_details.description         ? 
_pdbx_audit_revision_details.details             ? 
# 
_pdbx_database_status.status_code                     REL 
_pdbx_database_status.status_code_sf                  REL 
_pdbx_database_status.status_code_mr                  ? 
_pdbx_database_status.entry_id                        8XAG 
_pdbx_database_status.recvd_initial_deposition_date   2023-12-04 
_pdbx_database_status.SG_entry                        N 
_pdbx_database_status.deposit_site                    PDBJ 
_pdbx_database_status.process_site                    PDBJ 
_pdbx_database_status.status_code_cs                  ? 
_pdbx_database_status.status_code_nmr_data            ? 
_pdbx_database_status.methods_development_category    ? 
_pdbx_database_status.pdb_format_compatible           Y 
# 
_pdbx_contact_author.id                 2 
_pdbx_contact_author.email              huangy@shsmu.edu.cn 
_pdbx_contact_author.name_first         Ying 
_pdbx_contact_author.name_last          Huang 
_pdbx_contact_author.name_mi            ? 
_pdbx_contact_author.role               'principal investigator/group leader' 
_pdbx_contact_author.identifier_ORCID   0000-0002-2806-2874 
# 
loop_
_audit_author.name 
_audit_author.pdbx_ordinal 
_audit_author.identifier_ORCID 
'Liu, Y.'   1 ? 
'Huang, Y.' 2 ? 
# 
_citation.abstract                  ? 
_citation.abstract_id_CAS           ? 
_citation.book_id_ISBN              ? 
_citation.book_publisher            ? 
_citation.book_publisher_city       ? 
_citation.book_title                ? 
_citation.coordinate_linkage        ? 
_citation.country                   ? 
_citation.database_id_Medline       ? 
_citation.details                   ? 
_citation.id                        primary 
_citation.journal_abbrev            'To Be Published' 
_citation.journal_id_ASTM           ? 
_citation.journal_id_CSD            0353 
_citation.journal_id_ISSN           ? 
_citation.journal_full              ? 
_citation.journal_issue             ? 
_citation.journal_volume            ? 
_citation.language                  ? 
_citation.page_first                ? 
_citation.page_last                 ? 
_citation.title                     
'Crystal structure of the chromodomain of Arabidopsis LHP1 in complex with histone H3.3K27me3 peptide' 
_citation.year                      ? 
_citation.database_id_CSD           ? 
_citation.pdbx_database_id_DOI      ? 
_citation.pdbx_database_id_PubMed   ? 
_citation.pdbx_database_id_patent   ? 
_citation.unpublished_flag          ? 
# 
loop_
_citation_author.citation_id 
_citation_author.name 
_citation_author.ordinal 
_citation_author.identifier_ORCID 
primary 'Liu, Y.'   1 ? 
primary 'Huang, Y.' 2 ? 
# 
loop_
_entity.id 
_entity.type 
_entity.src_method 
_entity.pdbx_description 
_entity.formula_weight 
_entity.pdbx_number_of_molecules 
_entity.pdbx_ec 
_entity.pdbx_mutation 
_entity.pdbx_fragment 
_entity.details 
1 polymer man 'Chromo domain-containing protein LHP1' 7685.710 2   ? ? ? ? 
2 polymer syn 'histone H3.3K27me3 peptide'            875.025  2   ? ? ? ? 
3 water   nat water                                   18.015   177 ? ? ? ? 
# 
_entity_name_com.entity_id   2 
_entity_name_com.name        'Histone H3.2' 
# 
loop_
_entity_poly.entity_id 
_entity_poly.type 
_entity_poly.nstd_linkage 
_entity_poly.nstd_monomer 
_entity_poly.pdbx_seq_one_letter_code 
_entity_poly.pdbx_seq_one_letter_code_can 
_entity_poly.pdbx_strand_id 
_entity_poly.pdbx_target_identifier 
1 'polypeptide(L)' no no  GSERPKLDEGFYEIEAIRRKRVRKGKVQYLIKWRGWPETANTWEPLENLQSIADVIDAFEGSLKPG 
GSERPKLDEGFYEIEAIRRKRVRKGKVQYLIKWRGWPETANTWEPLENLQSIADVIDAFEGSLKPG A,B ? 
2 'polypeptide(L)' no yes 'AR(M3L)SAPTT'                                                     ARKSAPTT C,D ? 
# 
_pdbx_entity_nonpoly.entity_id   3 
_pdbx_entity_nonpoly.name        water 
_pdbx_entity_nonpoly.comp_id     HOH 
# 
loop_
_entity_poly_seq.entity_id 
_entity_poly_seq.num 
_entity_poly_seq.mon_id 
_entity_poly_seq.hetero 
1 1  GLY n 
1 2  SER n 
1 3  GLU n 
1 4  ARG n 
1 5  PRO n 
1 6  LYS n 
1 7  LEU n 
1 8  ASP n 
1 9  GLU n 
1 10 GLY n 
1 11 PHE n 
1 12 TYR n 
1 13 GLU n 
1 14 ILE n 
1 15 GLU n 
1 16 ALA n 
1 17 ILE n 
1 18 ARG n 
1 19 ARG n 
1 20 LYS n 
1 21 ARG n 
1 22 VAL n 
1 23 ARG n 
1 24 LYS n 
1 25 GLY n 
1 26 LYS n 
1 27 VAL n 
1 28 GLN n 
1 29 TYR n 
1 30 LEU n 
1 31 ILE n 
1 32 LYS n 
1 33 TRP n 
1 34 ARG n 
1 35 GLY n 
1 36 TRP n 
1 37 PRO n 
1 38 GLU n 
1 39 THR n 
1 40 ALA n 
1 41 ASN n 
1 42 THR n 
1 43 TRP n 
1 44 GLU n 
1 45 PRO n 
1 46 LEU n 
1 47 GLU n 
1 48 ASN n 
1 49 LEU n 
1 50 GLN n 
1 51 SER n 
1 52 ILE n 
1 53 ALA n 
1 54 ASP n 
1 55 VAL n 
1 56 ILE n 
1 57 ASP n 
1 58 ALA n 
1 59 PHE n 
1 60 GLU n 
1 61 GLY n 
1 62 SER n 
1 63 LEU n 
1 64 LYS n 
1 65 PRO n 
1 66 GLY n 
2 1  ALA n 
2 2  ARG n 
2 3  M3L n 
2 4  SER n 
2 5  ALA n 
2 6  PRO n 
2 7  THR n 
2 8  THR n 
# 
_entity_src_gen.entity_id                          1 
_entity_src_gen.pdbx_src_id                        1 
_entity_src_gen.pdbx_alt_source_flag               sample 
_entity_src_gen.pdbx_seq_type                      'Biological sequence' 
_entity_src_gen.pdbx_beg_seq_num                   1 
_entity_src_gen.pdbx_end_seq_num                   66 
_entity_src_gen.gene_src_common_name               'thale cress' 
_entity_src_gen.gene_src_genus                     ? 
_entity_src_gen.pdbx_gene_src_gene                 LHP1 
_entity_src_gen.gene_src_species                   ? 
_entity_src_gen.gene_src_strain                    ? 
_entity_src_gen.gene_src_tissue                    ? 
_entity_src_gen.gene_src_tissue_fraction           ? 
_entity_src_gen.gene_src_details                   ? 
_entity_src_gen.pdbx_gene_src_fragment             ? 
_entity_src_gen.pdbx_gene_src_scientific_name      'Arabidopsis thaliana' 
_entity_src_gen.pdbx_gene_src_ncbi_taxonomy_id     3702 
_entity_src_gen.pdbx_gene_src_variant              ? 
_entity_src_gen.pdbx_gene_src_cell_line            ? 
_entity_src_gen.pdbx_gene_src_atcc                 ? 
_entity_src_gen.pdbx_gene_src_organ                ? 
_entity_src_gen.pdbx_gene_src_organelle            ? 
_entity_src_gen.pdbx_gene_src_cell                 ? 
_entity_src_gen.pdbx_gene_src_cellular_location    ? 
_entity_src_gen.host_org_common_name               ? 
_entity_src_gen.pdbx_host_org_scientific_name      'Escherichia coli' 
_entity_src_gen.pdbx_host_org_ncbi_taxonomy_id     562 
_entity_src_gen.host_org_genus                     ? 
_entity_src_gen.pdbx_host_org_gene                 ? 
_entity_src_gen.pdbx_host_org_organ                ? 
_entity_src_gen.host_org_species                   ? 
_entity_src_gen.pdbx_host_org_tissue               ? 
_entity_src_gen.pdbx_host_org_tissue_fraction      ? 
_entity_src_gen.pdbx_host_org_strain               ? 
_entity_src_gen.pdbx_host_org_variant              ? 
_entity_src_gen.pdbx_host_org_cell_line            ? 
_entity_src_gen.pdbx_host_org_atcc                 ? 
_entity_src_gen.pdbx_host_org_culture_collection   ? 
_entity_src_gen.pdbx_host_org_cell                 ? 
_entity_src_gen.pdbx_host_org_organelle            ? 
_entity_src_gen.pdbx_host_org_cellular_location    ? 
_entity_src_gen.pdbx_host_org_vector_type          ? 
_entity_src_gen.pdbx_host_org_vector               ? 
_entity_src_gen.host_org_details                   ? 
_entity_src_gen.expression_system_id               ? 
_entity_src_gen.plasmid_name                       ? 
_entity_src_gen.plasmid_details                    ? 
_entity_src_gen.pdbx_description                   ? 
# 
_pdbx_entity_src_syn.entity_id              2 
_pdbx_entity_src_syn.pdbx_src_id            1 
_pdbx_entity_src_syn.pdbx_alt_source_flag   sample 
_pdbx_entity_src_syn.pdbx_beg_seq_num       1 
_pdbx_entity_src_syn.pdbx_end_seq_num       8 
_pdbx_entity_src_syn.organism_scientific    'Arabidopsis thaliana' 
_pdbx_entity_src_syn.organism_common_name   'thale cress' 
_pdbx_entity_src_syn.ncbi_taxonomy_id       3702 
_pdbx_entity_src_syn.details                ? 
# 
loop_
_chem_comp.id 
_chem_comp.type 
_chem_comp.mon_nstd_flag 
_chem_comp.name 
_chem_comp.pdbx_synonyms 
_chem_comp.formula 
_chem_comp.formula_weight 
ALA 'L-peptide linking' y ALANINE           ? 'C3 H7 N O2'     89.093  
ARG 'L-peptide linking' y ARGININE          ? 'C6 H15 N4 O2 1' 175.209 
ASN 'L-peptide linking' y ASPARAGINE        ? 'C4 H8 N2 O3'    132.118 
ASP 'L-peptide linking' y 'ASPARTIC ACID'   ? 'C4 H7 N O4'     133.103 
GLN 'L-peptide linking' y GLUTAMINE         ? 'C5 H10 N2 O3'   146.144 
GLU 'L-peptide linking' y 'GLUTAMIC ACID'   ? 'C5 H9 N O4'     147.129 
GLY 'peptide linking'   y GLYCINE           ? 'C2 H5 N O2'     75.067  
HOH non-polymer         . WATER             ? 'H2 O'           18.015  
ILE 'L-peptide linking' y ISOLEUCINE        ? 'C6 H13 N O2'    131.173 
LEU 'L-peptide linking' y LEUCINE           ? 'C6 H13 N O2'    131.173 
LYS 'L-peptide linking' y LYSINE            ? 'C6 H15 N2 O2 1' 147.195 
M3L 'L-peptide linking' n N-TRIMETHYLLYSINE ? 'C9 H21 N2 O2 1' 189.275 
PHE 'L-peptide linking' y PHENYLALANINE     ? 'C9 H11 N O2'    165.189 
PRO 'L-peptide linking' y PROLINE           ? 'C5 H9 N O2'     115.130 
SER 'L-peptide linking' y SERINE            ? 'C3 H7 N O3'     105.093 
THR 'L-peptide linking' y THREONINE         ? 'C4 H9 N O3'     119.119 
TRP 'L-peptide linking' y TRYPTOPHAN        ? 'C11 H12 N2 O2'  204.225 
TYR 'L-peptide linking' y TYROSINE          ? 'C9 H11 N O3'    181.189 
VAL 'L-peptide linking' y VALINE            ? 'C5 H11 N O2'    117.146 
# 
loop_
_pdbx_poly_seq_scheme.asym_id 
_pdbx_poly_seq_scheme.entity_id 
_pdbx_poly_seq_scheme.seq_id 
_pdbx_poly_seq_scheme.mon_id 
_pdbx_poly_seq_scheme.ndb_seq_num 
_pdbx_poly_seq_scheme.pdb_seq_num 
_pdbx_poly_seq_scheme.auth_seq_num 
_pdbx_poly_seq_scheme.pdb_mon_id 
_pdbx_poly_seq_scheme.auth_mon_id 
_pdbx_poly_seq_scheme.pdb_strand_id 
_pdbx_poly_seq_scheme.pdb_ins_code 
_pdbx_poly_seq_scheme.hetero 
A 1 1  GLY 1  97  ?   ?   ?   A . n 
A 1 2  SER 2  98  ?   ?   ?   A . n 
A 1 3  GLU 3  99  ?   ?   ?   A . n 
A 1 4  ARG 4  100 ?   ?   ?   A . n 
A 1 5  PRO 5  101 101 PRO PRO A . n 
A 1 6  LYS 6  102 102 LYS LYS A . n 
A 1 7  LEU 7  103 103 LEU LEU A . n 
A 1 8  ASP 8  104 104 ASP ASP A . n 
A 1 9  GLU 9  105 105 GLU GLU A . n 
A 1 10 GLY 10 106 106 GLY GLY A . n 
A 1 11 PHE 11 107 107 PHE PHE A . n 
A 1 12 TYR 12 108 108 TYR TYR A . n 
A 1 13 GLU 13 109 109 GLU GLU A . n 
A 1 14 ILE 14 110 110 ILE ILE A . n 
A 1 15 GLU 15 111 111 GLU GLU A . n 
A 1 16 ALA 16 112 112 ALA ALA A . n 
A 1 17 ILE 17 113 113 ILE ILE A . n 
A 1 18 ARG 18 114 114 ARG ARG A . n 
A 1 19 ARG 19 115 115 ARG ARG A . n 
A 1 20 LYS 20 116 116 LYS LYS A . n 
A 1 21 ARG 21 117 117 ARG ARG A . n 
A 1 22 VAL 22 118 118 VAL VAL A . n 
A 1 23 ARG 23 119 119 ARG ARG A . n 
A 1 24 LYS 24 120 120 LYS LYS A . n 
A 1 25 GLY 25 121 121 GLY GLY A . n 
A 1 26 LYS 26 122 122 LYS LYS A . n 
A 1 27 VAL 27 123 123 VAL VAL A . n 
A 1 28 GLN 28 124 124 GLN GLN A . n 
A 1 29 TYR 29 125 125 TYR TYR A . n 
A 1 30 LEU 30 126 126 LEU LEU A . n 
A 1 31 ILE 31 127 127 ILE ILE A . n 
A 1 32 LYS 32 128 128 LYS LYS A . n 
A 1 33 TRP 33 129 129 TRP TRP A . n 
A 1 34 ARG 34 130 130 ARG ARG A . n 
A 1 35 GLY 35 131 131 GLY GLY A . n 
A 1 36 TRP 36 132 132 TRP TRP A . n 
A 1 37 PRO 37 133 133 PRO PRO A . n 
A 1 38 GLU 38 134 134 GLU GLU A . n 
A 1 39 THR 39 135 135 THR THR A . n 
A 1 40 ALA 40 136 136 ALA ALA A . n 
A 1 41 ASN 41 137 137 ASN ASN A . n 
A 1 42 THR 42 138 138 THR THR A . n 
A 1 43 TRP 43 139 139 TRP TRP A . n 
A 1 44 GLU 44 140 140 GLU GLU A . n 
A 1 45 PRO 45 141 141 PRO PRO A . n 
A 1 46 LEU 46 142 142 LEU LEU A . n 
A 1 47 GLU 47 143 143 GLU GLU A . n 
A 1 48 ASN 48 144 144 ASN ASN A . n 
A 1 49 LEU 49 145 145 LEU LEU A . n 
A 1 50 GLN 50 146 146 GLN GLN A . n 
A 1 51 SER 51 147 147 SER SER A . n 
A 1 52 ILE 52 148 148 ILE ILE A . n 
A 1 53 ALA 53 149 149 ALA ALA A . n 
A 1 54 ASP 54 150 150 ASP ASP A . n 
A 1 55 VAL 55 151 151 VAL VAL A . n 
A 1 56 ILE 56 152 152 ILE ILE A . n 
A 1 57 ASP 57 153 153 ASP ASP A . n 
A 1 58 ALA 58 154 154 ALA ALA A . n 
A 1 59 PHE 59 155 155 PHE PHE A . n 
A 1 60 GLU 60 156 156 GLU GLU A . n 
A 1 61 GLY 61 157 157 GLY GLY A . n 
A 1 62 SER 62 158 158 SER SER A . n 
A 1 63 LEU 63 159 ?   ?   ?   A . n 
A 1 64 LYS 64 160 ?   ?   ?   A . n 
A 1 65 PRO 65 161 ?   ?   ?   A . n 
A 1 66 GLY 66 162 ?   ?   ?   A . n 
B 1 1  GLY 1  97  ?   ?   ?   B . n 
B 1 2  SER 2  98  ?   ?   ?   B . n 
B 1 3  GLU 3  99  ?   ?   ?   B . n 
B 1 4  ARG 4  100 ?   ?   ?   B . n 
B 1 5  PRO 5  101 101 PRO PRO B . n 
B 1 6  LYS 6  102 102 LYS LYS B . n 
B 1 7  LEU 7  103 103 LEU LEU B . n 
B 1 8  ASP 8  104 104 ASP ASP B . n 
B 1 9  GLU 9  105 105 GLU GLU B . n 
B 1 10 GLY 10 106 106 GLY GLY B . n 
B 1 11 PHE 11 107 107 PHE PHE B . n 
B 1 12 TYR 12 108 108 TYR TYR B . n 
B 1 13 GLU 13 109 109 GLU GLU B . n 
B 1 14 ILE 14 110 110 ILE ILE B . n 
B 1 15 GLU 15 111 111 GLU GLU B . n 
B 1 16 ALA 16 112 112 ALA ALA B . n 
B 1 17 ILE 17 113 113 ILE ILE B . n 
B 1 18 ARG 18 114 114 ARG ARG B . n 
B 1 19 ARG 19 115 115 ARG ARG B . n 
B 1 20 LYS 20 116 116 LYS LYS B . n 
B 1 21 ARG 21 117 117 ARG ARG B . n 
B 1 22 VAL 22 118 118 VAL VAL B . n 
B 1 23 ARG 23 119 119 ARG ARG B . n 
B 1 24 LYS 24 120 120 LYS LYS B . n 
B 1 25 GLY 25 121 121 GLY GLY B . n 
B 1 26 LYS 26 122 122 LYS LYS B . n 
B 1 27 VAL 27 123 123 VAL VAL B . n 
B 1 28 GLN 28 124 124 GLN GLN B . n 
B 1 29 TYR 29 125 125 TYR TYR B . n 
B 1 30 LEU 30 126 126 LEU LEU B . n 
B 1 31 ILE 31 127 127 ILE ILE B . n 
B 1 32 LYS 32 128 128 LYS LYS B . n 
B 1 33 TRP 33 129 129 TRP TRP B . n 
B 1 34 ARG 34 130 130 ARG ARG B . n 
B 1 35 GLY 35 131 131 GLY GLY B . n 
B 1 36 TRP 36 132 132 TRP TRP B . n 
B 1 37 PRO 37 133 133 PRO PRO B . n 
B 1 38 GLU 38 134 134 GLU GLU B . n 
B 1 39 THR 39 135 135 THR THR B . n 
B 1 40 ALA 40 136 136 ALA ALA B . n 
B 1 41 ASN 41 137 137 ASN ASN B . n 
B 1 42 THR 42 138 138 THR THR B . n 
B 1 43 TRP 43 139 139 TRP TRP B . n 
B 1 44 GLU 44 140 140 GLU GLU B . n 
B 1 45 PRO 45 141 141 PRO PRO B . n 
B 1 46 LEU 46 142 142 LEU LEU B . n 
B 1 47 GLU 47 143 143 GLU GLU B . n 
B 1 48 ASN 48 144 144 ASN ASN B . n 
B 1 49 LEU 49 145 145 LEU LEU B . n 
B 1 50 GLN 50 146 146 GLN GLN B . n 
B 1 51 SER 51 147 147 SER SER B . n 
B 1 52 ILE 52 148 148 ILE ILE B . n 
B 1 53 ALA 53 149 149 ALA ALA B . n 
B 1 54 ASP 54 150 150 ASP ASP B . n 
B 1 55 VAL 55 151 151 VAL VAL B . n 
B 1 56 ILE 56 152 152 ILE ILE B . n 
B 1 57 ASP 57 153 153 ASP ASP B . n 
B 1 58 ALA 58 154 154 ALA ALA B . n 
B 1 59 PHE 59 155 155 PHE PHE B . n 
B 1 60 GLU 60 156 156 GLU GLU B . n 
B 1 61 GLY 61 157 157 GLY GLY B . n 
B 1 62 SER 62 158 158 SER SER B . n 
B 1 63 LEU 63 159 ?   ?   ?   B . n 
B 1 64 LYS 64 160 ?   ?   ?   B . n 
B 1 65 PRO 65 161 ?   ?   ?   B . n 
B 1 66 GLY 66 162 ?   ?   ?   B . n 
C 2 1  ALA 1  25  25  ALA ALA C . n 
C 2 2  ARG 2  26  26  ARG ARG C . n 
C 2 3  M3L 3  27  27  M3L M3L C . n 
C 2 4  SER 4  28  28  SER SER C . n 
C 2 5  ALA 5  29  29  ALA ALA C . n 
C 2 6  PRO 6  30  30  PRO PRO C . n 
C 2 7  THR 7  31  31  THR THR C . n 
C 2 8  THR 8  32  32  THR THR C . n 
D 2 1  ALA 1  25  25  ALA ALA D . n 
D 2 2  ARG 2  26  26  ARG ARG D . n 
D 2 3  M3L 3  27  27  M3L M3L D . n 
D 2 4  SER 4  28  28  SER SER D . n 
D 2 5  ALA 5  29  29  ALA ALA D . n 
D 2 6  PRO 6  30  30  PRO PRO D . n 
D 2 7  THR 7  31  31  THR THR D . n 
D 2 8  THR 8  32  32  THR THR D . n 
# 
_pdbx_entity_instance_feature.ordinal        1 
_pdbx_entity_instance_feature.comp_id        M3L 
_pdbx_entity_instance_feature.asym_id        ? 
_pdbx_entity_instance_feature.seq_num        ? 
_pdbx_entity_instance_feature.auth_comp_id   M3L 
_pdbx_entity_instance_feature.auth_asym_id   ? 
_pdbx_entity_instance_feature.auth_seq_num   ? 
_pdbx_entity_instance_feature.feature_type   'SUBJECT OF INVESTIGATION' 
_pdbx_entity_instance_feature.details        ? 
# 
loop_
_pdbx_nonpoly_scheme.asym_id 
_pdbx_nonpoly_scheme.entity_id 
_pdbx_nonpoly_scheme.mon_id 
_pdbx_nonpoly_scheme.ndb_seq_num 
_pdbx_nonpoly_scheme.pdb_seq_num 
_pdbx_nonpoly_scheme.auth_seq_num 
_pdbx_nonpoly_scheme.pdb_mon_id 
_pdbx_nonpoly_scheme.auth_mon_id 
_pdbx_nonpoly_scheme.pdb_strand_id 
_pdbx_nonpoly_scheme.pdb_ins_code 
E 3 HOH 1  201 108 HOH HOH A . 
E 3 HOH 2  202 141 HOH HOH A . 
E 3 HOH 3  203 131 HOH HOH A . 
E 3 HOH 4  204 121 HOH HOH A . 
E 3 HOH 5  205 75  HOH HOH A . 
E 3 HOH 6  206 84  HOH HOH A . 
E 3 HOH 7  207 164 HOH HOH A . 
E 3 HOH 8  208 78  HOH HOH A . 
E 3 HOH 9  209 8   HOH HOH A . 
E 3 HOH 10 210 35  HOH HOH A . 
E 3 HOH 11 211 90  HOH HOH A . 
E 3 HOH 12 212 107 HOH HOH A . 
E 3 HOH 13 213 36  HOH HOH A . 
E 3 HOH 14 214 81  HOH HOH A . 
E 3 HOH 15 215 110 HOH HOH A . 
E 3 HOH 16 216 10  HOH HOH A . 
E 3 HOH 17 217 156 HOH HOH A . 
E 3 HOH 18 218 65  HOH HOH A . 
E 3 HOH 19 219 159 HOH HOH A . 
E 3 HOH 20 220 83  HOH HOH A . 
E 3 HOH 21 221 4   HOH HOH A . 
E 3 HOH 22 222 9   HOH HOH A . 
E 3 HOH 23 223 177 HOH HOH A . 
E 3 HOH 24 224 12  HOH HOH A . 
E 3 HOH 25 225 45  HOH HOH A . 
E 3 HOH 26 226 87  HOH HOH A . 
E 3 HOH 27 227 64  HOH HOH A . 
E 3 HOH 28 228 102 HOH HOH A . 
E 3 HOH 29 229 7   HOH HOH A . 
E 3 HOH 30 230 21  HOH HOH A . 
E 3 HOH 31 231 18  HOH HOH A . 
E 3 HOH 32 232 100 HOH HOH A . 
E 3 HOH 33 233 57  HOH HOH A . 
E 3 HOH 34 234 154 HOH HOH A . 
E 3 HOH 35 235 145 HOH HOH A . 
E 3 HOH 36 236 148 HOH HOH A . 
E 3 HOH 37 237 68  HOH HOH A . 
E 3 HOH 38 238 22  HOH HOH A . 
E 3 HOH 39 239 40  HOH HOH A . 
E 3 HOH 40 240 29  HOH HOH A . 
E 3 HOH 41 241 70  HOH HOH A . 
E 3 HOH 42 242 58  HOH HOH A . 
E 3 HOH 43 243 14  HOH HOH A . 
E 3 HOH 44 244 149 HOH HOH A . 
E 3 HOH 45 245 98  HOH HOH A . 
E 3 HOH 46 246 42  HOH HOH A . 
E 3 HOH 47 247 99  HOH HOH A . 
E 3 HOH 48 248 158 HOH HOH A . 
E 3 HOH 49 249 19  HOH HOH A . 
E 3 HOH 50 250 160 HOH HOH A . 
E 3 HOH 51 251 80  HOH HOH A . 
E 3 HOH 52 252 28  HOH HOH A . 
E 3 HOH 53 253 120 HOH HOH A . 
E 3 HOH 54 254 116 HOH HOH A . 
E 3 HOH 55 255 79  HOH HOH A . 
E 3 HOH 56 256 166 HOH HOH A . 
E 3 HOH 57 257 167 HOH HOH A . 
E 3 HOH 58 258 26  HOH HOH A . 
E 3 HOH 59 259 20  HOH HOH A . 
E 3 HOH 60 260 142 HOH HOH A . 
E 3 HOH 61 261 140 HOH HOH A . 
E 3 HOH 62 262 150 HOH HOH A . 
E 3 HOH 63 263 136 HOH HOH A . 
E 3 HOH 64 264 176 HOH HOH A . 
E 3 HOH 65 265 86  HOH HOH A . 
E 3 HOH 66 266 56  HOH HOH A . 
E 3 HOH 67 267 134 HOH HOH A . 
E 3 HOH 68 268 115 HOH HOH A . 
E 3 HOH 69 269 11  HOH HOH A . 
E 3 HOH 70 270 168 HOH HOH A . 
E 3 HOH 71 271 175 HOH HOH A . 
E 3 HOH 72 272 3   HOH HOH A . 
E 3 HOH 73 273 67  HOH HOH A . 
E 3 HOH 74 274 128 HOH HOH A . 
E 3 HOH 75 275 2   HOH HOH A . 
F 3 HOH 1  201 69  HOH HOH B . 
F 3 HOH 2  202 157 HOH HOH B . 
F 3 HOH 3  203 34  HOH HOH B . 
F 3 HOH 4  204 132 HOH HOH B . 
F 3 HOH 5  205 31  HOH HOH B . 
F 3 HOH 6  206 144 HOH HOH B . 
F 3 HOH 7  207 48  HOH HOH B . 
F 3 HOH 8  208 133 HOH HOH B . 
F 3 HOH 9  209 89  HOH HOH B . 
F 3 HOH 10 210 76  HOH HOH B . 
F 3 HOH 11 211 74  HOH HOH B . 
F 3 HOH 12 212 123 HOH HOH B . 
F 3 HOH 13 213 15  HOH HOH B . 
F 3 HOH 14 214 85  HOH HOH B . 
F 3 HOH 15 215 126 HOH HOH B . 
F 3 HOH 16 216 55  HOH HOH B . 
F 3 HOH 17 217 24  HOH HOH B . 
F 3 HOH 18 218 51  HOH HOH B . 
F 3 HOH 19 219 104 HOH HOH B . 
F 3 HOH 20 220 105 HOH HOH B . 
F 3 HOH 21 221 27  HOH HOH B . 
F 3 HOH 22 222 94  HOH HOH B . 
F 3 HOH 23 223 109 HOH HOH B . 
F 3 HOH 24 224 52  HOH HOH B . 
F 3 HOH 25 225 73  HOH HOH B . 
F 3 HOH 26 226 93  HOH HOH B . 
F 3 HOH 27 227 30  HOH HOH B . 
F 3 HOH 28 228 61  HOH HOH B . 
F 3 HOH 29 229 103 HOH HOH B . 
F 3 HOH 30 230 71  HOH HOH B . 
F 3 HOH 31 231 82  HOH HOH B . 
F 3 HOH 32 232 17  HOH HOH B . 
F 3 HOH 33 233 59  HOH HOH B . 
F 3 HOH 34 234 91  HOH HOH B . 
F 3 HOH 35 235 39  HOH HOH B . 
F 3 HOH 36 236 54  HOH HOH B . 
F 3 HOH 37 237 49  HOH HOH B . 
F 3 HOH 38 238 137 HOH HOH B . 
F 3 HOH 39 239 172 HOH HOH B . 
F 3 HOH 40 240 151 HOH HOH B . 
F 3 HOH 41 241 152 HOH HOH B . 
F 3 HOH 42 242 135 HOH HOH B . 
F 3 HOH 43 243 124 HOH HOH B . 
F 3 HOH 44 244 63  HOH HOH B . 
F 3 HOH 45 245 143 HOH HOH B . 
F 3 HOH 46 246 165 HOH HOH B . 
F 3 HOH 47 247 111 HOH HOH B . 
F 3 HOH 48 248 25  HOH HOH B . 
F 3 HOH 49 249 66  HOH HOH B . 
F 3 HOH 50 250 118 HOH HOH B . 
F 3 HOH 51 251 147 HOH HOH B . 
F 3 HOH 52 252 112 HOH HOH B . 
F 3 HOH 53 253 6   HOH HOH B . 
F 3 HOH 54 254 106 HOH HOH B . 
F 3 HOH 55 255 113 HOH HOH B . 
F 3 HOH 56 256 127 HOH HOH B . 
F 3 HOH 57 257 101 HOH HOH B . 
F 3 HOH 58 258 1   HOH HOH B . 
F 3 HOH 59 259 138 HOH HOH B . 
F 3 HOH 60 260 88  HOH HOH B . 
F 3 HOH 61 261 169 HOH HOH B . 
F 3 HOH 62 262 96  HOH HOH B . 
F 3 HOH 63 263 163 HOH HOH B . 
F 3 HOH 64 264 60  HOH HOH B . 
F 3 HOH 65 265 139 HOH HOH B . 
F 3 HOH 66 266 153 HOH HOH B . 
F 3 HOH 67 267 38  HOH HOH B . 
F 3 HOH 68 268 92  HOH HOH B . 
F 3 HOH 69 269 170 HOH HOH B . 
F 3 HOH 70 270 161 HOH HOH B . 
F 3 HOH 71 271 5   HOH HOH B . 
F 3 HOH 72 272 119 HOH HOH B . 
F 3 HOH 73 273 114 HOH HOH B . 
F 3 HOH 74 274 171 HOH HOH B . 
F 3 HOH 75 275 130 HOH HOH B . 
F 3 HOH 76 276 23  HOH HOH B . 
G 3 HOH 1  101 117 HOH HOH C . 
G 3 HOH 2  102 16  HOH HOH C . 
G 3 HOH 3  103 33  HOH HOH C . 
G 3 HOH 4  104 53  HOH HOH C . 
G 3 HOH 5  105 44  HOH HOH C . 
G 3 HOH 6  106 47  HOH HOH C . 
G 3 HOH 7  107 50  HOH HOH C . 
G 3 HOH 8  108 174 HOH HOH C . 
G 3 HOH 9  109 95  HOH HOH C . 
G 3 HOH 10 110 72  HOH HOH C . 
G 3 HOH 11 111 125 HOH HOH C . 
G 3 HOH 12 112 173 HOH HOH C . 
G 3 HOH 13 113 162 HOH HOH C . 
G 3 HOH 14 114 37  HOH HOH C . 
G 3 HOH 15 115 155 HOH HOH C . 
G 3 HOH 16 116 129 HOH HOH C . 
H 3 HOH 1  101 41  HOH HOH D . 
H 3 HOH 2  102 13  HOH HOH D . 
H 3 HOH 3  103 62  HOH HOH D . 
H 3 HOH 4  104 32  HOH HOH D . 
H 3 HOH 5  105 122 HOH HOH D . 
H 3 HOH 6  106 77  HOH HOH D . 
H 3 HOH 7  107 43  HOH HOH D . 
H 3 HOH 8  108 46  HOH HOH D . 
H 3 HOH 9  109 146 HOH HOH D . 
H 3 HOH 10 110 97  HOH HOH D . 
# 
loop_
_software.citation_id 
_software.classification 
_software.compiler_name 
_software.compiler_version 
_software.contact_author 
_software.contact_author_email 
_software.date 
_software.description 
_software.dependencies 
_software.hardware 
_software.language 
_software.location 
_software.mods 
_software.name 
_software.os 
_software.os_version 
_software.type 
_software.version 
_software.pdbx_ordinal 
? refinement       ? ? ? ? ? ? ? ? ? ? ? PHENIX   ? ? ? 1.20.1_4487 1 
? 'data reduction' ? ? ? ? ? ? ? ? ? ? ? HKL-2000 ? ? ? .           2 
? 'data scaling'   ? ? ? ? ? ? ? ? ? ? ? HKL-2000 ? ? ? .           3 
? phasing          ? ? ? ? ? ? ? ? ? ? ? PHASER   ? ? ? .           4 
# 
_cell.angle_alpha                  90.000 
_cell.angle_alpha_esd              ? 
_cell.angle_beta                   90.000 
_cell.angle_beta_esd               ? 
_cell.angle_gamma                  90.000 
_cell.angle_gamma_esd              ? 
_cell.entry_id                     8XAG 
_cell.details                      ? 
_cell.formula_units_Z              ? 
_cell.length_a                     65.370 
_cell.length_a_esd                 ? 
_cell.length_b                     90.623 
_cell.length_b_esd                 ? 
_cell.length_c                     63.574 
_cell.length_c_esd                 ? 
_cell.volume                       376613.998 
_cell.volume_esd                   ? 
_cell.Z_PDB                        16 
_cell.reciprocal_angle_alpha       ? 
_cell.reciprocal_angle_beta        ? 
_cell.reciprocal_angle_gamma       ? 
_cell.reciprocal_angle_alpha_esd   ? 
_cell.reciprocal_angle_beta_esd    ? 
_cell.reciprocal_angle_gamma_esd   ? 
_cell.reciprocal_length_a          ? 
_cell.reciprocal_length_b          ? 
_cell.reciprocal_length_c          ? 
_cell.reciprocal_length_a_esd      ? 
_cell.reciprocal_length_b_esd      ? 
_cell.reciprocal_length_c_esd      ? 
_cell.pdbx_unique_axis             ? 
_cell.pdbx_esd_method              ? 
# 
_symmetry.entry_id                         8XAG 
_symmetry.cell_setting                     ? 
_symmetry.Int_Tables_number                21 
_symmetry.space_group_name_Hall            'C 2 2' 
_symmetry.space_group_name_H-M             'C 2 2 2' 
_symmetry.pdbx_full_space_group_name_H-M   ? 
# 
_exptl.absorpt_coefficient_mu     ? 
_exptl.absorpt_correction_T_max   ? 
_exptl.absorpt_correction_T_min   ? 
_exptl.absorpt_correction_type    ? 
_exptl.absorpt_process_details    ? 
_exptl.entry_id                   8XAG 
_exptl.crystals_number            1 
_exptl.details                    ? 
_exptl.method                     'X-RAY DIFFRACTION' 
_exptl.method_details             ? 
# 
_exptl_crystal.colour                       ? 
_exptl_crystal.density_diffrn               ? 
_exptl_crystal.density_Matthews             2.75 
_exptl_crystal.density_method               ? 
_exptl_crystal.density_percent_sol          55.27 
_exptl_crystal.description                  ? 
_exptl_crystal.F_000                        ? 
_exptl_crystal.id                           1 
_exptl_crystal.preparation                  ? 
_exptl_crystal.size_max                     ? 
_exptl_crystal.size_mid                     ? 
_exptl_crystal.size_min                     ? 
_exptl_crystal.size_rad                     ? 
_exptl_crystal.colour_lustre                ? 
_exptl_crystal.colour_modifier              ? 
_exptl_crystal.colour_primary               ? 
_exptl_crystal.density_meas                 ? 
_exptl_crystal.density_meas_esd             ? 
_exptl_crystal.density_meas_gt              ? 
_exptl_crystal.density_meas_lt              ? 
_exptl_crystal.density_meas_temp            ? 
_exptl_crystal.density_meas_temp_esd        ? 
_exptl_crystal.density_meas_temp_gt         ? 
_exptl_crystal.density_meas_temp_lt         ? 
_exptl_crystal.pdbx_crystal_image_url       ? 
_exptl_crystal.pdbx_crystal_image_format    ? 
_exptl_crystal.pdbx_mosaicity               ? 
_exptl_crystal.pdbx_mosaicity_esd           ? 
_exptl_crystal.pdbx_mosaic_method           ? 
_exptl_crystal.pdbx_mosaic_block_size       ? 
_exptl_crystal.pdbx_mosaic_block_size_esd   ? 
# 
_exptl_crystal_grow.apparatus       ? 
_exptl_crystal_grow.atmosphere      ? 
_exptl_crystal_grow.crystal_id      1 
_exptl_crystal_grow.details         ? 
_exptl_crystal_grow.method          'VAPOR DIFFUSION, HANGING DROP' 
_exptl_crystal_grow.method_ref      ? 
_exptl_crystal_grow.pH              ? 
_exptl_crystal_grow.pressure        ? 
_exptl_crystal_grow.pressure_esd    ? 
_exptl_crystal_grow.seeding         ? 
_exptl_crystal_grow.seeding_ref     ? 
_exptl_crystal_grow.temp_details    ? 
_exptl_crystal_grow.temp_esd        ? 
_exptl_crystal_grow.time            ? 
_exptl_crystal_grow.pdbx_details    '0.1M Sodium citrate pH 5.6, 20% PEG 4000, 16% 2-propanol' 
_exptl_crystal_grow.pdbx_pH_range   ? 
_exptl_crystal_grow.temp            290 
# 
_diffrn.ambient_environment              ? 
_diffrn.ambient_temp                     100 
_diffrn.ambient_temp_details             ? 
_diffrn.ambient_temp_esd                 ? 
_diffrn.crystal_id                       1 
_diffrn.crystal_support                  ? 
_diffrn.crystal_treatment                ? 
_diffrn.details                          ? 
_diffrn.id                               1 
_diffrn.ambient_pressure                 ? 
_diffrn.ambient_pressure_esd             ? 
_diffrn.ambient_pressure_gt              ? 
_diffrn.ambient_pressure_lt              ? 
_diffrn.ambient_temp_gt                  ? 
_diffrn.ambient_temp_lt                  ? 
_diffrn.pdbx_serial_crystal_experiment   N 
# 
_diffrn_detector.details                      ? 
_diffrn_detector.detector                     CCD 
_diffrn_detector.diffrn_id                    1 
_diffrn_detector.type                         'ADSC QUANTUM 315' 
_diffrn_detector.area_resol_mean              ? 
_diffrn_detector.dtime                        ? 
_diffrn_detector.pdbx_frames_total            ? 
_diffrn_detector.pdbx_collection_time_total   ? 
_diffrn_detector.pdbx_collection_date         2015-01-20 
_diffrn_detector.pdbx_frequency               ? 
_diffrn_detector.id                           ? 
_diffrn_detector.number_of_axes               ? 
# 
_diffrn_radiation.collimation                      ? 
_diffrn_radiation.diffrn_id                        1 
_diffrn_radiation.filter_edge                      ? 
_diffrn_radiation.inhomogeneity                    ? 
_diffrn_radiation.monochromator                    ? 
_diffrn_radiation.polarisn_norm                    ? 
_diffrn_radiation.polarisn_ratio                   ? 
_diffrn_radiation.probe                            ? 
_diffrn_radiation.type                             ? 
_diffrn_radiation.xray_symbol                      ? 
_diffrn_radiation.wavelength_id                    1 
_diffrn_radiation.pdbx_monochromatic_or_laue_m_l   M 
_diffrn_radiation.pdbx_wavelength_list             ? 
_diffrn_radiation.pdbx_wavelength                  ? 
_diffrn_radiation.pdbx_diffrn_protocol             'SINGLE WAVELENGTH' 
_diffrn_radiation.pdbx_analyzer                    ? 
_diffrn_radiation.pdbx_scattering_type             x-ray 
# 
_diffrn_radiation_wavelength.id           1 
_diffrn_radiation_wavelength.wavelength   0.9793 
_diffrn_radiation_wavelength.wt           1.0 
# 
_diffrn_source.current                     ? 
_diffrn_source.details                     ? 
_diffrn_source.diffrn_id                   1 
_diffrn_source.power                       ? 
_diffrn_source.size                        ? 
_diffrn_source.source                      SYNCHROTRON 
_diffrn_source.target                      ? 
_diffrn_source.type                        'SSRF BEAMLINE BL18U1' 
_diffrn_source.voltage                     ? 
_diffrn_source.take-off_angle              ? 
_diffrn_source.pdbx_wavelength_list        0.9793 
_diffrn_source.pdbx_wavelength             ? 
_diffrn_source.pdbx_synchrotron_beamline   BL18U1 
_diffrn_source.pdbx_synchrotron_site       SSRF 
# 
_reflns.B_iso_Wilson_estimate                          22.70 
_reflns.entry_id                                       8XAG 
_reflns.data_reduction_details                         ? 
_reflns.data_reduction_method                          ? 
_reflns.d_resolution_high                              1.75 
_reflns.d_resolution_low                               30 
_reflns.details                                        ? 
_reflns.limit_h_max                                    ? 
_reflns.limit_h_min                                    ? 
_reflns.limit_k_max                                    ? 
_reflns.limit_k_min                                    ? 
_reflns.limit_l_max                                    ? 
_reflns.limit_l_min                                    ? 
_reflns.number_all                                     ? 
_reflns.number_obs                                     18308 
_reflns.observed_criterion                             ? 
_reflns.observed_criterion_F_max                       ? 
_reflns.observed_criterion_F_min                       ? 
_reflns.observed_criterion_I_max                       ? 
_reflns.observed_criterion_I_min                       ? 
_reflns.observed_criterion_sigma_F                     ? 
_reflns.observed_criterion_sigma_I                     ? 
_reflns.percent_possible_obs                           94.8 
_reflns.R_free_details                                 ? 
_reflns.Rmerge_F_all                                   ? 
_reflns.Rmerge_F_obs                                   ? 
_reflns.Friedel_coverage                               ? 
_reflns.number_gt                                      ? 
_reflns.threshold_expression                           ? 
_reflns.pdbx_redundancy                                7.2 
_reflns.pdbx_netI_over_av_sigmaI                       ? 
_reflns.pdbx_netI_over_sigmaI                          30.4 
_reflns.pdbx_res_netI_over_av_sigmaI_2                 ? 
_reflns.pdbx_res_netI_over_sigmaI_2                    ? 
_reflns.pdbx_chi_squared                               ? 
_reflns.pdbx_scaling_rejects                           ? 
_reflns.pdbx_d_res_high_opt                            ? 
_reflns.pdbx_d_res_low_opt                             ? 
_reflns.pdbx_d_res_opt_method                          ? 
_reflns.phase_calculation_details                      ? 
_reflns.pdbx_Rrim_I_all                                ? 
_reflns.pdbx_Rpim_I_all                                ? 
_reflns.pdbx_d_opt                                     ? 
_reflns.pdbx_number_measured_all                       ? 
_reflns.pdbx_diffrn_id                                 1 
_reflns.pdbx_ordinal                                   1 
_reflns.pdbx_CC_half                                   ? 
_reflns.pdbx_CC_star                                   ? 
_reflns.pdbx_R_split                                   ? 
_reflns.pdbx_Rmerge_I_obs                              0.093 
_reflns.pdbx_Rmerge_I_all                              ? 
_reflns.pdbx_Rsym_value                                ? 
_reflns.pdbx_CC_split_method                           ? 
_reflns.pdbx_aniso_diffraction_limit_axis_1_ortho[1]   ? 
_reflns.pdbx_aniso_diffraction_limit_axis_1_ortho[2]   ? 
_reflns.pdbx_aniso_diffraction_limit_axis_1_ortho[3]   ? 
_reflns.pdbx_aniso_diffraction_limit_axis_2_ortho[1]   ? 
_reflns.pdbx_aniso_diffraction_limit_axis_2_ortho[2]   ? 
_reflns.pdbx_aniso_diffraction_limit_axis_2_ortho[3]   ? 
_reflns.pdbx_aniso_diffraction_limit_axis_3_ortho[1]   ? 
_reflns.pdbx_aniso_diffraction_limit_axis_3_ortho[2]   ? 
_reflns.pdbx_aniso_diffraction_limit_axis_3_ortho[3]   ? 
_reflns.pdbx_aniso_diffraction_limit_1                 ? 
_reflns.pdbx_aniso_diffraction_limit_2                 ? 
_reflns.pdbx_aniso_diffraction_limit_3                 ? 
_reflns.pdbx_aniso_B_tensor_eigenvector_1_ortho[1]     ? 
_reflns.pdbx_aniso_B_tensor_eigenvector_1_ortho[2]     ? 
_reflns.pdbx_aniso_B_tensor_eigenvector_1_ortho[3]     ? 
_reflns.pdbx_aniso_B_tensor_eigenvector_2_ortho[1]     ? 
_reflns.pdbx_aniso_B_tensor_eigenvector_2_ortho[2]     ? 
_reflns.pdbx_aniso_B_tensor_eigenvector_2_ortho[3]     ? 
_reflns.pdbx_aniso_B_tensor_eigenvector_3_ortho[1]     ? 
_reflns.pdbx_aniso_B_tensor_eigenvector_3_ortho[2]     ? 
_reflns.pdbx_aniso_B_tensor_eigenvector_3_ortho[3]     ? 
_reflns.pdbx_aniso_B_tensor_eigenvalue_1               ? 
_reflns.pdbx_aniso_B_tensor_eigenvalue_2               ? 
_reflns.pdbx_aniso_B_tensor_eigenvalue_3               ? 
_reflns.pdbx_orthogonalization_convention              ? 
_reflns.pdbx_percent_possible_ellipsoidal              ? 
_reflns.pdbx_percent_possible_spherical                ? 
_reflns.pdbx_percent_possible_ellipsoidal_anomalous    ? 
_reflns.pdbx_percent_possible_spherical_anomalous      ? 
_reflns.pdbx_redundancy_anomalous                      ? 
_reflns.pdbx_CC_half_anomalous                         ? 
_reflns.pdbx_absDiff_over_sigma_anomalous              ? 
_reflns.pdbx_percent_possible_anomalous                ? 
_reflns.pdbx_observed_signal_threshold                 ? 
_reflns.pdbx_signal_type                               ? 
_reflns.pdbx_signal_details                            ? 
_reflns.pdbx_signal_software_id                        ? 
# 
_reflns_shell.d_res_high                                    1.75 
_reflns_shell.d_res_low                                     1.81 
_reflns_shell.meanI_over_sigI_all                           ? 
_reflns_shell.meanI_over_sigI_obs                           ? 
_reflns_shell.number_measured_all                           ? 
_reflns_shell.number_measured_obs                           ? 
_reflns_shell.number_possible                               ? 
_reflns_shell.number_unique_all                             ? 
_reflns_shell.number_unique_obs                             1707 
_reflns_shell.percent_possible_obs                          ? 
_reflns_shell.Rmerge_F_all                                  ? 
_reflns_shell.Rmerge_F_obs                                  ? 
_reflns_shell.meanI_over_sigI_gt                            ? 
_reflns_shell.meanI_over_uI_all                             ? 
_reflns_shell.meanI_over_uI_gt                              ? 
_reflns_shell.number_measured_gt                            ? 
_reflns_shell.number_unique_gt                              ? 
_reflns_shell.percent_possible_gt                           ? 
_reflns_shell.Rmerge_F_gt                                   ? 
_reflns_shell.Rmerge_I_gt                                   ? 
_reflns_shell.pdbx_redundancy                               ? 
_reflns_shell.pdbx_chi_squared                              ? 
_reflns_shell.pdbx_netI_over_sigmaI_all                     ? 
_reflns_shell.pdbx_netI_over_sigmaI_obs                     ? 
_reflns_shell.pdbx_Rrim_I_all                               ? 
_reflns_shell.pdbx_Rpim_I_all                               ? 
_reflns_shell.pdbx_rejects                                  ? 
_reflns_shell.pdbx_ordinal                                  1 
_reflns_shell.pdbx_diffrn_id                                1 
_reflns_shell.pdbx_CC_half                                  ? 
_reflns_shell.pdbx_CC_star                                  ? 
_reflns_shell.pdbx_R_split                                  ? 
_reflns_shell.percent_possible_all                          ? 
_reflns_shell.Rmerge_I_all                                  ? 
_reflns_shell.Rmerge_I_obs                                  0.483 
_reflns_shell.pdbx_Rsym_value                               ? 
_reflns_shell.pdbx_percent_possible_ellipsoidal             ? 
_reflns_shell.pdbx_percent_possible_spherical               ? 
_reflns_shell.pdbx_percent_possible_ellipsoidal_anomalous   ? 
_reflns_shell.pdbx_percent_possible_spherical_anomalous     ? 
_reflns_shell.pdbx_redundancy_anomalous                     ? 
_reflns_shell.pdbx_CC_half_anomalous                        ? 
_reflns_shell.pdbx_absDiff_over_sigma_anomalous             ? 
_reflns_shell.pdbx_percent_possible_anomalous               ? 
# 
_refine.aniso_B[1][1]                            ? 
_refine.aniso_B[1][2]                            ? 
_refine.aniso_B[1][3]                            ? 
_refine.aniso_B[2][2]                            ? 
_refine.aniso_B[2][3]                            ? 
_refine.aniso_B[3][3]                            ? 
_refine.B_iso_max                                ? 
_refine.B_iso_mean                               32.84 
_refine.B_iso_min                                ? 
_refine.correlation_coeff_Fo_to_Fc               ? 
_refine.correlation_coeff_Fo_to_Fc_free          ? 
_refine.details                                  ? 
_refine.diff_density_max                         ? 
_refine.diff_density_max_esd                     ? 
_refine.diff_density_min                         ? 
_refine.diff_density_min_esd                     ? 
_refine.diff_density_rms                         ? 
_refine.diff_density_rms_esd                     ? 
_refine.entry_id                                 8XAG 
_refine.pdbx_refine_id                           'X-RAY DIFFRACTION' 
_refine.ls_abs_structure_details                 ? 
_refine.ls_abs_structure_Flack                   ? 
_refine.ls_abs_structure_Flack_esd               ? 
_refine.ls_abs_structure_Rogers                  ? 
_refine.ls_abs_structure_Rogers_esd              ? 
_refine.ls_d_res_high                            1.75 
_refine.ls_d_res_low                             27.42 
_refine.ls_extinction_coef                       ? 
_refine.ls_extinction_coef_esd                   ? 
_refine.ls_extinction_expression                 ? 
_refine.ls_extinction_method                     ? 
_refine.ls_goodness_of_fit_all                   ? 
_refine.ls_goodness_of_fit_all_esd               ? 
_refine.ls_goodness_of_fit_obs                   ? 
_refine.ls_goodness_of_fit_obs_esd               ? 
_refine.ls_hydrogen_treatment                    ? 
_refine.ls_matrix_type                           ? 
_refine.ls_number_constraints                    ? 
_refine.ls_number_parameters                     ? 
_refine.ls_number_reflns_all                     ? 
_refine.ls_number_reflns_obs                     18272 
_refine.ls_number_reflns_R_free                  1827 
_refine.ls_number_reflns_R_work                  16445 
_refine.ls_number_restraints                     ? 
_refine.ls_percent_reflns_obs                    93.81 
_refine.ls_percent_reflns_R_free                 10.00 
_refine.ls_R_factor_all                          ? 
_refine.ls_R_factor_obs                          0.2297 
_refine.ls_R_factor_R_free                       0.2504 
_refine.ls_R_factor_R_free_error                 ? 
_refine.ls_R_factor_R_free_error_details         ? 
_refine.ls_R_factor_R_work                       0.2274 
_refine.ls_R_Fsqd_factor_obs                     ? 
_refine.ls_R_I_factor_obs                        ? 
_refine.ls_redundancy_reflns_all                 ? 
_refine.ls_redundancy_reflns_obs                 ? 
_refine.ls_restrained_S_all                      ? 
_refine.ls_restrained_S_obs                      ? 
_refine.ls_shift_over_esd_max                    ? 
_refine.ls_shift_over_esd_mean                   ? 
_refine.ls_structure_factor_coef                 ? 
_refine.ls_weighting_details                     ? 
_refine.ls_weighting_scheme                      ? 
_refine.ls_wR_factor_all                         ? 
_refine.ls_wR_factor_obs                         ? 
_refine.ls_wR_factor_R_free                      ? 
_refine.ls_wR_factor_R_work                      ? 
_refine.occupancy_max                            ? 
_refine.occupancy_min                            ? 
_refine.solvent_model_details                    'FLAT BULK SOLVENT MODEL' 
_refine.solvent_model_param_bsol                 ? 
_refine.solvent_model_param_ksol                 ? 
_refine.pdbx_R_complete                          ? 
_refine.ls_R_factor_gt                           ? 
_refine.ls_goodness_of_fit_gt                    ? 
_refine.ls_goodness_of_fit_ref                   ? 
_refine.ls_shift_over_su_max                     ? 
_refine.ls_shift_over_su_max_lt                  ? 
_refine.ls_shift_over_su_mean                    ? 
_refine.ls_shift_over_su_mean_lt                 ? 
_refine.pdbx_ls_sigma_I                          ? 
_refine.pdbx_ls_sigma_F                          1.38 
_refine.pdbx_ls_sigma_Fsqd                       ? 
_refine.pdbx_data_cutoff_high_absF               ? 
_refine.pdbx_data_cutoff_high_rms_absF           ? 
_refine.pdbx_data_cutoff_low_absF                ? 
_refine.pdbx_isotropic_thermal_model             ? 
_refine.pdbx_ls_cross_valid_method               'FREE R-VALUE' 
_refine.pdbx_method_to_determine_struct          'MOLECULAR REPLACEMENT' 
_refine.pdbx_starting_model                      ? 
_refine.pdbx_stereochemistry_target_values       'GeoStd + Monomer Library + CDL v1.2' 
_refine.pdbx_R_Free_selection_details            ? 
_refine.pdbx_stereochem_target_val_spec_case     ? 
_refine.pdbx_overall_ESU_R                       ? 
_refine.pdbx_overall_ESU_R_Free                  ? 
_refine.pdbx_solvent_vdw_probe_radii             1.1000 
_refine.pdbx_solvent_ion_probe_radii             ? 
_refine.pdbx_solvent_shrinkage_radii             0.9000 
_refine.pdbx_real_space_R                        ? 
_refine.pdbx_density_correlation                 ? 
_refine.pdbx_pd_number_of_powder_patterns        ? 
_refine.pdbx_pd_number_of_points                 ? 
_refine.pdbx_pd_meas_number_of_points            ? 
_refine.pdbx_pd_proc_ls_prof_R_factor            ? 
_refine.pdbx_pd_proc_ls_prof_wR_factor           ? 
_refine.pdbx_pd_Marquardt_correlation_coeff      ? 
_refine.pdbx_pd_Fsqrd_R_factor                   ? 
_refine.pdbx_pd_ls_matrix_band_width             ? 
_refine.pdbx_overall_phase_error                 30.5746 
_refine.pdbx_overall_SU_R_free_Cruickshank_DPI   ? 
_refine.pdbx_overall_SU_R_free_Blow_DPI          ? 
_refine.pdbx_overall_SU_R_Blow_DPI               ? 
_refine.pdbx_TLS_residual_ADP_flag               ? 
_refine.pdbx_diffrn_id                           1 
_refine.overall_SU_B                             ? 
_refine.overall_SU_ML                            0.2509 
_refine.overall_SU_R_Cruickshank_DPI             ? 
_refine.overall_SU_R_free                        ? 
_refine.overall_FOM_free_R_set                   ? 
_refine.overall_FOM_work_R_set                   ? 
_refine.pdbx_average_fsc_overall                 ? 
_refine.pdbx_average_fsc_work                    ? 
_refine.pdbx_average_fsc_free                    ? 
# 
_refine_hist.pdbx_refine_id                   'X-RAY DIFFRACTION' 
_refine_hist.cycle_id                         LAST 
_refine_hist.details                          ? 
_refine_hist.d_res_high                       1.75 
_refine_hist.d_res_low                        27.42 
_refine_hist.number_atoms_solvent             177 
_refine_hist.number_atoms_total               1269 
_refine_hist.number_reflns_all                ? 
_refine_hist.number_reflns_obs                ? 
_refine_hist.number_reflns_R_free             ? 
_refine_hist.number_reflns_R_work             ? 
_refine_hist.R_factor_all                     ? 
_refine_hist.R_factor_obs                     ? 
_refine_hist.R_factor_R_free                  ? 
_refine_hist.R_factor_R_work                  ? 
_refine_hist.pdbx_number_residues_total       ? 
_refine_hist.pdbx_B_iso_mean_ligand           ? 
_refine_hist.pdbx_B_iso_mean_solvent          ? 
_refine_hist.pdbx_number_atoms_protein        1092 
_refine_hist.pdbx_number_atoms_nucleic_acid   0 
_refine_hist.pdbx_number_atoms_ligand         0 
_refine_hist.pdbx_number_atoms_lipid          ? 
_refine_hist.pdbx_number_atoms_carb           ? 
_refine_hist.pdbx_pseudo_atom_details         ? 
# 
loop_
_refine_ls_restr.pdbx_refine_id 
_refine_ls_restr.criterion 
_refine_ls_restr.dev_ideal 
_refine_ls_restr.dev_ideal_target 
_refine_ls_restr.number 
_refine_ls_restr.rejects 
_refine_ls_restr.type 
_refine_ls_restr.weight 
_refine_ls_restr.pdbx_restraint_function 
'X-RAY DIFFRACTION' ? 0.0028 ? 1116 ? f_bond_d           ? ? 
'X-RAY DIFFRACTION' ? 0.6506 ? 1508 ? f_angle_d          ? ? 
'X-RAY DIFFRACTION' ? 0.0435 ? 156  ? f_chiral_restr     ? ? 
'X-RAY DIFFRACTION' ? 0.0031 ? 190  ? f_plane_restr      ? ? 
'X-RAY DIFFRACTION' ? 6.4759 ? 154  ? f_dihedral_angle_d ? ? 
# 
loop_
_refine_ls_shell.pdbx_refine_id 
_refine_ls_shell.d_res_high 
_refine_ls_shell.d_res_low 
_refine_ls_shell.number_reflns_all 
_refine_ls_shell.number_reflns_obs 
_refine_ls_shell.number_reflns_R_free 
_refine_ls_shell.number_reflns_R_work 
_refine_ls_shell.percent_reflns_obs 
_refine_ls_shell.percent_reflns_R_free 
_refine_ls_shell.R_factor_all 
_refine_ls_shell.R_factor_obs 
_refine_ls_shell.R_factor_R_free_error 
_refine_ls_shell.R_factor_R_work 
_refine_ls_shell.redundancy_reflns_all 
_refine_ls_shell.redundancy_reflns_obs 
_refine_ls_shell.wR_factor_all 
_refine_ls_shell.wR_factor_obs 
_refine_ls_shell.wR_factor_R_free 
_refine_ls_shell.wR_factor_R_work 
_refine_ls_shell.pdbx_R_complete 
_refine_ls_shell.pdbx_total_number_of_bins_used 
_refine_ls_shell.pdbx_phase_error 
_refine_ls_shell.pdbx_fsc_work 
_refine_ls_shell.pdbx_fsc_free 
_refine_ls_shell.R_factor_R_free 
'X-RAY DIFFRACTION' 1.75 1.80  . . 116 1050 79.37 . . . . 0.3615 . . . . . . . . . . . 0.4048 
'X-RAY DIFFRACTION' 1.80 1.85  . . 138 1241 93.24 . . . . 0.3271 . . . . . . . . . . . 0.3537 
'X-RAY DIFFRACTION' 1.85 1.91  . . 142 1262 94.93 . . . . 0.3062 . . . . . . . . . . . 0.3487 
'X-RAY DIFFRACTION' 1.91 1.98  . . 140 1268 95.72 . . . . 0.2679 . . . . . . . . . . . 0.3165 
'X-RAY DIFFRACTION' 1.98 2.06  . . 141 1262 94.35 . . . . 0.2735 . . . . . . . . . . . 0.2681 
'X-RAY DIFFRACTION' 2.06 2.15  . . 138 1238 93.86 . . . . 0.2303 . . . . . . . . . . . 0.2865 
'X-RAY DIFFRACTION' 2.15 2.26  . . 142 1270 94.51 . . . . 0.2323 . . . . . . . . . . . 0.2664 
'X-RAY DIFFRACTION' 2.26 2.40  . . 138 1245 93.32 . . . . 0.2331 . . . . . . . . . . . 0.2745 
'X-RAY DIFFRACTION' 2.40 2.59  . . 138 1254 93.42 . . . . 0.2441 . . . . . . . . . . . 0.3041 
'X-RAY DIFFRACTION' 2.59 2.85  . . 142 1278 93.73 . . . . 0.2372 . . . . . . . . . . . 0.3072 
'X-RAY DIFFRACTION' 2.85 3.26  . . 144 1296 94.86 . . . . 0.2278 . . . . . . . . . . . 0.2252 
'X-RAY DIFFRACTION' 3.26 4.10  . . 148 1338 98.09 . . . . 0.1962 . . . . . . . . . . . 0.1955 
'X-RAY DIFFRACTION' 4.11 27.42 . . 160 1443 99.69 . . . . 0.1948 . . . . . . . . . . . 0.2095 
# 
_struct.entry_id                     8XAG 
_struct.title                        
'Crystal structure of the chromodomain of Arabidopsis LHP1 in complex with histone H3.3K27me3 peptide' 
_struct.pdbx_model_details           ? 
_struct.pdbx_formula_weight          ? 
_struct.pdbx_formula_weight_method   ? 
_struct.pdbx_model_type_details      ? 
_struct.pdbx_CASP_flag               N 
# 
_struct_keywords.entry_id        8XAG 
_struct_keywords.text            'LHP1, H3.3K27me3, GENE REGULATION' 
_struct_keywords.pdbx_keywords   'GENE REGULATION' 
# 
loop_
_struct_asym.id 
_struct_asym.pdbx_blank_PDB_chainid_flag 
_struct_asym.pdbx_modified 
_struct_asym.entity_id 
_struct_asym.details 
A N N 1 ? 
B N N 1 ? 
C N N 2 ? 
D N N 2 ? 
E N N 3 ? 
F N N 3 ? 
G N N 3 ? 
H N N 3 ? 
# 
loop_
_struct_ref.id 
_struct_ref.db_name 
_struct_ref.db_code 
_struct_ref.pdbx_db_accession 
_struct_ref.pdbx_db_isoform 
_struct_ref.entity_id 
_struct_ref.pdbx_seq_one_letter_code 
_struct_ref.pdbx_align_begin 
1 UNP LHP1_ARATH Q946J8 ? 1 ERPKLDEGFYEIEAIRRKRVRKGKVQYLIKWRGWPETANTWEPLENLQSIADVIDAFEGSLKPG 99 
2 UNP H33_ARATH  P59169 ? 2 ARKSAPTT                                                         26 
# 
loop_
_struct_ref_seq.align_id 
_struct_ref_seq.ref_id 
_struct_ref_seq.pdbx_PDB_id_code 
_struct_ref_seq.pdbx_strand_id 
_struct_ref_seq.seq_align_beg 
_struct_ref_seq.pdbx_seq_align_beg_ins_code 
_struct_ref_seq.seq_align_end 
_struct_ref_seq.pdbx_seq_align_end_ins_code 
_struct_ref_seq.pdbx_db_accession 
_struct_ref_seq.db_align_beg 
_struct_ref_seq.pdbx_db_align_beg_ins_code 
_struct_ref_seq.db_align_end 
_struct_ref_seq.pdbx_db_align_end_ins_code 
_struct_ref_seq.pdbx_auth_seq_align_beg 
_struct_ref_seq.pdbx_auth_seq_align_end 
1 1 8XAG A 3 ? 66 ? Q946J8 99 ? 162 ? 99 162 
2 1 8XAG B 3 ? 66 ? Q946J8 99 ? 162 ? 99 162 
3 2 8XAG C 1 ? 8  ? P59169 26 ? 33  ? 25 32  
4 2 8XAG D 1 ? 8  ? P59169 26 ? 33  ? 25 32  
# 
loop_
_struct_ref_seq_dif.align_id 
_struct_ref_seq_dif.pdbx_pdb_id_code 
_struct_ref_seq_dif.mon_id 
_struct_ref_seq_dif.pdbx_pdb_strand_id 
_struct_ref_seq_dif.seq_num 
_struct_ref_seq_dif.pdbx_pdb_ins_code 
_struct_ref_seq_dif.pdbx_seq_db_name 
_struct_ref_seq_dif.pdbx_seq_db_accession_code 
_struct_ref_seq_dif.db_mon_id 
_struct_ref_seq_dif.pdbx_seq_db_seq_num 
_struct_ref_seq_dif.details 
_struct_ref_seq_dif.pdbx_auth_seq_num 
_struct_ref_seq_dif.pdbx_ordinal 
1 8XAG GLY A 1 ? UNP Q946J8 ? ? 'expression tag' 97 1 
1 8XAG SER A 2 ? UNP Q946J8 ? ? 'expression tag' 98 2 
2 8XAG GLY B 1 ? UNP Q946J8 ? ? 'expression tag' 97 3 
2 8XAG SER B 2 ? UNP Q946J8 ? ? 'expression tag' 98 4 
# 
loop_
_pdbx_struct_assembly.id 
_pdbx_struct_assembly.details 
_pdbx_struct_assembly.method_details 
_pdbx_struct_assembly.oligomeric_details 
_pdbx_struct_assembly.oligomeric_count 
1 author_and_software_defined_assembly PISA dimeric 2 
2 author_and_software_defined_assembly PISA dimeric 2 
# 
loop_
_pdbx_struct_assembly_prop.biol_id 
_pdbx_struct_assembly_prop.type 
_pdbx_struct_assembly_prop.value 
_pdbx_struct_assembly_prop.details 
1 'ABSA (A^2)' 1120 ? 
1 MORE         -6   ? 
1 'SSA (A^2)'  5340 ? 
2 'ABSA (A^2)' 1110 ? 
2 MORE         -6   ? 
2 'SSA (A^2)'  5360 ? 
# 
loop_
_pdbx_struct_assembly_gen.assembly_id 
_pdbx_struct_assembly_gen.oper_expression 
_pdbx_struct_assembly_gen.asym_id_list 
1 1 A,C,E,G 
2 1 B,D,F,H 
# 
_pdbx_struct_assembly_auth_evidence.id                     1 
_pdbx_struct_assembly_auth_evidence.assembly_id            1 
_pdbx_struct_assembly_auth_evidence.experimental_support   'isothermal titration calorimetry' 
_pdbx_struct_assembly_auth_evidence.details                ? 
# 
_pdbx_struct_oper_list.id                   1 
_pdbx_struct_oper_list.type                 'identity operation' 
_pdbx_struct_oper_list.name                 1_555 
_pdbx_struct_oper_list.symmetry_operation   x,y,z 
_pdbx_struct_oper_list.matrix[1][1]         1.0000000000 
_pdbx_struct_oper_list.matrix[1][2]         0.0000000000 
_pdbx_struct_oper_list.matrix[1][3]         0.0000000000 
_pdbx_struct_oper_list.vector[1]            0.0000000000 
_pdbx_struct_oper_list.matrix[2][1]         0.0000000000 
_pdbx_struct_oper_list.matrix[2][2]         1.0000000000 
_pdbx_struct_oper_list.matrix[2][3]         0.0000000000 
_pdbx_struct_oper_list.vector[2]            0.0000000000 
_pdbx_struct_oper_list.matrix[3][1]         0.0000000000 
_pdbx_struct_oper_list.matrix[3][2]         0.0000000000 
_pdbx_struct_oper_list.matrix[3][3]         1.0000000000 
_pdbx_struct_oper_list.vector[3]            0.0000000000 
# 
loop_
_struct_conf.conf_type_id 
_struct_conf.id 
_struct_conf.pdbx_PDB_helix_id 
_struct_conf.beg_label_comp_id 
_struct_conf.beg_label_asym_id 
_struct_conf.beg_label_seq_id 
_struct_conf.pdbx_beg_PDB_ins_code 
_struct_conf.end_label_comp_id 
_struct_conf.end_label_asym_id 
_struct_conf.end_label_seq_id 
_struct_conf.pdbx_end_PDB_ins_code 
_struct_conf.beg_auth_comp_id 
_struct_conf.beg_auth_asym_id 
_struct_conf.beg_auth_seq_id 
_struct_conf.end_auth_comp_id 
_struct_conf.end_auth_asym_id 
_struct_conf.end_auth_seq_id 
_struct_conf.pdbx_PDB_helix_class 
_struct_conf.details 
_struct_conf.pdbx_PDB_helix_length 
HELX_P HELX_P1 AA1 PRO A 37 ? ASN A 41 ? PRO A 133 ASN A 137 5 ? 5  
HELX_P HELX_P2 AA2 LEU A 46 ? GLN A 50 ? LEU A 142 GLN A 146 1 ? 5  
HELX_P HELX_P3 AA3 SER A 51 ? SER A 62 ? SER A 147 SER A 158 1 ? 12 
HELX_P HELX_P4 AA4 PRO B 37 ? ASN B 41 ? PRO B 133 ASN B 137 5 ? 5  
HELX_P HELX_P5 AA5 LEU B 46 ? GLN B 50 ? LEU B 142 GLN B 146 1 ? 5  
HELX_P HELX_P6 AA6 SER B 51 ? GLY B 61 ? SER B 147 GLY B 157 1 ? 11 
# 
_struct_conf_type.id          HELX_P 
_struct_conf_type.criteria    ? 
_struct_conf_type.reference   ? 
# 
loop_
_struct_conn.id 
_struct_conn.conn_type_id 
_struct_conn.pdbx_leaving_atom_flag 
_struct_conn.pdbx_PDB_id 
_struct_conn.ptnr1_label_asym_id 
_struct_conn.ptnr1_label_comp_id 
_struct_conn.ptnr1_label_seq_id 
_struct_conn.ptnr1_label_atom_id 
_struct_conn.pdbx_ptnr1_label_alt_id 
_struct_conn.pdbx_ptnr1_PDB_ins_code 
_struct_conn.pdbx_ptnr1_standard_comp_id 
_struct_conn.ptnr1_symmetry 
_struct_conn.ptnr2_label_asym_id 
_struct_conn.ptnr2_label_comp_id 
_struct_conn.ptnr2_label_seq_id 
_struct_conn.ptnr2_label_atom_id 
_struct_conn.pdbx_ptnr2_label_alt_id 
_struct_conn.pdbx_ptnr2_PDB_ins_code 
_struct_conn.ptnr1_auth_asym_id 
_struct_conn.ptnr1_auth_comp_id 
_struct_conn.ptnr1_auth_seq_id 
_struct_conn.ptnr2_auth_asym_id 
_struct_conn.ptnr2_auth_comp_id 
_struct_conn.ptnr2_auth_seq_id 
_struct_conn.ptnr2_symmetry 
_struct_conn.pdbx_ptnr3_label_atom_id 
_struct_conn.pdbx_ptnr3_label_seq_id 
_struct_conn.pdbx_ptnr3_label_comp_id 
_struct_conn.pdbx_ptnr3_label_asym_id 
_struct_conn.pdbx_ptnr3_label_alt_id 
_struct_conn.pdbx_ptnr3_PDB_ins_code 
_struct_conn.details 
_struct_conn.pdbx_dist_value 
_struct_conn.pdbx_value_order 
_struct_conn.pdbx_role 
covale1 covale both ? C ARG 2 C ? ? ? 1_555 C M3L 3 N ? ? C ARG 26 C M3L 27 1_555 ? ? ? ? ? ? ? 1.326 ? ? 
covale2 covale both ? C M3L 3 C ? ? ? 1_555 C SER 4 N ? ? C M3L 27 C SER 28 1_555 ? ? ? ? ? ? ? 1.330 ? ? 
covale3 covale both ? D ARG 2 C ? ? ? 1_555 D M3L 3 N ? ? D ARG 26 D M3L 27 1_555 ? ? ? ? ? ? ? 1.328 ? ? 
covale4 covale both ? D M3L 3 C ? ? ? 1_555 D SER 4 N ? ? D M3L 27 D SER 28 1_555 ? ? ? ? ? ? ? 1.330 ? ? 
# 
_struct_conn_type.id          covale 
_struct_conn_type.criteria    ? 
_struct_conn_type.reference   ? 
# 
loop_
_pdbx_modification_feature.ordinal 
_pdbx_modification_feature.label_comp_id 
_pdbx_modification_feature.label_asym_id 
_pdbx_modification_feature.label_seq_id 
_pdbx_modification_feature.label_alt_id 
_pdbx_modification_feature.modified_residue_label_comp_id 
_pdbx_modification_feature.modified_residue_label_asym_id 
_pdbx_modification_feature.modified_residue_label_seq_id 
_pdbx_modification_feature.modified_residue_label_alt_id 
_pdbx_modification_feature.auth_comp_id 
_pdbx_modification_feature.auth_asym_id 
_pdbx_modification_feature.auth_seq_id 
_pdbx_modification_feature.PDB_ins_code 
_pdbx_modification_feature.symmetry 
_pdbx_modification_feature.modified_residue_auth_comp_id 
_pdbx_modification_feature.modified_residue_auth_asym_id 
_pdbx_modification_feature.modified_residue_auth_seq_id 
_pdbx_modification_feature.modified_residue_PDB_ins_code 
_pdbx_modification_feature.modified_residue_symmetry 
_pdbx_modification_feature.comp_id_linking_atom 
_pdbx_modification_feature.modified_residue_id_linking_atom 
_pdbx_modification_feature.modified_residue_id 
_pdbx_modification_feature.ref_pcm_id 
_pdbx_modification_feature.ref_comp_id 
_pdbx_modification_feature.type 
_pdbx_modification_feature.category 
1 M3L C 3 ? . . . . M3L C 27 ? 1_555 . . . . . . . LYS 1 M3L Methylation 'Named protein modification' 
2 M3L D 3 ? . . . . M3L D 27 ? 1_555 . . . . . . . LYS 1 M3L Methylation 'Named protein modification' 
# 
loop_
_struct_sheet.id 
_struct_sheet.type 
_struct_sheet.number_strands 
_struct_sheet.details 
AA1 ? 3 ? 
AA2 ? 3 ? 
# 
loop_
_struct_sheet_order.sheet_id 
_struct_sheet_order.range_id_1 
_struct_sheet_order.range_id_2 
_struct_sheet_order.offset 
_struct_sheet_order.sense 
AA1 1 2 ? anti-parallel 
AA1 2 3 ? anti-parallel 
AA2 1 2 ? anti-parallel 
AA2 2 3 ? anti-parallel 
# 
loop_
_struct_sheet_range.sheet_id 
_struct_sheet_range.id 
_struct_sheet_range.beg_label_comp_id 
_struct_sheet_range.beg_label_asym_id 
_struct_sheet_range.beg_label_seq_id 
_struct_sheet_range.pdbx_beg_PDB_ins_code 
_struct_sheet_range.end_label_comp_id 
_struct_sheet_range.end_label_asym_id 
_struct_sheet_range.end_label_seq_id 
_struct_sheet_range.pdbx_end_PDB_ins_code 
_struct_sheet_range.beg_auth_comp_id 
_struct_sheet_range.beg_auth_asym_id 
_struct_sheet_range.beg_auth_seq_id 
_struct_sheet_range.end_auth_comp_id 
_struct_sheet_range.end_auth_asym_id 
_struct_sheet_range.end_auth_seq_id 
AA1 1 ILE A 14 ? ARG A 23 ? ILE A 110 ARG A 119 
AA1 2 LYS A 26 ? TRP A 33 ? LYS A 122 TRP A 129 
AA1 3 THR A 42 ? PRO A 45 ? THR A 138 PRO A 141 
AA2 1 ILE B 14 ? ARG B 23 ? ILE B 110 ARG B 119 
AA2 2 LYS B 26 ? TRP B 33 ? LYS B 122 TRP B 129 
AA2 3 THR B 42 ? PRO B 45 ? THR B 138 PRO B 141 
# 
loop_
_pdbx_struct_sheet_hbond.sheet_id 
_pdbx_struct_sheet_hbond.range_id_1 
_pdbx_struct_sheet_hbond.range_id_2 
_pdbx_struct_sheet_hbond.range_1_label_atom_id 
_pdbx_struct_sheet_hbond.range_1_label_comp_id 
_pdbx_struct_sheet_hbond.range_1_label_asym_id 
_pdbx_struct_sheet_hbond.range_1_label_seq_id 
_pdbx_struct_sheet_hbond.range_1_PDB_ins_code 
_pdbx_struct_sheet_hbond.range_1_auth_atom_id 
_pdbx_struct_sheet_hbond.range_1_auth_comp_id 
_pdbx_struct_sheet_hbond.range_1_auth_asym_id 
_pdbx_struct_sheet_hbond.range_1_auth_seq_id 
_pdbx_struct_sheet_hbond.range_2_label_atom_id 
_pdbx_struct_sheet_hbond.range_2_label_comp_id 
_pdbx_struct_sheet_hbond.range_2_label_asym_id 
_pdbx_struct_sheet_hbond.range_2_label_seq_id 
_pdbx_struct_sheet_hbond.range_2_PDB_ins_code 
_pdbx_struct_sheet_hbond.range_2_auth_atom_id 
_pdbx_struct_sheet_hbond.range_2_auth_comp_id 
_pdbx_struct_sheet_hbond.range_2_auth_asym_id 
_pdbx_struct_sheet_hbond.range_2_auth_seq_id 
AA1 1 2 N ARG A 18 ? N ARG A 114 O LEU A 30 ? O LEU A 126 
AA1 2 3 N ILE A 31 ? N ILE A 127 O THR A 42 ? O THR A 138 
AA2 1 2 N ARG B 18 ? N ARG B 114 O LEU B 30 ? O LEU B 126 
AA2 2 3 N ILE B 31 ? N ILE B 127 O THR B 42 ? O THR B 138 
# 
_pdbx_entry_details.entry_id                   8XAG 
_pdbx_entry_details.has_ligand_of_interest     Y 
_pdbx_entry_details.compound_details           ? 
_pdbx_entry_details.source_details             ? 
_pdbx_entry_details.nonpolymer_details         ? 
_pdbx_entry_details.sequence_details           ? 
_pdbx_entry_details.has_protein_modification   Y 
# 
loop_
_pdbx_validate_close_contact.id 
_pdbx_validate_close_contact.PDB_model_num 
_pdbx_validate_close_contact.auth_atom_id_1 
_pdbx_validate_close_contact.auth_asym_id_1 
_pdbx_validate_close_contact.auth_comp_id_1 
_pdbx_validate_close_contact.auth_seq_id_1 
_pdbx_validate_close_contact.PDB_ins_code_1 
_pdbx_validate_close_contact.label_alt_id_1 
_pdbx_validate_close_contact.auth_atom_id_2 
_pdbx_validate_close_contact.auth_asym_id_2 
_pdbx_validate_close_contact.auth_comp_id_2 
_pdbx_validate_close_contact.auth_seq_id_2 
_pdbx_validate_close_contact.PDB_ins_code_2 
_pdbx_validate_close_contact.label_alt_id_2 
_pdbx_validate_close_contact.dist 
1 1 O A HOH 212 ? ? O A HOH 257 ? ? 1.91 
2 1 O A HOH 219 ? ? O A HOH 264 ? ? 1.93 
3 1 O A HOH 271 ? ? O A HOH 274 ? ? 2.12 
4 1 O B HOH 251 ? ? O B HOH 266 ? ? 2.14 
# 
_pdbx_validate_symm_contact.id                1 
_pdbx_validate_symm_contact.PDB_model_num     1 
_pdbx_validate_symm_contact.auth_atom_id_1    O 
_pdbx_validate_symm_contact.auth_asym_id_1    A 
_pdbx_validate_symm_contact.auth_comp_id_1    HOH 
_pdbx_validate_symm_contact.auth_seq_id_1     238 
_pdbx_validate_symm_contact.PDB_ins_code_1    ? 
_pdbx_validate_symm_contact.label_alt_id_1    ? 
_pdbx_validate_symm_contact.site_symmetry_1   1_555 
_pdbx_validate_symm_contact.auth_atom_id_2    O 
_pdbx_validate_symm_contact.auth_asym_id_2    B 
_pdbx_validate_symm_contact.auth_comp_id_2    HOH 
_pdbx_validate_symm_contact.auth_seq_id_2     206 
_pdbx_validate_symm_contact.PDB_ins_code_2    ? 
_pdbx_validate_symm_contact.label_alt_id_2    ? 
_pdbx_validate_symm_contact.site_symmetry_2   6_445 
_pdbx_validate_symm_contact.dist              2.13 
# 
loop_
_pdbx_struct_mod_residue.id 
_pdbx_struct_mod_residue.label_asym_id 
_pdbx_struct_mod_residue.label_comp_id 
_pdbx_struct_mod_residue.label_seq_id 
_pdbx_struct_mod_residue.auth_asym_id 
_pdbx_struct_mod_residue.auth_comp_id 
_pdbx_struct_mod_residue.auth_seq_id 
_pdbx_struct_mod_residue.PDB_ins_code 
_pdbx_struct_mod_residue.parent_comp_id 
_pdbx_struct_mod_residue.details 
1 C M3L 3 C M3L 27 ? LYS 'modified residue' 
2 D M3L 3 D M3L 27 ? LYS 'modified residue' 
# 
_pdbx_struct_special_symmetry.id              1 
_pdbx_struct_special_symmetry.PDB_model_num   1 
_pdbx_struct_special_symmetry.auth_asym_id    A 
_pdbx_struct_special_symmetry.auth_comp_id    HOH 
_pdbx_struct_special_symmetry.auth_seq_id     209 
_pdbx_struct_special_symmetry.PDB_ins_code    ? 
_pdbx_struct_special_symmetry.label_asym_id   E 
_pdbx_struct_special_symmetry.label_comp_id   HOH 
_pdbx_struct_special_symmetry.label_seq_id    . 
# 
loop_
_space_group_symop.id 
_space_group_symop.operation_xyz 
1 x,y,z           
2 x,-y,-z         
3 -x,y,-z         
4 -x,-y,z         
5 x+1/2,y+1/2,z   
6 x+1/2,-y+1/2,-z 
7 -x+1/2,y+1/2,-z 
8 -x+1/2,-y+1/2,z 
# 
loop_
_pdbx_unobs_or_zero_occ_residues.id 
_pdbx_unobs_or_zero_occ_residues.PDB_model_num 
_pdbx_unobs_or_zero_occ_residues.polymer_flag 
_pdbx_unobs_or_zero_occ_residues.occupancy_flag 
_pdbx_unobs_or_zero_occ_residues.auth_asym_id 
_pdbx_unobs_or_zero_occ_residues.auth_comp_id 
_pdbx_unobs_or_zero_occ_residues.auth_seq_id 
_pdbx_unobs_or_zero_occ_residues.PDB_ins_code 
_pdbx_unobs_or_zero_occ_residues.label_asym_id 
_pdbx_unobs_or_zero_occ_residues.label_comp_id 
_pdbx_unobs_or_zero_occ_residues.label_seq_id 
1  1 Y 1 A GLY 97  ? A GLY 1  
2  1 Y 1 A SER 98  ? A SER 2  
3  1 Y 1 A GLU 99  ? A GLU 3  
4  1 Y 1 A ARG 100 ? A ARG 4  
5  1 Y 1 A LEU 159 ? A LEU 63 
6  1 Y 1 A LYS 160 ? A LYS 64 
7  1 Y 1 A PRO 161 ? A PRO 65 
8  1 Y 1 A GLY 162 ? A GLY 66 
9  1 Y 1 B GLY 97  ? B GLY 1  
10 1 Y 1 B SER 98  ? B SER 2  
11 1 Y 1 B GLU 99  ? B GLU 3  
12 1 Y 1 B ARG 100 ? B ARG 4  
13 1 Y 1 B LEU 159 ? B LEU 63 
14 1 Y 1 B LYS 160 ? B LYS 64 
15 1 Y 1 B PRO 161 ? B PRO 65 
16 1 Y 1 B GLY 162 ? B GLY 66 
# 
loop_
_chem_comp_atom.comp_id 
_chem_comp_atom.atom_id 
_chem_comp_atom.type_symbol 
_chem_comp_atom.pdbx_aromatic_flag 
_chem_comp_atom.pdbx_stereo_config 
_chem_comp_atom.pdbx_ordinal 
ALA N    N N N 1   
ALA CA   C N S 2   
ALA C    C N N 3   
ALA O    O N N 4   
ALA CB   C N N 5   
ALA OXT  O N N 6   
ALA H    H N N 7   
ALA H2   H N N 8   
ALA HA   H N N 9   
ALA HB1  H N N 10  
ALA HB2  H N N 11  
ALA HB3  H N N 12  
ALA HXT  H N N 13  
ARG N    N N N 14  
ARG CA   C N S 15  
ARG C    C N N 16  
ARG O    O N N 17  
ARG CB   C N N 18  
ARG CG   C N N 19  
ARG CD   C N N 20  
ARG NE   N N N 21  
ARG CZ   C N N 22  
ARG NH1  N N N 23  
ARG NH2  N N N 24  
ARG OXT  O N N 25  
ARG H    H N N 26  
ARG H2   H N N 27  
ARG HA   H N N 28  
ARG HB2  H N N 29  
ARG HB3  H N N 30  
ARG HG2  H N N 31  
ARG HG3  H N N 32  
ARG HD2  H N N 33  
ARG HD3  H N N 34  
ARG HE   H N N 35  
ARG HH11 H N N 36  
ARG HH12 H N N 37  
ARG HH21 H N N 38  
ARG HH22 H N N 39  
ARG HXT  H N N 40  
ASN N    N N N 41  
ASN CA   C N S 42  
ASN C    C N N 43  
ASN O    O N N 44  
ASN CB   C N N 45  
ASN CG   C N N 46  
ASN OD1  O N N 47  
ASN ND2  N N N 48  
ASN OXT  O N N 49  
ASN H    H N N 50  
ASN H2   H N N 51  
ASN HA   H N N 52  
ASN HB2  H N N 53  
ASN HB3  H N N 54  
ASN HD21 H N N 55  
ASN HD22 H N N 56  
ASN HXT  H N N 57  
ASP N    N N N 58  
ASP CA   C N S 59  
ASP C    C N N 60  
ASP O    O N N 61  
ASP CB   C N N 62  
ASP CG   C N N 63  
ASP OD1  O N N 64  
ASP OD2  O N N 65  
ASP OXT  O N N 66  
ASP H    H N N 67  
ASP H2   H N N 68  
ASP HA   H N N 69  
ASP HB2  H N N 70  
ASP HB3  H N N 71  
ASP HD2  H N N 72  
ASP HXT  H N N 73  
GLN N    N N N 74  
GLN CA   C N S 75  
GLN C    C N N 76  
GLN O    O N N 77  
GLN CB   C N N 78  
GLN CG   C N N 79  
GLN CD   C N N 80  
GLN OE1  O N N 81  
GLN NE2  N N N 82  
GLN OXT  O N N 83  
GLN H    H N N 84  
GLN H2   H N N 85  
GLN HA   H N N 86  
GLN HB2  H N N 87  
GLN HB3  H N N 88  
GLN HG2  H N N 89  
GLN HG3  H N N 90  
GLN HE21 H N N 91  
GLN HE22 H N N 92  
GLN HXT  H N N 93  
GLU N    N N N 94  
GLU CA   C N S 95  
GLU C    C N N 96  
GLU O    O N N 97  
GLU CB   C N N 98  
GLU CG   C N N 99  
GLU CD   C N N 100 
GLU OE1  O N N 101 
GLU OE2  O N N 102 
GLU OXT  O N N 103 
GLU H    H N N 104 
GLU H2   H N N 105 
GLU HA   H N N 106 
GLU HB2  H N N 107 
GLU HB3  H N N 108 
GLU HG2  H N N 109 
GLU HG3  H N N 110 
GLU HE2  H N N 111 
GLU HXT  H N N 112 
GLY N    N N N 113 
GLY CA   C N N 114 
GLY C    C N N 115 
GLY O    O N N 116 
GLY OXT  O N N 117 
GLY H    H N N 118 
GLY H2   H N N 119 
GLY HA2  H N N 120 
GLY HA3  H N N 121 
GLY HXT  H N N 122 
HOH O    O N N 123 
HOH H1   H N N 124 
HOH H2   H N N 125 
ILE N    N N N 126 
ILE CA   C N S 127 
ILE C    C N N 128 
ILE O    O N N 129 
ILE CB   C N S 130 
ILE CG1  C N N 131 
ILE CG2  C N N 132 
ILE CD1  C N N 133 
ILE OXT  O N N 134 
ILE H    H N N 135 
ILE H2   H N N 136 
ILE HA   H N N 137 
ILE HB   H N N 138 
ILE HG12 H N N 139 
ILE HG13 H N N 140 
ILE HG21 H N N 141 
ILE HG22 H N N 142 
ILE HG23 H N N 143 
ILE HD11 H N N 144 
ILE HD12 H N N 145 
ILE HD13 H N N 146 
ILE HXT  H N N 147 
LEU N    N N N 148 
LEU CA   C N S 149 
LEU C    C N N 150 
LEU O    O N N 151 
LEU CB   C N N 152 
LEU CG   C N N 153 
LEU CD1  C N N 154 
LEU CD2  C N N 155 
LEU OXT  O N N 156 
LEU H    H N N 157 
LEU H2   H N N 158 
LEU HA   H N N 159 
LEU HB2  H N N 160 
LEU HB3  H N N 161 
LEU HG   H N N 162 
LEU HD11 H N N 163 
LEU HD12 H N N 164 
LEU HD13 H N N 165 
LEU HD21 H N N 166 
LEU HD22 H N N 167 
LEU HD23 H N N 168 
LEU HXT  H N N 169 
LYS N    N N N 170 
LYS CA   C N S 171 
LYS C    C N N 172 
LYS O    O N N 173 
LYS CB   C N N 174 
LYS CG   C N N 175 
LYS CD   C N N 176 
LYS CE   C N N 177 
LYS NZ   N N N 178 
LYS OXT  O N N 179 
LYS H    H N N 180 
LYS H2   H N N 181 
LYS HA   H N N 182 
LYS HB2  H N N 183 
LYS HB3  H N N 184 
LYS HG2  H N N 185 
LYS HG3  H N N 186 
LYS HD2  H N N 187 
LYS HD3  H N N 188 
LYS HE2  H N N 189 
LYS HE3  H N N 190 
LYS HZ1  H N N 191 
LYS HZ2  H N N 192 
LYS HZ3  H N N 193 
LYS HXT  H N N 194 
M3L N    N N N 195 
M3L CA   C N S 196 
M3L CB   C N N 197 
M3L CG   C N N 198 
M3L CD   C N N 199 
M3L CE   C N N 200 
M3L NZ   N N N 201 
M3L C    C N N 202 
M3L O    O N N 203 
M3L OXT  O N N 204 
M3L CM1  C N N 205 
M3L CM2  C N N 206 
M3L CM3  C N N 207 
M3L H    H N N 208 
M3L H2   H N N 209 
M3L HA   H N N 210 
M3L HB2  H N N 211 
M3L HB3  H N N 212 
M3L HG2  H N N 213 
M3L HG3  H N N 214 
M3L HD2  H N N 215 
M3L HD3  H N N 216 
M3L HE2  H N N 217 
M3L HE3  H N N 218 
M3L HXT  H N N 219 
M3L HM11 H N N 220 
M3L HM12 H N N 221 
M3L HM13 H N N 222 
M3L HM21 H N N 223 
M3L HM22 H N N 224 
M3L HM23 H N N 225 
M3L HM31 H N N 226 
M3L HM32 H N N 227 
M3L HM33 H N N 228 
PHE N    N N N 229 
PHE CA   C N S 230 
PHE C    C N N 231 
PHE O    O N N 232 
PHE CB   C N N 233 
PHE CG   C Y N 234 
PHE CD1  C Y N 235 
PHE CD2  C Y N 236 
PHE CE1  C Y N 237 
PHE CE2  C Y N 238 
PHE CZ   C Y N 239 
PHE OXT  O N N 240 
PHE H    H N N 241 
PHE H2   H N N 242 
PHE HA   H N N 243 
PHE HB2  H N N 244 
PHE HB3  H N N 245 
PHE HD1  H N N 246 
PHE HD2  H N N 247 
PHE HE1  H N N 248 
PHE HE2  H N N 249 
PHE HZ   H N N 250 
PHE HXT  H N N 251 
PRO N    N N N 252 
PRO CA   C N S 253 
PRO C    C N N 254 
PRO O    O N N 255 
PRO CB   C N N 256 
PRO CG   C N N 257 
PRO CD   C N N 258 
PRO OXT  O N N 259 
PRO H    H N N 260 
PRO HA   H N N 261 
PRO HB2  H N N 262 
PRO HB3  H N N 263 
PRO HG2  H N N 264 
PRO HG3  H N N 265 
PRO HD2  H N N 266 
PRO HD3  H N N 267 
PRO HXT  H N N 268 
SER N    N N N 269 
SER CA   C N S 270 
SER C    C N N 271 
SER O    O N N 272 
SER CB   C N N 273 
SER OG   O N N 274 
SER OXT  O N N 275 
SER H    H N N 276 
SER H2   H N N 277 
SER HA   H N N 278 
SER HB2  H N N 279 
SER HB3  H N N 280 
SER HG   H N N 281 
SER HXT  H N N 282 
THR N    N N N 283 
THR CA   C N S 284 
THR C    C N N 285 
THR O    O N N 286 
THR CB   C N R 287 
THR OG1  O N N 288 
THR CG2  C N N 289 
THR OXT  O N N 290 
THR H    H N N 291 
THR H2   H N N 292 
THR HA   H N N 293 
THR HB   H N N 294 
THR HG1  H N N 295 
THR HG21 H N N 296 
THR HG22 H N N 297 
THR HG23 H N N 298 
THR HXT  H N N 299 
TRP N    N N N 300 
TRP CA   C N S 301 
TRP C    C N N 302 
TRP O    O N N 303 
TRP CB   C N N 304 
TRP CG   C Y N 305 
TRP CD1  C Y N 306 
TRP CD2  C Y N 307 
TRP NE1  N Y N 308 
TRP CE2  C Y N 309 
TRP CE3  C Y N 310 
TRP CZ2  C Y N 311 
TRP CZ3  C Y N 312 
TRP CH2  C Y N 313 
TRP OXT  O N N 314 
TRP H    H N N 315 
TRP H2   H N N 316 
TRP HA   H N N 317 
TRP HB2  H N N 318 
TRP HB3  H N N 319 
TRP HD1  H N N 320 
TRP HE1  H N N 321 
TRP HE3  H N N 322 
TRP HZ2  H N N 323 
TRP HZ3  H N N 324 
TRP HH2  H N N 325 
TRP HXT  H N N 326 
TYR N    N N N 327 
TYR CA   C N S 328 
TYR C    C N N 329 
TYR O    O N N 330 
TYR CB   C N N 331 
TYR CG   C Y N 332 
TYR CD1  C Y N 333 
TYR CD2  C Y N 334 
TYR CE1  C Y N 335 
TYR CE2  C Y N 336 
TYR CZ   C Y N 337 
TYR OH   O N N 338 
TYR OXT  O N N 339 
TYR H    H N N 340 
TYR H2   H N N 341 
TYR HA   H N N 342 
TYR HB2  H N N 343 
TYR HB3  H N N 344 
TYR HD1  H N N 345 
TYR HD2  H N N 346 
TYR HE1  H N N 347 
TYR HE2  H N N 348 
TYR HH   H N N 349 
TYR HXT  H N N 350 
VAL N    N N N 351 
VAL CA   C N S 352 
VAL C    C N N 353 
VAL O    O N N 354 
VAL CB   C N N 355 
VAL CG1  C N N 356 
VAL CG2  C N N 357 
VAL OXT  O N N 358 
VAL H    H N N 359 
VAL H2   H N N 360 
VAL HA   H N N 361 
VAL HB   H N N 362 
VAL HG11 H N N 363 
VAL HG12 H N N 364 
VAL HG13 H N N 365 
VAL HG21 H N N 366 
VAL HG22 H N N 367 
VAL HG23 H N N 368 
VAL HXT  H N N 369 
# 
loop_
_chem_comp_bond.comp_id 
_chem_comp_bond.atom_id_1 
_chem_comp_bond.atom_id_2 
_chem_comp_bond.value_order 
_chem_comp_bond.pdbx_aromatic_flag 
_chem_comp_bond.pdbx_stereo_config 
_chem_comp_bond.pdbx_ordinal 
ALA N   CA   sing N N 1   
ALA N   H    sing N N 2   
ALA N   H2   sing N N 3   
ALA CA  C    sing N N 4   
ALA CA  CB   sing N N 5   
ALA CA  HA   sing N N 6   
ALA C   O    doub N N 7   
ALA C   OXT  sing N N 8   
ALA CB  HB1  sing N N 9   
ALA CB  HB2  sing N N 10  
ALA CB  HB3  sing N N 11  
ALA OXT HXT  sing N N 12  
ARG N   CA   sing N N 13  
ARG N   H    sing N N 14  
ARG N   H2   sing N N 15  
ARG CA  C    sing N N 16  
ARG CA  CB   sing N N 17  
ARG CA  HA   sing N N 18  
ARG C   O    doub N N 19  
ARG C   OXT  sing N N 20  
ARG CB  CG   sing N N 21  
ARG CB  HB2  sing N N 22  
ARG CB  HB3  sing N N 23  
ARG CG  CD   sing N N 24  
ARG CG  HG2  sing N N 25  
ARG CG  HG3  sing N N 26  
ARG CD  NE   sing N N 27  
ARG CD  HD2  sing N N 28  
ARG CD  HD3  sing N N 29  
ARG NE  CZ   sing N N 30  
ARG NE  HE   sing N N 31  
ARG CZ  NH1  sing N N 32  
ARG CZ  NH2  doub N N 33  
ARG NH1 HH11 sing N N 34  
ARG NH1 HH12 sing N N 35  
ARG NH2 HH21 sing N N 36  
ARG NH2 HH22 sing N N 37  
ARG OXT HXT  sing N N 38  
ASN N   CA   sing N N 39  
ASN N   H    sing N N 40  
ASN N   H2   sing N N 41  
ASN CA  C    sing N N 42  
ASN CA  CB   sing N N 43  
ASN CA  HA   sing N N 44  
ASN C   O    doub N N 45  
ASN C   OXT  sing N N 46  
ASN CB  CG   sing N N 47  
ASN CB  HB2  sing N N 48  
ASN CB  HB3  sing N N 49  
ASN CG  OD1  doub N N 50  
ASN CG  ND2  sing N N 51  
ASN ND2 HD21 sing N N 52  
ASN ND2 HD22 sing N N 53  
ASN OXT HXT  sing N N 54  
ASP N   CA   sing N N 55  
ASP N   H    sing N N 56  
ASP N   H2   sing N N 57  
ASP CA  C    sing N N 58  
ASP CA  CB   sing N N 59  
ASP CA  HA   sing N N 60  
ASP C   O    doub N N 61  
ASP C   OXT  sing N N 62  
ASP CB  CG   sing N N 63  
ASP CB  HB2  sing N N 64  
ASP CB  HB3  sing N N 65  
ASP CG  OD1  doub N N 66  
ASP CG  OD2  sing N N 67  
ASP OD2 HD2  sing N N 68  
ASP OXT HXT  sing N N 69  
GLN N   CA   sing N N 70  
GLN N   H    sing N N 71  
GLN N   H2   sing N N 72  
GLN CA  C    sing N N 73  
GLN CA  CB   sing N N 74  
GLN CA  HA   sing N N 75  
GLN C   O    doub N N 76  
GLN C   OXT  sing N N 77  
GLN CB  CG   sing N N 78  
GLN CB  HB2  sing N N 79  
GLN CB  HB3  sing N N 80  
GLN CG  CD   sing N N 81  
GLN CG  HG2  sing N N 82  
GLN CG  HG3  sing N N 83  
GLN CD  OE1  doub N N 84  
GLN CD  NE2  sing N N 85  
GLN NE2 HE21 sing N N 86  
GLN NE2 HE22 sing N N 87  
GLN OXT HXT  sing N N 88  
GLU N   CA   sing N N 89  
GLU N   H    sing N N 90  
GLU N   H2   sing N N 91  
GLU CA  C    sing N N 92  
GLU CA  CB   sing N N 93  
GLU CA  HA   sing N N 94  
GLU C   O    doub N N 95  
GLU C   OXT  sing N N 96  
GLU CB  CG   sing N N 97  
GLU CB  HB2  sing N N 98  
GLU CB  HB3  sing N N 99  
GLU CG  CD   sing N N 100 
GLU CG  HG2  sing N N 101 
GLU CG  HG3  sing N N 102 
GLU CD  OE1  doub N N 103 
GLU CD  OE2  sing N N 104 
GLU OE2 HE2  sing N N 105 
GLU OXT HXT  sing N N 106 
GLY N   CA   sing N N 107 
GLY N   H    sing N N 108 
GLY N   H2   sing N N 109 
GLY CA  C    sing N N 110 
GLY CA  HA2  sing N N 111 
GLY CA  HA3  sing N N 112 
GLY C   O    doub N N 113 
GLY C   OXT  sing N N 114 
GLY OXT HXT  sing N N 115 
HOH O   H1   sing N N 116 
HOH O   H2   sing N N 117 
ILE N   CA   sing N N 118 
ILE N   H    sing N N 119 
ILE N   H2   sing N N 120 
ILE CA  C    sing N N 121 
ILE CA  CB   sing N N 122 
ILE CA  HA   sing N N 123 
ILE C   O    doub N N 124 
ILE C   OXT  sing N N 125 
ILE CB  CG1  sing N N 126 
ILE CB  CG2  sing N N 127 
ILE CB  HB   sing N N 128 
ILE CG1 CD1  sing N N 129 
ILE CG1 HG12 sing N N 130 
ILE CG1 HG13 sing N N 131 
ILE CG2 HG21 sing N N 132 
ILE CG2 HG22 sing N N 133 
ILE CG2 HG23 sing N N 134 
ILE CD1 HD11 sing N N 135 
ILE CD1 HD12 sing N N 136 
ILE CD1 HD13 sing N N 137 
ILE OXT HXT  sing N N 138 
LEU N   CA   sing N N 139 
LEU N   H    sing N N 140 
LEU N   H2   sing N N 141 
LEU CA  C    sing N N 142 
LEU CA  CB   sing N N 143 
LEU CA  HA   sing N N 144 
LEU C   O    doub N N 145 
LEU C   OXT  sing N N 146 
LEU CB  CG   sing N N 147 
LEU CB  HB2  sing N N 148 
LEU CB  HB3  sing N N 149 
LEU CG  CD1  sing N N 150 
LEU CG  CD2  sing N N 151 
LEU CG  HG   sing N N 152 
LEU CD1 HD11 sing N N 153 
LEU CD1 HD12 sing N N 154 
LEU CD1 HD13 sing N N 155 
LEU CD2 HD21 sing N N 156 
LEU CD2 HD22 sing N N 157 
LEU CD2 HD23 sing N N 158 
LEU OXT HXT  sing N N 159 
LYS N   CA   sing N N 160 
LYS N   H    sing N N 161 
LYS N   H2   sing N N 162 
LYS CA  C    sing N N 163 
LYS CA  CB   sing N N 164 
LYS CA  HA   sing N N 165 
LYS C   O    doub N N 166 
LYS C   OXT  sing N N 167 
LYS CB  CG   sing N N 168 
LYS CB  HB2  sing N N 169 
LYS CB  HB3  sing N N 170 
LYS CG  CD   sing N N 171 
LYS CG  HG2  sing N N 172 
LYS CG  HG3  sing N N 173 
LYS CD  CE   sing N N 174 
LYS CD  HD2  sing N N 175 
LYS CD  HD3  sing N N 176 
LYS CE  NZ   sing N N 177 
LYS CE  HE2  sing N N 178 
LYS CE  HE3  sing N N 179 
LYS NZ  HZ1  sing N N 180 
LYS NZ  HZ2  sing N N 181 
LYS NZ  HZ3  sing N N 182 
LYS OXT HXT  sing N N 183 
M3L N   CA   sing N N 184 
M3L N   H    sing N N 185 
M3L N   H2   sing N N 186 
M3L CA  CB   sing N N 187 
M3L CA  C    sing N N 188 
M3L CA  HA   sing N N 189 
M3L CB  CG   sing N N 190 
M3L CB  HB2  sing N N 191 
M3L CB  HB3  sing N N 192 
M3L CG  CD   sing N N 193 
M3L CG  HG2  sing N N 194 
M3L CG  HG3  sing N N 195 
M3L CD  CE   sing N N 196 
M3L CD  HD2  sing N N 197 
M3L CD  HD3  sing N N 198 
M3L CE  NZ   sing N N 199 
M3L CE  HE2  sing N N 200 
M3L CE  HE3  sing N N 201 
M3L NZ  CM1  sing N N 202 
M3L NZ  CM2  sing N N 203 
M3L NZ  CM3  sing N N 204 
M3L C   O    doub N N 205 
M3L C   OXT  sing N N 206 
M3L OXT HXT  sing N N 207 
M3L CM1 HM11 sing N N 208 
M3L CM1 HM12 sing N N 209 
M3L CM1 HM13 sing N N 210 
M3L CM2 HM21 sing N N 211 
M3L CM2 HM22 sing N N 212 
M3L CM2 HM23 sing N N 213 
M3L CM3 HM31 sing N N 214 
M3L CM3 HM32 sing N N 215 
M3L CM3 HM33 sing N N 216 
PHE N   CA   sing N N 217 
PHE N   H    sing N N 218 
PHE N   H2   sing N N 219 
PHE CA  C    sing N N 220 
PHE CA  CB   sing N N 221 
PHE CA  HA   sing N N 222 
PHE C   O    doub N N 223 
PHE C   OXT  sing N N 224 
PHE CB  CG   sing N N 225 
PHE CB  HB2  sing N N 226 
PHE CB  HB3  sing N N 227 
PHE CG  CD1  doub Y N 228 
PHE CG  CD2  sing Y N 229 
PHE CD1 CE1  sing Y N 230 
PHE CD1 HD1  sing N N 231 
PHE CD2 CE2  doub Y N 232 
PHE CD2 HD2  sing N N 233 
PHE CE1 CZ   doub Y N 234 
PHE CE1 HE1  sing N N 235 
PHE CE2 CZ   sing Y N 236 
PHE CE2 HE2  sing N N 237 
PHE CZ  HZ   sing N N 238 
PHE OXT HXT  sing N N 239 
PRO N   CA   sing N N 240 
PRO N   CD   sing N N 241 
PRO N   H    sing N N 242 
PRO CA  C    sing N N 243 
PRO CA  CB   sing N N 244 
PRO CA  HA   sing N N 245 
PRO C   O    doub N N 246 
PRO C   OXT  sing N N 247 
PRO CB  CG   sing N N 248 
PRO CB  HB2  sing N N 249 
PRO CB  HB3  sing N N 250 
PRO CG  CD   sing N N 251 
PRO CG  HG2  sing N N 252 
PRO CG  HG3  sing N N 253 
PRO CD  HD2  sing N N 254 
PRO CD  HD3  sing N N 255 
PRO OXT HXT  sing N N 256 
SER N   CA   sing N N 257 
SER N   H    sing N N 258 
SER N   H2   sing N N 259 
SER CA  C    sing N N 260 
SER CA  CB   sing N N 261 
SER CA  HA   sing N N 262 
SER C   O    doub N N 263 
SER C   OXT  sing N N 264 
SER CB  OG   sing N N 265 
SER CB  HB2  sing N N 266 
SER CB  HB3  sing N N 267 
SER OG  HG   sing N N 268 
SER OXT HXT  sing N N 269 
THR N   CA   sing N N 270 
THR N   H    sing N N 271 
THR N   H2   sing N N 272 
THR CA  C    sing N N 273 
THR CA  CB   sing N N 274 
THR CA  HA   sing N N 275 
THR C   O    doub N N 276 
THR C   OXT  sing N N 277 
THR CB  OG1  sing N N 278 
THR CB  CG2  sing N N 279 
THR CB  HB   sing N N 280 
THR OG1 HG1  sing N N 281 
THR CG2 HG21 sing N N 282 
THR CG2 HG22 sing N N 283 
THR CG2 HG23 sing N N 284 
THR OXT HXT  sing N N 285 
TRP N   CA   sing N N 286 
TRP N   H    sing N N 287 
TRP N   H2   sing N N 288 
TRP CA  C    sing N N 289 
TRP CA  CB   sing N N 290 
TRP CA  HA   sing N N 291 
TRP C   O    doub N N 292 
TRP C   OXT  sing N N 293 
TRP CB  CG   sing N N 294 
TRP CB  HB2  sing N N 295 
TRP CB  HB3  sing N N 296 
TRP CG  CD1  doub Y N 297 
TRP CG  CD2  sing Y N 298 
TRP CD1 NE1  sing Y N 299 
TRP CD1 HD1  sing N N 300 
TRP CD2 CE2  doub Y N 301 
TRP CD2 CE3  sing Y N 302 
TRP NE1 CE2  sing Y N 303 
TRP NE1 HE1  sing N N 304 
TRP CE2 CZ2  sing Y N 305 
TRP CE3 CZ3  doub Y N 306 
TRP CE3 HE3  sing N N 307 
TRP CZ2 CH2  doub Y N 308 
TRP CZ2 HZ2  sing N N 309 
TRP CZ3 CH2  sing Y N 310 
TRP CZ3 HZ3  sing N N 311 
TRP CH2 HH2  sing N N 312 
TRP OXT HXT  sing N N 313 
TYR N   CA   sing N N 314 
TYR N   H    sing N N 315 
TYR N   H2   sing N N 316 
TYR CA  C    sing N N 317 
TYR CA  CB   sing N N 318 
TYR CA  HA   sing N N 319 
TYR C   O    doub N N 320 
TYR C   OXT  sing N N 321 
TYR CB  CG   sing N N 322 
TYR CB  HB2  sing N N 323 
TYR CB  HB3  sing N N 324 
TYR CG  CD1  doub Y N 325 
TYR CG  CD2  sing Y N 326 
TYR CD1 CE1  sing Y N 327 
TYR CD1 HD1  sing N N 328 
TYR CD2 CE2  doub Y N 329 
TYR CD2 HD2  sing N N 330 
TYR CE1 CZ   doub Y N 331 
TYR CE1 HE1  sing N N 332 
TYR CE2 CZ   sing Y N 333 
TYR CE2 HE2  sing N N 334 
TYR CZ  OH   sing N N 335 
TYR OH  HH   sing N N 336 
TYR OXT HXT  sing N N 337 
VAL N   CA   sing N N 338 
VAL N   H    sing N N 339 
VAL N   H2   sing N N 340 
VAL CA  C    sing N N 341 
VAL CA  CB   sing N N 342 
VAL CA  HA   sing N N 343 
VAL C   O    doub N N 344 
VAL C   OXT  sing N N 345 
VAL CB  CG1  sing N N 346 
VAL CB  CG2  sing N N 347 
VAL CB  HB   sing N N 348 
VAL CG1 HG11 sing N N 349 
VAL CG1 HG12 sing N N 350 
VAL CG1 HG13 sing N N 351 
VAL CG2 HG21 sing N N 352 
VAL CG2 HG22 sing N N 353 
VAL CG2 HG23 sing N N 354 
VAL OXT HXT  sing N N 355 
# 
_pdbx_audit_support.funding_organization   'National Natural Science Foundation of China (NSFC)' 
_pdbx_audit_support.country                China 
_pdbx_audit_support.grant_number           32171186 
_pdbx_audit_support.ordinal                1 
# 
_pdbx_initial_refinement_model.id               1 
_pdbx_initial_refinement_model.entity_id_list   ? 
_pdbx_initial_refinement_model.type             'experimental model' 
_pdbx_initial_refinement_model.source_name      PDB 
_pdbx_initial_refinement_model.accession_code   4MN3 
_pdbx_initial_refinement_model.details          ? 
# 
_space_group.name_H-M_alt     'C 2 2 2' 
_space_group.name_Hall        'C 2 2' 
_space_group.IT_number        21 
_space_group.crystal_system   orthorhombic 
_space_group.id               1 
# 
_atom_sites.entry_id                    8XAG 
_atom_sites.Cartn_transf_matrix[1][1]   ? 
_atom_sites.Cartn_transf_matrix[1][2]   ? 
_atom_sites.Cartn_transf_matrix[1][3]   ? 
_atom_sites.Cartn_transf_matrix[2][1]   ? 
_atom_sites.Cartn_transf_matrix[2][2]   ? 
_atom_sites.Cartn_transf_matrix[2][3]   ? 
_atom_sites.Cartn_transf_matrix[3][1]   ? 
_atom_sites.Cartn_transf_matrix[3][2]   ? 
_atom_sites.Cartn_transf_matrix[3][3]   ? 
_atom_sites.Cartn_transf_vector[1]      ? 
_atom_sites.Cartn_transf_vector[2]      ? 
_atom_sites.Cartn_transf_vector[3]      ? 
_atom_sites.Cartn_transform_axes        ? 
_atom_sites.fract_transf_matrix[1][1]   0.00152433 
_atom_sites.fract_transf_matrix[1][2]   0.01517046 
_atom_sites.fract_transf_matrix[1][3]   -0.00124992 
_atom_sites.fract_transf_matrix[2][1]   -0.01073459 
_atom_sites.fract_transf_matrix[2][2]   0.00088081 
_atom_sites.fract_transf_matrix[2][3]   -0.00240084 
_atom_sites.fract_transf_matrix[3][1]   -0.00329119 
_atom_sites.fract_transf_matrix[3][2]   0.00159123 
_atom_sites.fract_transf_matrix[3][3]   0.01529931 
_atom_sites.fract_transf_vector[1]      -0.129736 
_atom_sites.fract_transf_vector[2]      -0.125461 
_atom_sites.fract_transf_vector[3]      0.284286 
_atom_sites.solution_primary            ? 
_atom_sites.solution_secondary          ? 
_atom_sites.solution_hydrogens          ? 
_atom_sites.special_details             ? 
# 
loop_
_atom_type.symbol 
_atom_type.scat_dispersion_real 
_atom_type.scat_dispersion_imag 
_atom_type.scat_Cromer_Mann_a1 
_atom_type.scat_Cromer_Mann_a2 
_atom_type.scat_Cromer_Mann_a3 
_atom_type.scat_Cromer_Mann_a4 
_atom_type.scat_Cromer_Mann_b1 
_atom_type.scat_Cromer_Mann_b2 
_atom_type.scat_Cromer_Mann_b3 
_atom_type.scat_Cromer_Mann_b4 
_atom_type.scat_Cromer_Mann_c 
_atom_type.scat_source 
_atom_type.scat_dispersion_source 
C   ? ? 3.54356 2.42580 ? ? 25.62398 1.50364  ? ? 0.0 
;2-Gaussian fit: Grosse-Kunstleve RW, Sauter NK, Adams PD: Newsletter of the IUCr Commission on Crystallographic Computing 2004, 3, 22-31.
;
? 
N   ? ? 4.01032 2.96436 ? ? 19.97189 1.75589  ? ? 0.0 
;2-Gaussian fit: Grosse-Kunstleve RW, Sauter NK, Adams PD: Newsletter of the IUCr Commission on Crystallographic Computing 2004, 3, 22-31.
;
? 
O   ? ? 4.49882 3.47563 ? ? 15.80542 1.70748  ? ? 0.0 
;2-Gaussian fit: Grosse-Kunstleve RW, Sauter NK, Adams PD: Newsletter of the IUCr Commission on Crystallographic Computing 2004, 3, 22-31.
;
? 
O1- ? ? 5.12366 3.84317 ? ? 3.49406  27.47979 ? ? 0.0 
;2-Gaussian fit: Grosse-Kunstleve RW, Sauter NK, Adams PD: Newsletter of the IUCr Commission on Crystallographic Computing 2004, 3, 22-31.
;
? 
# 
loop_
_atom_site.group_PDB 
_atom_site.id 
_atom_site.type_symbol 
_atom_site.label_atom_id 
_atom_site.label_alt_id 
_atom_site.label_comp_id 
_atom_site.label_asym_id 
_atom_site.label_entity_id 
_atom_site.label_seq_id 
_atom_site.pdbx_PDB_ins_code 
_atom_site.Cartn_x 
_atom_site.Cartn_y 
_atom_site.Cartn_z 
_atom_site.occupancy 
_atom_site.B_iso_or_equiv 
_atom_site.pdbx_formal_charge 
_atom_site.auth_seq_id 
_atom_site.auth_comp_id 
_atom_site.auth_asym_id 
_atom_site.auth_atom_id 
_atom_site.pdbx_PDB_model_num 
ATOM   1    N N   . PRO A 1 5  ? -6.50739  -1.09003  -13.14550 1.000 77.95041 ?  101 PRO A N   1 
ATOM   2    C CA  . PRO A 1 5  ? -7.19867  -2.25554  -12.58268 1.000 74.12734 ?  101 PRO A CA  1 
ATOM   3    C C   . PRO A 1 5  ? -6.24177  -3.31880  -12.04509 1.000 67.13041 ?  101 PRO A C   1 
ATOM   4    O O   . PRO A 1 5  ? -6.66293  -4.45033  -11.80709 1.000 60.89041 ?  101 PRO A O   1 
ATOM   5    C CB  . PRO A 1 5  ? -7.99710  -2.80175  -13.77328 1.000 77.77318 ?  101 PRO A CB  1 
ATOM   6    C CG  . PRO A 1 5  ? -7.32676  -2.23998  -14.98365 1.000 80.68298 ?  101 PRO A CG  1 
ATOM   7    C CD  . PRO A 1 5  ? -6.81789  -0.89844  -14.57143 1.000 82.16041 ?  101 PRO A CD  1 
ATOM   8    N N   . LYS A 1 6  ? -4.97456  -2.96054  -11.85186 1.000 60.82511 ?  102 LYS A N   1 
ATOM   9    C CA  . LYS A 1 6  ? -3.98048  -3.92250  -11.39390 1.000 40.51041 ?  102 LYS A CA  1 
ATOM   10   C C   . LYS A 1 6  ? -4.12196  -4.17199  -9.89653  1.000 33.74767 ?  102 LYS A C   1 
ATOM   11   O O   . LYS A 1 6  ? -4.26215  -3.23107  -9.10873  1.000 34.40259 ?  102 LYS A O   1 
ATOM   12   C CB  . LYS A 1 6  ? -2.57130  -3.43402  -11.72551 1.000 46.80705 ?  102 LYS A CB  1 
ATOM   13   C CG  . LYS A 1 6  ? -2.22086  -3.54341  -13.20064 1.000 49.62319 ?  102 LYS A CG  1 
ATOM   14   C CD  . LYS A 1 6  ? -0.87566  -2.90713  -13.50325 1.000 55.53859 ?  102 LYS A CD  1 
ATOM   15   C CE  . LYS A 1 6  ? -0.47289  -3.13496  -14.95212 1.000 64.84488 ?  102 LYS A CE  1 
ATOM   16   N NZ  . LYS A 1 6  ? 0.92117   -2.68211  -15.21662 1.000 65.63939 ?  102 LYS A NZ  1 
ATOM   17   N N   . LEU A 1 7  ? -4.07292  -5.44502  -9.50958  1.000 31.75999 ?  103 LEU A N   1 
ATOM   18   C CA  . LEU A 1 7  ? -4.29244  -5.85721  -8.13041  1.000 24.98445 ?  103 LEU A CA  1 
ATOM   19   C C   . LEU A 1 7  ? -3.01123  -5.79211  -7.31182  1.000 30.05414 ?  103 LEU A C   1 
ATOM   20   O O   . LEU A 1 7  ? -1.92517  -6.11021  -7.80369  1.000 26.23029 ?  103 LEU A O   1 
ATOM   21   C CB  . LEU A 1 7  ? -4.83568  -7.28582  -8.07666  1.000 28.71641 ?  103 LEU A CB  1 
ATOM   22   C CG  . LEU A 1 7  ? -6.25114  -7.57818  -8.56002  1.000 37.81736 ?  103 LEU A CG  1 
ATOM   23   C CD1 . LEU A 1 7  ? -6.56748  -9.05076  -8.35848  1.000 31.21524 ?  103 LEU A CD1 1 
ATOM   24   C CD2 . LEU A 1 7  ? -7.23858  -6.71388  -7.80430  1.000 35.08414 ?  103 LEU A CD2 1 
ATOM   25   N N   . ASP A 1 8  ? -3.15133  -5.38515  -6.05268  1.000 22.39440 ?  104 ASP A N   1 
ATOM   26   C CA  . ASP A 1 8  ? -2.12780  -5.67962  -5.06063  1.000 22.42535 ?  104 ASP A CA  1 
ATOM   27   C C   . ASP A 1 8  ? -1.96551  -7.19052  -4.94898  1.000 21.90253 ?  104 ASP A C   1 
ATOM   28   O O   . ASP A 1 8  ? -2.94757  -7.93739  -4.94472  1.000 26.42994 ?  104 ASP A O   1 
ATOM   29   C CB  . ASP A 1 8  ? -2.51514  -5.07498  -3.70656  1.000 27.79573 ?  104 ASP A CB  1 
ATOM   30   C CG  . ASP A 1 8  ? -1.43131  -5.23339  -2.65198  1.000 25.88774 ?  104 ASP A CG  1 
ATOM   31   O OD1 . ASP A 1 8  ? -1.11290  -6.38078  -2.27626  1.000 24.19812 ?  104 ASP A OD1 1 
ATOM   32   O OD2 . ASP A 1 8  ? -0.89995  -4.20086  -2.19298  1.000 30.21375 ?  104 ASP A OD2 1 
ATOM   33   N N   . GLU A 1 9  ? -0.71550  -7.64631  -4.86739  1.000 25.38265 ?  105 GLU A N   1 
ATOM   34   C CA  . GLU A 1 9  ? -0.46281  -9.08260  -4.89323  1.000 19.65412 ?  105 GLU A CA  1 
ATOM   35   C C   . GLU A 1 9  ? -0.96088  -9.79653  -3.64132  1.000 22.15548 ?  105 GLU A C   1 
ATOM   36   O O   . GLU A 1 9  ? -1.10473  -11.02396 -3.66366  1.000 24.17080 ?  105 GLU A O   1 
ATOM   37   C CB  . GLU A 1 9  ? 1.03107   -9.35272  -5.08774  1.000 23.36729 ?  105 GLU A CB  1 
ATOM   38   C CG  . GLU A 1 9  ? 1.54304   -8.99987  -6.47449  1.000 24.11559 ?  105 GLU A CG  1 
ATOM   39   C CD  . GLU A 1 9  ? 2.99712   -9.37586  -6.67420  1.000 36.90246 ?  105 GLU A CD  1 
ATOM   40   O OE1 . GLU A 1 9  ? 3.76260   -9.35060  -5.68785  1.000 32.94447 ?  105 GLU A OE1 1 
ATOM   41   O OE2 . GLU A 1 9  ? 3.37051   -9.70501  -7.81929  1.000 37.73636 ?  105 GLU A OE2 1 
ATOM   42   N N   . GLY A 1 10 ? -1.24706  -9.06516  -2.56480  1.000 24.05357 ?  106 GLY A N   1 
ATOM   43   C CA  . GLY A 1 10 ? -1.58212  -9.67982  -1.29899  1.000 24.11720 ?  106 GLY A CA  1 
ATOM   44   C C   . GLY A 1 10 ? -3.06026  -10.00226 -1.14293  1.000 24.18843 ?  106 GLY A C   1 
ATOM   45   O O   . GLY A 1 10 ? -3.89365  -9.75588  -2.01557  1.000 21.08932 ?  106 GLY A O   1 
ATOM   46   N N   . PHE A 1 11 ? -3.37347  -10.58853 0.01059   1.000 26.08687 ?  107 PHE A N   1 
ATOM   47   C CA  . PHE A 1 11 ? -4.73319  -10.90793 0.42188   1.000 23.76497 ?  107 PHE A CA  1 
ATOM   48   C C   . PHE A 1 11 ? -5.05891  -10.10695 1.67225   1.000 22.97413 ?  107 PHE A C   1 
ATOM   49   O O   . PHE A 1 11 ? -4.23229  -10.00575 2.58330   1.000 23.29735 ?  107 PHE A O   1 
ATOM   50   C CB  . PHE A 1 11 ? -4.89443  -12.40443 0.71176   1.000 22.12138 ?  107 PHE A CB  1 
ATOM   51   C CG  . PHE A 1 11 ? -4.84665  -13.27227 -0.51010  1.000 22.76245 ?  107 PHE A CG  1 
ATOM   52   C CD1 . PHE A 1 11 ? -3.63492  -13.63311 -1.07174  1.000 27.13726 ?  107 PHE A CD1 1 
ATOM   53   C CD2 . PHE A 1 11 ? -6.01523  -13.74596 -1.08437  1.000 25.94551 ?  107 PHE A CD2 1 
ATOM   54   C CE1 . PHE A 1 11 ? -3.59153  -14.43627 -2.18712  1.000 27.80177 ?  107 PHE A CE1 1 
ATOM   55   C CE2 . PHE A 1 11 ? -5.97632  -14.55116 -2.20288  1.000 27.65470 ?  107 PHE A CE2 1 
ATOM   56   C CZ  . PHE A 1 11 ? -4.76469  -14.89715 -2.75433  1.000 26.28379 ?  107 PHE A CZ  1 
ATOM   57   N N   . TYR A 1 12 ? -6.25984  -9.53748  1.72324   1.000 21.41186 ?  108 TYR A N   1 
ATOM   58   C CA  . TYR A 1 12 ? -6.58784  -8.59925  2.78657   1.000 21.44816 ?  108 TYR A CA  1 
ATOM   59   C C   . TYR A 1 12 ? -8.01458  -8.80832  3.26871   1.000 22.45779 ?  108 TYR A C   1 
ATOM   60   O O   . TYR A 1 12 ? -8.82992  -9.46470  2.61610   1.000 24.05441 ?  108 TYR A O   1 
ATOM   61   C CB  . TYR A 1 12 ? -6.37428  -7.14838  2.32823   1.000 25.18265 ?  108 TYR A CB  1 
ATOM   62   C CG  . TYR A 1 12 ? -4.99132  -6.92491  1.76438   1.000 25.46468 ?  108 TYR A CG  1 
ATOM   63   C CD1 . TYR A 1 12 ? -3.90056  -6.76186  2.60816   1.000 22.02674 ?  108 TYR A CD1 1 
ATOM   64   C CD2 . TYR A 1 12 ? -4.76848  -6.90932  0.39435   1.000 20.26329 ?  108 TYR A CD2 1 
ATOM   65   C CE1 . TYR A 1 12 ? -2.62781  -6.57251  2.10436   1.000 23.39251 ?  108 TYR A CE1 1 
ATOM   66   C CE2 . TYR A 1 12 ? -3.49848  -6.71977  -0.11928  1.000 26.27681 ?  108 TYR A CE2 1 
ATOM   67   C CZ  . TYR A 1 12 ? -2.43242  -6.55228  0.74034   1.000 25.72689 ?  108 TYR A CZ  1 
ATOM   68   O OH  . TYR A 1 12 ? -1.16712  -6.36354  0.23108   1.000 22.07536 ?  108 TYR A OH  1 
ATOM   69   N N   . GLU A 1 13 ? -8.29752  -8.22969  4.43262   1.000 23.23328 ?  109 GLU A N   1 
ATOM   70   C CA  . GLU A 1 13 ? -9.55077  -8.42637  5.14434   1.000 26.64600 ?  109 GLU A CA  1 
ATOM   71   C C   . GLU A 1 13 ? -10.34983 -7.13105  5.14557   1.000 23.55156 ?  109 GLU A C   1 
ATOM   72   O O   . GLU A 1 13 ? -9.81317  -6.06604  5.46571   1.000 26.74057 ?  109 GLU A O   1 
ATOM   73   C CB  . GLU A 1 13 ? -9.28655  -8.87733  6.58124   1.000 28.33600 ?  109 GLU A CB  1 
ATOM   74   C CG  . GLU A 1 13 ? -9.90936  -10.20800 6.95226   1.000 44.74642 ?  109 GLU A CG  1 
ATOM   75   C CD  . GLU A 1 13 ? -9.36031  -10.75930 8.25515   1.000 58.35488 ?  109 GLU A CD  1 
ATOM   76   O OE1 . GLU A 1 13 ? -9.42901  -10.04912 9.28003   1.000 52.31149 ?  109 GLU A OE1 1 
ATOM   77   O OE2 . GLU A 1 13 ? -8.86044  -11.90359 8.25667   1.000 66.42432 ?  109 GLU A OE2 1 
ATOM   78   N N   . ILE A 1 14 ? -11.63258 -7.22759  4.80441   1.000 26.46714 ?  110 ILE A N   1 
ATOM   79   C CA  . ILE A 1 14 ? -12.51369 -6.06524  4.83799   1.000 23.94938 ?  110 ILE A CA  1 
ATOM   80   C C   . ILE A 1 14 ? -12.84746 -5.73732  6.28756   1.000 25.46450 ?  110 ILE A C   1 
ATOM   81   O O   . ILE A 1 14 ? -13.33782 -6.59099  7.03584   1.000 28.24016 ?  110 ILE A O   1 
ATOM   82   C CB  . ILE A 1 14 ? -13.78973 -6.31966  4.02596   1.000 24.27321 ?  110 ILE A CB  1 
ATOM   83   C CG1 . ILE A 1 14 ? -13.44998 -6.54856  2.55233   1.000 23.66293 ?  110 ILE A CG1 1 
ATOM   84   C CG2 . ILE A 1 14 ? -14.76195 -5.15614  4.18680   1.000 27.44060 ?  110 ILE A CG2 1 
ATOM   85   C CD1 . ILE A 1 14 ? -14.60268 -7.11801  1.75637   1.000 28.45176 ?  110 ILE A CD1 1 
ATOM   86   N N   . GLU A 1 15 ? -12.58152 -4.49538  6.69167   1.000 25.06339 ?  111 GLU A N   1 
ATOM   87   C CA  . GLU A 1 15 ? -13.03275 -4.02088  7.99385   1.000 20.09352 ?  111 GLU A CA  1 
ATOM   88   C C   . GLU A 1 15 ? -14.41898 -3.39660  7.91393   1.000 25.09023 ?  111 GLU A C   1 
ATOM   89   O O   . GLU A 1 15 ? -15.25769 -3.63621  8.79015   1.000 24.50113 ?  111 GLU A O   1 
ATOM   90   C CB  . GLU A 1 15 ? -12.04099 -3.00786  8.57706   1.000 25.05662 ?  111 GLU A CB  1 
ATOM   91   C CG  . GLU A 1 15 ? -12.54666 -2.32408  9.83980   1.000 24.52947 ?  111 GLU A CG  1 
ATOM   92   C CD  . GLU A 1 15 ? -11.52027 -1.40679  10.47284  1.000 30.49014 ?  111 GLU A CD  1 
ATOM   93   O OE1 . GLU A 1 15 ? -10.30858 -1.66810  10.32127  1.000 27.65641 ?  111 GLU A OE1 1 
ATOM   94   O OE2 . GLU A 1 15 ? -11.92910 -0.41797  11.11782  1.000 28.90703 ?  111 GLU A OE2 1 
ATOM   95   N N   . ALA A 1 16 ? -14.68009 -2.61373  6.86913   1.000 23.82122 ?  112 ALA A N   1 
ATOM   96   C CA  . ALA A 1 16 ? -15.96730 -1.95329  6.72653   1.000 23.40325 ?  112 ALA A CA  1 
ATOM   97   C C   . ALA A 1 16 ? -16.20201 -1.58557  5.27014   1.000 27.38563 ?  112 ALA A C   1 
ATOM   98   O O   . ALA A 1 16 ? -15.26669 -1.26473  4.53317   1.000 22.60451 ?  112 ALA A O   1 
ATOM   99   C CB  . ALA A 1 16 ? -16.05322 -0.70391  7.60764   1.000 22.92056 ?  112 ALA A CB  1 
ATOM   100  N N   . ILE A 1 17 ? -17.46654 -1.64847  4.86927   1.000 24.37529 ?  113 ILE A N   1 
ATOM   101  C CA  . ILE A 1 17 ? -17.92573 -1.12227  3.59067   1.000 29.84156 ?  113 ILE A CA  1 
ATOM   102  C C   . ILE A 1 17 ? -18.39730 0.30108   3.84748   1.000 26.08118 ?  113 ILE A C   1 
ATOM   103  O O   . ILE A 1 17 ? -19.35503 0.51666   4.60043   1.000 35.42008 ?  113 ILE A O   1 
ATOM   104  C CB  . ILE A 1 17 ? -19.05602 -1.97950  3.00216   1.000 28.84739 ?  113 ILE A CB  1 
ATOM   105  C CG1 . ILE A 1 17 ? -18.62047 -3.44020  2.88914   1.000 36.66661 ?  113 ILE A CG1 1 
ATOM   106  C CG2 . ILE A 1 17 ? -19.47392 -1.44576  1.63306   1.000 32.63107 ?  113 ILE A CG2 1 
ATOM   107  C CD1 . ILE A 1 17 ? -19.72288 -4.34405  2.38198   1.000 41.02984 ?  113 ILE A CD1 1 
ATOM   108  N N   . ARG A 1 18 ? -17.73277 1.27644   3.23348   1.000 24.12667 ?  114 ARG A N   1 
ATOM   109  C CA  . ARG A 1 18 ? -17.94295 2.66787   3.61075   1.000 24.85711 ?  114 ARG A CA  1 
ATOM   110  C C   . ARG A 1 18 ? -18.85372 3.42622   2.66010   1.000 29.96669 ?  114 ARG A C   1 
ATOM   111  O O   . ARG A 1 18 ? -19.63611 4.26882   3.10796   1.000 33.71759 ?  114 ARG A O   1 
ATOM   112  C CB  . ARG A 1 18 ? -16.59943 3.39228   3.71563   1.000 27.94670 ?  114 ARG A CB  1 
ATOM   113  C CG  . ARG A 1 18 ? -15.77727 2.87791   4.87225   1.000 24.51576 ?  114 ARG A CG  1 
ATOM   114  C CD  . ARG A 1 18 ? -16.40451 3.28459   6.19713   1.000 21.70839 ?  114 ARG A CD  1 
ATOM   115  N NE  . ARG A 1 18 ? -15.59188 2.92415   7.35297   1.000 26.54540 ?  114 ARG A NE  1 
ATOM   116  C CZ  . ARG A 1 18 ? -14.43774 3.49232   7.67247   1.000 24.09057 ?  114 ARG A CZ  1 
ATOM   117  N NH1 . ARG A 1 18 ? -13.93582 4.48670   6.96144   1.000 25.08406 ?  114 ARG A NH1 1 
ATOM   118  N NH2 . ARG A 1 18 ? -13.77194 3.05232   8.73558   1.000 19.90316 ?  114 ARG A NH2 1 
ATOM   119  N N   . ARG A 1 19 ? -18.77349 3.15669   1.36223   1.000 30.95541 ?  115 ARG A N   1 
ATOM   120  C CA  . ARG A 1 19 ? -19.55393 3.92060   0.40352   1.000 31.91934 ?  115 ARG A CA  1 
ATOM   121  C C   . ARG A 1 19 ? -19.74258 3.06831   -0.84045  1.000 35.92078 ?  115 ARG A C   1 
ATOM   122  O O   . ARG A 1 19 ? -19.06515 2.05387   -1.02759  1.000 28.11183 ?  115 ARG A O   1 
ATOM   123  C CB  . ARG A 1 19 ? -18.86864 5.25147   0.06561   1.000 37.64034 ?  115 ARG A CB  1 
ATOM   124  C CG  . ARG A 1 19 ? -19.79126 6.46736   0.09047   1.000 42.39937 ?  115 ARG A CG  1 
ATOM   125  C CD  . ARG A 1 19 ? -19.17013 7.66211   -0.62622  1.000 40.15981 ?  115 ARG A CD  1 
ATOM   126  N NE  . ARG A 1 19 ? -17.89995 8.09084   -0.05180  1.000 38.89496 ?  115 ARG A NE  1 
ATOM   127  C CZ  . ARG A 1 19 ? -17.05722 8.92244   -0.65031  1.000 45.41306 ?  115 ARG A CZ  1 
ATOM   128  N NH1 . ARG A 1 19 ? -17.31764 9.43125   -1.84309  1.000 41.45066 ?  115 ARG A NH1 1 
ATOM   129  N NH2 . ARG A 1 19 ? -15.92474 9.25228   -0.03693  1.000 43.71747 ?  115 ARG A NH2 1 
ATOM   130  N N   . LYS A 1 20 ? -20.68408 3.48628   -1.68277  1.000 29.93541 ?  116 LYS A N   1 
ATOM   131  C CA  . LYS A 1 20 ? -20.94597 2.81914   -2.94772  1.000 27.67797 ?  116 LYS A CA  1 
ATOM   132  C C   . LYS A 1 20 ? -20.97666 3.84332   -4.07233  1.000 22.24727 ?  116 LYS A C   1 
ATOM   133  O O   . LYS A 1 20 ? -21.39352 4.98910   -3.88136  1.000 29.24282 ?  116 LYS A O   1 
ATOM   134  C CB  . LYS A 1 20 ? -22.27314 2.03656   -2.92215  1.000 30.98685 ?  116 LYS A CB  1 
ATOM   135  C CG  . LYS A 1 20 ? -22.38013 1.00861   -4.03757  1.000 33.12229 ?  116 LYS A CG  1 
ATOM   136  C CD  . LYS A 1 20 ? -23.81022 0.55374   -4.30611  1.000 41.97748 ?  116 LYS A CD  1 
ATOM   137  C CE  . LYS A 1 20 ? -24.52144 0.06594   -3.06077  1.000 40.98027 ?  116 LYS A CE  1 
ATOM   138  N NZ  . LYS A 1 20 ? -25.64425 -0.85025  -3.42323  1.000 41.85941 ?  116 LYS A NZ  1 
ATOM   139  N N   . ARG A 1 21 ? -20.52226 3.41636   -5.24855  1.000 19.99022 ?  117 ARG A N   1 
ATOM   140  C CA  . ARG A 1 21 ? -20.56996 4.24496   -6.44356  1.000 24.55217 ?  117 ARG A CA  1 
ATOM   141  C C   . ARG A 1 21 ? -20.68150 3.34137   -7.66295  1.000 29.56185 ?  117 ARG A C   1 
ATOM   142  O O   . ARG A 1 21 ? -20.56391 2.11771   -7.56918  1.000 24.86108 ?  117 ARG A O   1 
ATOM   143  C CB  . ARG A 1 21 ? -19.33583 5.15175   -6.56104  1.000 27.33911 ?  117 ARG A CB  1 
ATOM   144  C CG  . ARG A 1 21 ? -18.09208 4.46448   -7.12762  1.000 24.67832 ?  117 ARG A CG  1 
ATOM   145  C CD  . ARG A 1 21 ? -16.86501 5.37803   -7.07557  1.000 24.29572 ?  117 ARG A CD  1 
ATOM   146  N NE  . ARG A 1 21 ? -15.65377 4.70659   -7.53565  1.000 28.61682 ?  117 ARG A NE  1 
ATOM   147  C CZ  . ARG A 1 21 ? -14.45109 5.26510   -7.57142  1.000 26.18548 ?  117 ARG A CZ  1 
ATOM   148  N NH1 . ARG A 1 21 ? -14.25326 6.50872   -7.16837  1.000 28.38067 ?  117 ARG A NH1 1 
ATOM   149  N NH2 . ARG A 1 21 ? -13.41956 4.55571   -8.01951  1.000 29.86533 ?  117 ARG A NH2 1 
ATOM   150  N N   . VAL A 1 22 ? -20.92116 3.96470   -8.81436  1.000 26.52931 ?  118 VAL A N   1 
ATOM   151  C CA  . VAL A 1 22 ? -20.90896 3.29680   -10.11237 1.000 26.53518 ?  118 VAL A CA  1 
ATOM   152  C C   . VAL A 1 22 ? -19.84054 3.95882   -10.96576 1.000 30.07265 ?  118 VAL A C   1 
ATOM   153  O O   . VAL A 1 22 ? -19.93291 5.15615   -11.26558 1.000 28.33174 ?  118 VAL A O   1 
ATOM   154  C CB  . VAL A 1 22 ? -22.27258 3.36478   -10.81708 1.000 30.17710 ?  118 VAL A CB  1 
ATOM   155  C CG1 . VAL A 1 22 ? -22.25154 2.52940   -12.08451 1.000 29.22495 ?  118 VAL A CG1 1 
ATOM   156  C CG2 . VAL A 1 22 ? -23.35605 2.87227   -9.90402  1.000 30.47639 ?  118 VAL A CG2 1 
ATOM   157  N N   . ARG A 1 23 ? -18.83305 3.18581   -11.35950 1.000 32.39743 ?  119 ARG A N   1 
ATOM   158  C CA  . ARG A 1 23 ? -17.78412 3.65626   -12.25479 1.000 34.40739 ?  119 ARG A CA  1 
ATOM   159  C C   . ARG A 1 23 ? -17.78864 2.81833   -13.52341 1.000 37.78485 ?  119 ARG A C   1 
ATOM   160  O O   . ARG A 1 23 ? -17.64825 1.59179   -13.46143 1.000 37.88733 ?  119 ARG A O   1 
ATOM   161  C CB  . ARG A 1 23 ? -16.41018 3.60809   -11.58578 1.000 31.93616 ?  119 ARG A CB  1 
ATOM   162  C CG  . ARG A 1 23 ? -15.31990 4.19461   -12.46082 1.000 40.18379 ?  119 ARG A CG  1 
ATOM   163  C CD  . ARG A 1 23 ? -14.07631 4.54610   -11.67765 1.000 37.02886 ?  119 ARG A CD  1 
ATOM   164  N NE  . ARG A 1 23 ? -14.19548 5.87094   -11.08378 1.000 35.92146 ?  119 ARG A NE  1 
ATOM   165  C CZ  . ARG A 1 23 ? -13.20027 6.52057   -10.49839 1.000 40.22959 ?  119 ARG A CZ  1 
ATOM   166  N NH1 . ARG A 1 23 ? -11.98813 5.99965   -10.41861 1.000 35.24510 ?  119 ARG A NH1 1 
ATOM   167  N NH2 . ARG A 1 23 ? -13.42502 7.72765   -9.98924  1.000 38.78791 ?  119 ARG A NH2 1 
ATOM   168  N N   . LYS A 1 24 ? -17.95059 3.48689   -14.66781 1.000 44.66005 ?  120 LYS A N   1 
ATOM   169  C CA  . LYS A 1 24 ? -17.90217 2.84641   -15.98360 1.000 48.20140 ?  120 LYS A CA  1 
ATOM   170  C C   . LYS A 1 24 ? -18.88201 1.67957   -16.08313 1.000 40.02919 ?  120 LYS A C   1 
ATOM   171  O O   . LYS A 1 24 ? -18.60822 0.67358   -16.74185 1.000 49.94187 ?  120 LYS A O   1 
ATOM   172  C CB  . LYS A 1 24 ? -16.47908 2.39328   -16.32124 1.000 45.96603 ?  120 LYS A CB  1 
ATOM   173  C CG  . LYS A 1 24 ? -15.79227 3.25139   -17.37539 1.000 50.54057 ?  120 LYS A CG  1 
ATOM   174  C CD  . LYS A 1 24 ? -15.44561 4.63390   -16.84012 1.000 55.14832 ?  120 LYS A CD  1 
ATOM   175  C CE  . LYS A 1 24 ? -15.42173 5.66624   -17.95816 1.000 55.25150 ?  120 LYS A CE  1 
ATOM   176  N NZ  . LYS A 1 24 ? -14.79330 6.94761   -17.53112 1.000 57.09443 ?  120 LYS A NZ  1 
ATOM   177  N N   . GLY A 1 25 ? -20.03411 1.81159   -15.43071 1.000 36.99730 ?  121 GLY A N   1 
ATOM   178  C CA  . GLY A 1 25 ? -21.06556 0.79777   -15.47811 1.000 40.72419 ?  121 GLY A CA  1 
ATOM   179  C C   . GLY A 1 25 ? -20.92693 -0.31719  -14.46759 1.000 45.03320 ?  121 GLY A C   1 
ATOM   180  O O   . GLY A 1 25 ? -21.72189 -1.26441  -14.50393 1.000 44.89060 ?  121 GLY A O   1 
ATOM   181  N N   . LYS A 1 26 ? -19.95065 -0.24088  -13.56742 1.000 37.26630 ?  122 LYS A N   1 
ATOM   182  C CA  . LYS A 1 26 ? -19.73108 -1.26504  -12.55696 1.000 31.41128 ?  122 LYS A CA  1 
ATOM   183  C C   . LYS A 1 26 ? -19.82940 -0.64194  -11.17300 1.000 30.83230 ?  122 LYS A C   1 
ATOM   184  O O   . LYS A 1 26 ? -19.20264 0.38747   -10.90476 1.000 35.17200 ?  122 LYS A O   1 
ATOM   185  C CB  . LYS A 1 26 ? -18.36504 -1.93102  -12.73605 1.000 34.50992 ?  122 LYS A CB  1 
ATOM   186  C CG  . LYS A 1 26 ? -18.08784 -2.41735  -14.15043 1.000 41.24542 ?  122 LYS A CG  1 
ATOM   187  C CD  . LYS A 1 26 ? -19.02135 -3.54399  -14.56296 1.000 40.86615 ?  122 LYS A CD  1 
ATOM   188  C CE  . LYS A 1 26 ? -18.56483 -4.17064  -15.87065 1.000 38.43164 ?  122 LYS A CE  1 
ATOM   189  N NZ  . LYS A 1 26 ? -19.57324 -3.99615  -16.94983 1.000 50.41068 ?  122 LYS A NZ  1 
ATOM   190  N N   . VAL A 1 27 ? -20.61180 -1.27035  -10.29745 1.000 22.39957 ?  123 VAL A N   1 
ATOM   191  C CA  . VAL A 1 27 ? -20.68566 -0.83855  -8.90809  1.000 25.99708 ?  123 VAL A CA  1 
ATOM   192  C C   . VAL A 1 27 ? -19.34905 -1.08711  -8.22130  1.000 28.43507 ?  123 VAL A C   1 
ATOM   193  O O   . VAL A 1 27 ? -18.68872 -2.10998  -8.45221  1.000 27.98921 ?  123 VAL A O   1 
ATOM   194  C CB  . VAL A 1 27 ? -21.83268 -1.56833  -8.18639  1.000 29.85113 ?  123 VAL A CB  1 
ATOM   195  C CG1 . VAL A 1 27 ? -21.79440 -1.29833  -6.69323  1.000 28.29088 ?  123 VAL A CG1 1 
ATOM   196  C CG2 . VAL A 1 27 ? -23.17468 -1.14507  -8.76611  1.000 25.63189 ?  123 VAL A CG2 1 
ATOM   197  N N   . GLN A 1 28 ? -18.92975 -0.13748  -7.38533  1.000 26.32033 ?  124 GLN A N   1 
ATOM   198  C CA  . GLN A 1 28 ? -17.74162 -0.29088  -6.55967  1.000 23.32415 ?  124 GLN A CA  1 
ATOM   199  C C   . GLN A 1 28 ? -18.05898 0.11106   -5.12715  1.000 27.62157 ?  124 GLN A C   1 
ATOM   200  O O   . GLN A 1 28 ? -18.94442 0.93312   -4.87636  1.000 28.52939 ?  124 GLN A O   1 
ATOM   201  C CB  . GLN A 1 28 ? -16.56527 0.54401   -7.08516  1.000 24.81412 ?  124 GLN A CB  1 
ATOM   202  C CG  . GLN A 1 28 ? -16.15575 0.20032   -8.50713  1.000 24.84106 ?  124 GLN A CG  1 
ATOM   203  C CD  . GLN A 1 28 ? -15.01509 1.05793   -9.01121  1.000 29.38201 ?  124 GLN A CD  1 
ATOM   204  O OE1 . GLN A 1 28 ? -14.88167 2.22178   -8.63312  1.000 33.56775 ?  124 GLN A OE1 1 
ATOM   205  N NE2 . GLN A 1 28 ? -14.17961 0.48313   -9.86795  1.000 38.47968 ?  124 GLN A NE2 1 
ATOM   206  N N   . TYR A 1 29 ? -17.32663 -0.48134  -4.18830  1.000 22.99297 ?  125 TYR A N   1 
ATOM   207  C CA  . TYR A 1 29 ? -17.47653 -0.19475  -2.77023  1.000 21.77078 ?  125 TYR A CA  1 
ATOM   208  C C   . TYR A 1 29 ? -16.17800 0.38896   -2.23573  1.000 23.29598 ?  125 TYR A C   1 
ATOM   209  O O   . TYR A 1 29 ? -15.08941 -0.09784  -2.55745  1.000 22.50497 ?  125 TYR A O   1 
ATOM   210  C CB  . TYR A 1 29 ? -17.84300 -1.45846  -1.97991  1.000 26.31975 ?  125 TYR A CB  1 
ATOM   211  C CG  . TYR A 1 29 ? -19.11028 -2.13464  -2.45057  1.000 24.68201 ?  125 TYR A CG  1 
ATOM   212  C CD1 . TYR A 1 29 ? -19.07916 -3.06846  -3.47830  1.000 24.89972 ?  125 TYR A CD1 1 
ATOM   213  C CD2 . TYR A 1 29 ? -20.33672 -1.83775  -1.87165  1.000 29.45992 ?  125 TYR A CD2 1 
ATOM   214  C CE1 . TYR A 1 29 ? -20.23418 -3.69183  -3.91467  1.000 25.01149 ?  125 TYR A CE1 1 
ATOM   215  C CE2 . TYR A 1 29 ? -21.49770 -2.45541  -2.30140  1.000 36.12147 ?  125 TYR A CE2 1 
ATOM   216  C CZ  . TYR A 1 29 ? -21.43953 -3.38107  -3.32338  1.000 34.16736 ?  125 TYR A CZ  1 
ATOM   217  O OH  . TYR A 1 29 ? -22.59076 -4.00051  -3.75721  1.000 34.13950 ?  125 TYR A OH  1 
ATOM   218  N N   . LEU A 1 30 ? -16.29712 1.44414   -1.43542  1.000 26.00645 ?  126 LEU A N   1 
ATOM   219  C CA  . LEU A 1 30 ? -15.14297 2.01568   -0.75499  1.000 23.14228 ?  126 LEU A CA  1 
ATOM   220  C C   . LEU A 1 30 ? -14.84573 1.17745   0.48308   1.000 27.73908 ?  126 LEU A C   1 
ATOM   221  O O   . LEU A 1 30 ? -15.67674 1.09092   1.39348   1.000 24.46945 ?  126 LEU A O   1 
ATOM   222  C CB  . LEU A 1 30 ? -15.40728 3.47209   -0.38153  1.000 24.49353 ?  126 LEU A CB  1 
ATOM   223  C CG  . LEU A 1 30 ? -14.29625 4.17663   0.39134   1.000 24.29766 ?  126 LEU A CG  1 
ATOM   224  C CD1 . LEU A 1 30 ? -13.01058 4.18954   -0.43094  1.000 20.47598 ?  126 LEU A CD1 1 
ATOM   225  C CD2 . LEU A 1 30 ? -14.72364 5.58887   0.75083   1.000 32.26177 ?  126 LEU A CD2 1 
ATOM   226  N N   . ILE A 1 31 ? -13.66928 0.55658   0.51716   1.000 24.41068 ?  127 ILE A N   1 
ATOM   227  C CA  . ILE A 1 31 ? -13.32423 -0.43321  1.53184   1.000 21.47705 ?  127 ILE A CA  1 
ATOM   228  C C   . ILE A 1 31 ? -12.31818 0.16055   2.50394   1.000 21.70346 ?  127 ILE A C   1 
ATOM   229  O O   . ILE A 1 31 ? -11.28355 0.69767   2.08937   1.000 21.27339 ?  127 ILE A O   1 
ATOM   230  C CB  . ILE A 1 31 ? -12.76707 -1.72148  0.90072   1.000 24.05436 ?  127 ILE A CB  1 
ATOM   231  C CG1 . ILE A 1 31 ? -13.77270 -2.30596  -0.09307  1.000 23.22644 ?  127 ILE A CG1 1 
ATOM   232  C CG2 . ILE A 1 31 ? -12.40836 -2.72809  1.98337   1.000 21.79784 ?  127 ILE A CG2 1 
ATOM   233  C CD1 . ILE A 1 31 ? -15.07919 -2.72420  0.55257   1.000 28.84500 ?  127 ILE A CD1 1 
ATOM   234  N N   . LYS A 1 32 ? -12.62511 0.06357   3.79502   1.000 20.42631 ?  128 LYS A N   1 
ATOM   235  C CA  . LYS A 1 32 ? -11.62938 0.21513   4.84543   1.000 24.04524 ?  128 LYS A CA  1 
ATOM   236  C C   . LYS A 1 32 ? -11.02869 -1.16012  5.10640   1.000 24.95283 ?  128 LYS A C   1 
ATOM   237  O O   . LYS A 1 32 ? -11.76057 -2.11941  5.37379   1.000 20.94547 ?  128 LYS A O   1 
ATOM   238  C CB  . LYS A 1 32 ? -12.25260 0.79745   6.11403   1.000 22.03598 ?  128 LYS A CB  1 
ATOM   239  C CG  . LYS A 1 32 ? -11.37959 0.67970   7.35609   1.000 24.36558 ?  128 LYS A CG  1 
ATOM   240  C CD  . LYS A 1 32 ? -10.09544 1.48339   7.22437   1.000 19.17414 ?  128 LYS A CD  1 
ATOM   241  C CE  . LYS A 1 32 ? -9.34335  1.52505   8.54719   1.000 21.19055 ?  128 LYS A CE  1 
ATOM   242  N NZ  . LYS A 1 32 ? -8.74915  0.21087   8.92204   1.000 20.56438 ?  128 LYS A NZ  1 
ATOM   243  N N   . TRP A 1 33 ? -9.70931  -1.26618  4.99824   1.000 23.58744 ?  129 TRP A N   1 
ATOM   244  C CA  . TRP A 1 33 ? -9.02939  -2.54852  5.10584   1.000 22.28340 ?  129 TRP A CA  1 
ATOM   245  C C   . TRP A 1 33 ? -8.56107  -2.75889  6.53797   1.000 20.91068 ?  129 TRP A C   1 
ATOM   246  O O   . TRP A 1 33 ? -7.98367  -1.85250  7.14715   1.000 25.32975 ?  129 TRP A O   1 
ATOM   247  C CB  . TRP A 1 33 ? -7.85049  -2.62676  4.13576   1.000 24.36075 ?  129 TRP A CB  1 
ATOM   248  C CG  . TRP A 1 33 ? -8.27959  -2.52399  2.70891   1.000 17.47276 ?  129 TRP A CG  1 
ATOM   249  C CD1 . TRP A 1 33 ? -8.21138  -1.41956  1.91204   1.000 21.30591 ?  129 TRP A CD1 1 
ATOM   250  C CD2 . TRP A 1 33 ? -8.88709  -3.55311  1.91835   1.000 19.16744 ?  129 TRP A CD2 1 
ATOM   251  N NE1 . TRP A 1 33 ? -8.72006  -1.70146  0.66829   1.000 20.17826 ?  129 TRP A NE1 1 
ATOM   252  C CE2 . TRP A 1 33 ? -9.14207  -3.00451  0.64641   1.000 22.84371 ?  129 TRP A CE2 1 
ATOM   253  C CE3 . TRP A 1 33 ? -9.23182  -4.88647  2.15990   1.000 22.86464 ?  129 TRP A CE3 1 
ATOM   254  C CZ2 . TRP A 1 33 ? -9.72601  -3.74323  -0.38136  1.000 21.39523 ?  129 TRP A CZ2 1 
ATOM   255  C CZ3 . TRP A 1 33 ? -9.81153  -5.61826  1.13745   1.000 22.33795 ?  129 TRP A CZ3 1 
ATOM   256  C CH2 . TRP A 1 33 ? -10.05249 -5.04463  -0.11705  1.000 24.12688 ?  129 TRP A CH2 1 
ATOM   257  N N   . ARG A 1 34 ? -8.83085  -3.94699  7.07531   1.000 23.11467 ?  130 ARG A N   1 
ATOM   258  C CA  . ARG A 1 34 ? -8.42185  -4.26681  8.43713   1.000 18.04310 ?  130 ARG A CA  1 
ATOM   259  C C   . ARG A 1 34 ? -6.90272  -4.25755  8.55417   1.000 19.66908 ?  130 ARG A C   1 
ATOM   260  O O   . ARG A 1 34 ? -6.19985  -4.86013  7.73774   1.000 25.32621 ?  130 ARG A O   1 
ATOM   261  C CB  . ARG A 1 34 ? -8.97559  -5.63144  8.85222   1.000 24.22461 ?  130 ARG A CB  1 
ATOM   262  C CG  . ARG A 1 34 ? -8.50861  -6.09646  10.22320  1.000 28.37548 ?  130 ARG A CG  1 
ATOM   263  C CD  . ARG A 1 34 ? -9.26854  -5.41449  11.35163  1.000 24.75095 ?  130 ARG A CD  1 
ATOM   264  N NE  . ARG A 1 34 ? -10.70561 -5.64681  11.27786  1.000 32.32901 ?  130 ARG A NE  1 
ATOM   265  C CZ  . ARG A 1 34 ? -11.60124 -5.02018  12.02855  1.000 31.06023 ?  130 ARG A CZ  1 
ATOM   266  N NH1 . ARG A 1 34 ? -11.24337 -4.10358  12.91222  1.000 25.02724 ?  130 ARG A NH1 1 
ATOM   267  N NH2 . ARG A 1 34 ? -12.88948 -5.31403  11.88278  1.000 33.30614 ?  130 ARG A NH2 1 
ATOM   268  N N   . GLY A 1 35 ? -6.39841  -3.56595  9.57400   1.000 18.95128 ?  131 GLY A N   1 
ATOM   269  C CA  . GLY A 1 35 ? -4.96962  -3.45612  9.78793   1.000 24.25260 ?  131 GLY A CA  1 
ATOM   270  C C   . GLY A 1 35 ? -4.27118  -2.40389  8.95701   1.000 27.34844 ?  131 GLY A C   1 
ATOM   271  O O   . GLY A 1 35 ? -3.03532  -2.36520  8.94608   1.000 26.55743 ?  131 GLY A O   1 
ATOM   272  N N   . TRP A 1 36 ? -5.01435  -1.55007  8.26199   1.000 26.86346 ?  132 TRP A N   1 
ATOM   273  C CA  . TRP A 1 36 ? -4.43701  -0.52294  7.41244   1.000 24.65481 ?  132 TRP A CA  1 
ATOM   274  C C   . TRP A 1 36 ? -5.11270  0.81270   7.68117   1.000 23.26777 ?  132 TRP A C   1 
ATOM   275  O O   . TRP A 1 36 ? -6.28360  0.85084   8.06919   1.000 22.32821 ?  132 TRP A O   1 
ATOM   276  C CB  . TRP A 1 36 ? -4.57843  -0.89412  5.92916   1.000 20.44794 ?  132 TRP A CB  1 
ATOM   277  C CG  . TRP A 1 36 ? -3.75364  -2.08166  5.55267   1.000 21.14172 ?  132 TRP A CG  1 
ATOM   278  C CD1 . TRP A 1 36 ? -4.04897  -3.39280  5.79110   1.000 24.42760 ?  132 TRP A CD1 1 
ATOM   279  C CD2 . TRP A 1 36 ? -2.48280  -2.06994  4.89202   1.000 22.61978 ?  132 TRP A CD2 1 
ATOM   280  N NE1 . TRP A 1 36 ? -3.04572  -4.19926  5.31036   1.000 25.37411 ?  132 TRP A NE1 1 
ATOM   281  C CE2 . TRP A 1 36 ? -2.07215  -3.41035  4.75406   1.000 22.09776 ?  132 TRP A CE2 1 
ATOM   282  C CE3 . TRP A 1 36 ? -1.65346  -1.05649  4.39921   1.000 17.59391 ?  132 TRP A CE3 1 
ATOM   283  C CZ2 . TRP A 1 36 ? -0.86911  -3.76384  4.14413   1.000 20.52594 ?  132 TRP A CZ2 1 
ATOM   284  C CZ3 . TRP A 1 36 ? -0.46060  -1.41012  3.79393   1.000 20.40156 ?  132 TRP A CZ3 1 
ATOM   285  C CH2 . TRP A 1 36 ? -0.07947  -2.75292  3.67249   1.000 19.50007 ?  132 TRP A CH2 1 
ATOM   286  N N   . PRO A 1 37 ? -4.39652  1.92047   7.49928   1.000 24.85216 ?  133 PRO A N   1 
ATOM   287  C CA  . PRO A 1 37 ? -4.96072  3.23208   7.84208   1.000 23.41687 ?  133 PRO A CA  1 
ATOM   288  C C   . PRO A 1 37 ? -6.08442  3.63468   6.89870   1.000 21.39584 ?  133 PRO A C   1 
ATOM   289  O O   . PRO A 1 37 ? -6.31168  3.03096   5.84889   1.000 18.95741 ?  133 PRO A O   1 
ATOM   290  C CB  . PRO A 1 37 ? -3.76094  4.17285   7.71306   1.000 19.05056 ?  133 PRO A CB  1 
ATOM   291  C CG  . PRO A 1 37 ? -2.87597  3.49337   6.72191   1.000 28.11853 ?  133 PRO A CG  1 
ATOM   292  C CD  . PRO A 1 37 ? -2.99994  2.03270   7.04182   1.000 24.78201 ?  133 PRO A CD  1 
ATOM   293  N N   . GLU A 1 38 ? -6.80199  4.68738   7.30651   1.000 24.62731 ?  134 GLU A N   1 
ATOM   294  C CA  . GLU A 1 38 ? -7.88771  5.21470   6.48581   1.000 26.53892 ?  134 GLU A CA  1 
ATOM   295  C C   . GLU A 1 38 ? -7.37771  5.73259   5.14883   1.000 24.56289 ?  134 GLU A C   1 
ATOM   296  O O   . GLU A 1 38 ? -8.10100  5.68397   4.14848   1.000 22.26038 ?  134 GLU A O   1 
ATOM   297  C CB  . GLU A 1 38 ? -8.62805  6.32466   7.23541   1.000 26.09911 ?  134 GLU A CB  1 
ATOM   298  C CG  . GLU A 1 38 ? -9.40139  5.86308   8.46382   1.000 27.51062 ?  134 GLU A CG  1 
ATOM   299  C CD  . GLU A 1 38 ? -10.66681 5.10153   8.10684   1.000 29.40097 ?  134 GLU A CD  1 
ATOM   300  O OE1 . GLU A 1 38 ? -11.26685 5.40507   7.05449   1.000 24.73695 ?  134 GLU A OE1 1 
ATOM   301  O OE2 . GLU A 1 38 ? -11.07734 4.21416   8.88580   1.000 23.70593 ?  134 GLU A OE2 1 
ATOM   302  N N   . THR A 1 39 ? -6.13791  6.22191   5.10558   1.000 22.90103 ?  135 THR A N   1 
ATOM   303  C CA  . THR A 1 39 ? -5.56172  6.69570   3.85375   1.000 25.42632 ?  135 THR A CA  1 
ATOM   304  C C   . THR A 1 39 ? -5.32861  5.57199   2.85037   1.000 20.92237 ?  135 THR A C   1 
ATOM   305  O O   . THR A 1 39 ? -5.01990  5.85691   1.68845   1.000 23.75076 ?  135 THR A O   1 
ATOM   306  C CB  . THR A 1 39 ? -4.24494  7.43003   4.12828   1.000 26.96180 ?  135 THR A CB  1 
ATOM   307  O OG1 . THR A 1 39 ? -3.40455  6.61668   4.95932   1.000 27.14027 ?  135 THR A OG1 1 
ATOM   308  C CG2 . THR A 1 39 ? -4.50922  8.76082   4.82378   1.000 29.04777 ?  135 THR A CG2 1 
ATOM   309  N N   . ALA A 1 40 ? -5.46890  4.31422   3.26308   1.000 22.14984 ?  136 ALA A N   1 
ATOM   310  C CA  . ALA A 1 40 ? -5.28887  3.17265   2.37703   1.000 24.91042 ?  136 ALA A CA  1 
ATOM   311  C C   . ALA A 1 40 ? -6.59714  2.67445   1.78118   1.000 22.34525 ?  136 ALA A C   1 
ATOM   312  O O   . ALA A 1 40 ? -6.59295  1.65166   1.08790   1.000 23.59052 ?  136 ALA A O   1 
ATOM   313  C CB  . ALA A 1 40 ? -4.60101  2.02611   3.12507   1.000 21.41707 ?  136 ALA A CB  1 
ATOM   314  N N   . ASN A 1 41 ? -7.70571  3.36491   2.04274   1.000 21.29757 ?  137 ASN A N   1 
ATOM   315  C CA  . ASN A 1 41 ? -9.00630  2.94002   1.54259   1.000 24.88261 ?  137 ASN A CA  1 
ATOM   316  C C   . ASN A 1 41 ? -9.01153  2.90179   0.01793   1.000 23.47035 ?  137 ASN A C   1 
ATOM   317  O O   . ASN A 1 41 ? -8.39870  3.74449   -0.64411  1.000 21.13538 ?  137 ASN A O   1 
ATOM   318  C CB  . ASN A 1 41 ? -10.09477 3.88820   2.05160   1.000 22.24326 ?  137 ASN A CB  1 
ATOM   319  C CG  . ASN A 1 41 ? -10.32203 3.77366   3.55143   1.000 26.83117 ?  137 ASN A CG  1 
ATOM   320  O OD1 . ASN A 1 41 ? -9.71682  2.93898   4.22453   1.000 24.39299 ?  137 ASN A OD1 1 
ATOM   321  N ND2 . ASN A 1 41 ? -11.18703 4.63205   4.08405   1.000 20.46734 ?  137 ASN A ND2 1 
ATOM   322  N N   . THR A 1 42 ? -9.70480  1.90918   -0.54236  1.000 23.45473 ?  138 THR A N   1 
ATOM   323  C CA  . THR A 1 42 ? -9.76311  1.72267   -1.98540  1.000 21.04519 ?  138 THR A CA  1 
ATOM   324  C C   . THR A 1 42 ? -11.18478 1.40874   -2.43516  1.000 24.39865 ?  138 THR A C   1 
ATOM   325  O O   . THR A 1 42 ? -11.99388 0.86595   -1.67714  1.000 23.94361 ?  138 THR A O   1 
ATOM   326  C CB  . THR A 1 42 ? -8.82947  0.58969   -2.45744  1.000 22.25217 ?  138 THR A CB  1 
ATOM   327  O OG1 . THR A 1 42 ? -9.21633  -0.64654  -1.84082  1.000 23.82310 ?  138 THR A OG1 1 
ATOM   328  C CG2 . THR A 1 42 ? -7.37467  0.89930   -2.12589  1.000 21.95879 ?  138 THR A CG2 1 
ATOM   329  N N   . TRP A 1 43 ? -11.47338 1.75993   -3.68756  1.000 24.47631 ?  139 TRP A N   1 
ATOM   330  C CA  . TRP A 1 43 ? -12.73318 1.42241   -4.33890  1.000 23.03881 ?  139 TRP A CA  1 
ATOM   331  C C   . TRP A 1 43 ? -12.57050 0.11058   -5.09886  1.000 23.26289 ?  139 TRP A C   1 
ATOM   332  O O   . TRP A 1 43 ? -11.66422 -0.02289  -5.92819  1.000 26.52665 ?  139 TRP A O   1 
ATOM   333  C CB  . TRP A 1 43 ? -13.15908 2.53204   -5.30274  1.000 23.73327 ?  139 TRP A CB  1 
ATOM   334  C CG  . TRP A 1 43 ? -13.57112 3.81799   -4.64771  1.000 29.05988 ?  139 TRP A CG  1 
ATOM   335  C CD1 . TRP A 1 43 ? -12.77684 4.89699   -4.38753  1.000 27.96468 ?  139 TRP A CD1 1 
ATOM   336  C CD2 . TRP A 1 43 ? -14.88495 4.17023   -4.19999  1.000 25.90932 ?  139 TRP A CD2 1 
ATOM   337  N NE1 . TRP A 1 43 ? -13.51216 5.89312   -3.79264  1.000 24.14251 ?  139 TRP A NE1 1 
ATOM   338  C CE2 . TRP A 1 43 ? -14.80981 5.47173   -3.66628  1.000 24.60252 ?  139 TRP A CE2 1 
ATOM   339  C CE3 . TRP A 1 43 ? -16.11556 3.50776   -4.19052  1.000 25.38264 ?  139 TRP A CE3 1 
ATOM   340  C CZ2 . TRP A 1 43 ? -15.91802 6.12398   -3.13010  1.000 24.63612 ?  139 TRP A CZ2 1 
ATOM   341  C CZ3 . TRP A 1 43 ? -17.21477 4.15659   -3.65876  1.000 24.66581 ?  139 TRP A CZ3 1 
ATOM   342  C CH2 . TRP A 1 43 ? -17.10891 5.45122   -3.13569  1.000 30.01441 ?  139 TRP A CH2 1 
ATOM   343  N N   . GLU A 1 44 ? -13.45030 -0.85245  -4.82368  1.000 22.72756 ?  140 GLU A N   1 
ATOM   344  C CA  . GLU A 1 44 ? -13.31893 -2.17997  -5.40675  1.000 23.73095 ?  140 GLU A CA  1 
ATOM   345  C C   . GLU A 1 44 ? -14.63746 -2.67776  -5.97567  1.000 25.91330 ?  140 GLU A C   1 
ATOM   346  O O   . GLU A 1 44 ? -15.69891 -2.47285  -5.37230  1.000 27.82772 ?  140 GLU A O   1 
ATOM   347  C CB  . GLU A 1 44 ? -12.80511 -3.18948  -4.36400  1.000 24.10793 ?  140 GLU A CB  1 
ATOM   348  C CG  . GLU A 1 44 ? -11.56535 -2.75557  -3.59287  1.000 17.94632 ?  140 GLU A CG  1 
ATOM   349  C CD  . GLU A 1 44 ? -10.31445 -2.73208  -4.45495  1.000 21.32670 ?  140 GLU A CD  1 
ATOM   350  O OE1 . GLU A 1 44 ? -10.38056 -3.16348  -5.62593  1.000 23.36629 ?  140 GLU A OE1 1 
ATOM   351  O OE2 . GLU A 1 44 ? -9.26038  -2.27903  -3.96112  1.000 22.92857 ?  140 GLU A OE2 1 
ATOM   352  N N   . PRO A 1 45 ? -14.60503 -3.33920  -7.13029  1.000 28.12037 ?  141 PRO A N   1 
ATOM   353  C CA  . PRO A 1 45 ? -15.78801 -4.05751  -7.60641  1.000 29.04956 ?  141 PRO A CA  1 
ATOM   354  C C   . PRO A 1 45 ? -16.03759 -5.31027  -6.77803  1.000 31.58351 ?  141 PRO A C   1 
ATOM   355  O O   . PRO A 1 45 ? -15.17704 -5.77877  -6.02915  1.000 25.64461 ?  141 PRO A O   1 
ATOM   356  C CB  . PRO A 1 45 ? -15.42789 -4.39694  -9.05415  1.000 30.28316 ?  141 PRO A CB  1 
ATOM   357  C CG  . PRO A 1 45 ? -13.93492 -4.56597  -9.00856  1.000 31.65108 ?  141 PRO A CG  1 
ATOM   358  C CD  . PRO A 1 45 ? -13.45237 -3.51242  -8.03462  1.000 30.53105 ?  141 PRO A CD  1 
ATOM   359  N N   . LEU A 1 46 ? -17.25202 -5.84778  -6.92260  1.000 24.76301 ?  142 LEU A N   1 
ATOM   360  C CA  . LEU A 1 46 ? -17.69152 -6.95260  -6.07247  1.000 28.70483 ?  142 LEU A CA  1 
ATOM   361  C C   . LEU A 1 46 ? -16.79141 -8.17446  -6.21543  1.000 23.89280 ?  142 LEU A C   1 
ATOM   362  O O   . LEU A 1 46 ? -16.54283 -8.88826  -5.23590  1.000 28.55526 ?  142 LEU A O   1 
ATOM   363  C CB  . LEU A 1 46 ? -19.13962 -7.31705  -6.39990  1.000 26.39045 ?  142 LEU A CB  1 
ATOM   364  C CG  . LEU A 1 46 ? -19.78923 -8.32449  -5.45160  1.000 28.63392 ?  142 LEU A CG  1 
ATOM   365  C CD1 . LEU A 1 46 ? -19.65494 -7.86622  -4.01417  1.000 32.54649 ?  142 LEU A CD1 1 
ATOM   366  C CD2 . LEU A 1 46 ? -21.25032 -8.53014  -5.81033  1.000 32.59421 ?  142 LEU A CD2 1 
ATOM   367  N N   . GLU A 1 47 ? -16.28526 -8.42396  -7.42606  1.000 29.34638 ?  143 GLU A N   1 
ATOM   368  C CA  . GLU A 1 47 ? -15.50052 -9.62891  -7.67863  1.000 30.10315 ?  143 GLU A CA  1 
ATOM   369  C C   . GLU A 1 47 ? -14.20854 -9.63668  -6.87320  1.000 28.47087 ?  143 GLU A C   1 
ATOM   370  O O   . GLU A 1 47 ? -13.71425 -10.70867 -6.51131  1.000 32.95370 ?  143 GLU A O   1 
ATOM   371  C CB  . GLU A 1 47 ? -15.21097 -9.74915  -9.17735  1.000 31.12924 ?  143 GLU A CB  1 
ATOM   372  C CG  . GLU A 1 47 ? -14.48102 -8.52477  -9.73001  1.000 33.53518 ?  143 GLU A CG  1 
ATOM   373  C CD  . GLU A 1 47 ? -15.41582 -7.58404  -10.45647 1.000 42.35542 ?  143 GLU A CD  1 
ATOM   374  O OE1 . GLU A 1 47 ? -16.59170 -7.51322  -10.03898 1.000 38.52312 ?  143 GLU A OE1 1 
ATOM   375  O OE2 . GLU A 1 47 ? -14.98468 -6.87953  -11.39419 1.000 51.97064 ?  143 GLU A OE2 1 
ATOM   376  N N   . ASN A 1 48 ? -13.66234 -8.46056  -6.55369  1.000 27.45273 ?  144 ASN A N   1 
ATOM   377  C CA  . ASN A 1 48 ? -12.45929 -8.42011  -5.72799  1.000 27.30383 ?  144 ASN A CA  1 
ATOM   378  C C   . ASN A 1 48 ? -12.76548 -8.75065  -4.27227  1.000 27.27302 ?  144 ASN A C   1 
ATOM   379  O O   . ASN A 1 48 ? -11.88509 -9.22874  -3.54787  1.000 29.30624 ?  144 ASN A O   1 
ATOM   380  C CB  . ASN A 1 48 ? -11.79036 -7.04729  -5.82646  1.000 22.61312 ?  144 ASN A CB  1 
ATOM   381  C CG  . ASN A 1 48 ? -11.12659 -6.81694  -7.16966  1.000 29.28151 ?  144 ASN A CG  1 
ATOM   382  O OD1 . ASN A 1 48 ? -11.07565 -7.71271  -8.01225  1.000 30.78457 ?  144 ASN A OD1 1 
ATOM   383  N ND2 . ASN A 1 48 ? -10.60786 -5.61132  -7.37392  1.000 29.18296 ?  144 ASN A ND2 1 
ATOM   384  N N   . LEU A 1 49 ? -14.00148 -8.51961  -3.83334  1.000 24.91791 ?  145 LEU A N   1 
ATOM   385  C CA  . LEU A 1 49 ? -14.36514 -8.67736  -2.43071  1.000 21.77000 ?  145 LEU A CA  1 
ATOM   386  C C   . LEU A 1 49 ? -14.97238 -10.03726 -2.12166  1.000 28.13821 ?  145 LEU A C   1 
ATOM   387  O O   . LEU A 1 49 ? -14.95409 -10.46501 -0.96116  1.000 30.73148 ?  145 LEU A O   1 
ATOM   388  C CB  . LEU A 1 49 ? -15.36276 -7.58904  -2.01759  1.000 28.11409 ?  145 LEU A CB  1 
ATOM   389  C CG  . LEU A 1 49 ? -14.90656 -6.14814  -1.76185  1.000 28.19527 ?  145 LEU A CG  1 
ATOM   390  C CD1 . LEU A 1 49 ? -13.42498 -5.93509  -2.04952  1.000 23.94290 ?  145 LEU A CD1 1 
ATOM   391  C CD2 . LEU A 1 49 ? -15.76008 -5.18578  -2.58040  1.000 25.69953 ?  145 LEU A CD2 1 
ATOM   392  N N   . GLN A 1 50 ? -15.50677 -10.72692 -3.12699  1.000 32.64899 ?  146 GLN A N   1 
ATOM   393  C CA  . GLN A 1 50 ? -16.33345 -11.90688 -2.90222  1.000 44.80103 ?  146 GLN A CA  1 
ATOM   394  C C   . GLN A 1 50 ? -16.00584 -12.96178 -3.94585  1.000 37.73167 ?  146 GLN A C   1 
ATOM   395  O O   . GLN A 1 50 ? -16.18750 -12.72638 -5.14417  1.000 37.40475 ?  146 GLN A O   1 
ATOM   396  C CB  . GLN A 1 50 ? -17.81938 -11.53813 -2.96298  1.000 38.94843 ?  146 GLN A CB  1 
ATOM   397  C CG  . GLN A 1 50 ? -18.69024 -12.19708 -1.90631  1.000 45.37437 ?  146 GLN A CG  1 
ATOM   398  C CD  . GLN A 1 50 ? -20.17059 -12.02158 -2.19066  1.000 38.01290 ?  146 GLN A CD  1 
ATOM   399  O OE1 . GLN A 1 50 ? -20.56596 -11.71313 -3.31534  1.000 36.86158 ?  146 GLN A OE1 1 
ATOM   400  N NE2 . GLN A 1 50 ? -20.99574 -12.19798 -1.16550  1.000 43.94005 ?  146 GLN A NE2 1 
ATOM   401  N N   . SER A 1 51 ? -15.53580 -14.12106 -3.49425  1.000 38.90821 ?  147 SER A N   1 
ATOM   402  C CA  . SER A 1 51 ? -15.31715 -15.23311 -4.40320  1.000 41.79147 ?  147 SER A CA  1 
ATOM   403  C C   . SER A 1 51 ? -16.61489 -16.00821 -4.60839  1.000 48.47295 ?  147 SER A C   1 
ATOM   404  O O   . SER A 1 51 ? -17.58327 -15.86285 -3.85731  1.000 45.28156 ?  147 SER A O   1 
ATOM   405  C CB  . SER A 1 51 ? -14.22906 -16.16922 -3.87299  1.000 45.65719 ?  147 SER A CB  1 
ATOM   406  O OG  . SER A 1 51 ? -14.60348 -16.75052 -2.63640  1.000 44.90744 ?  147 SER A OG  1 
ATOM   407  N N   . ILE A 1 52 ? -16.62726 -16.83623 -5.65492  1.000 54.63122 ?  148 ILE A N   1 
ATOM   408  C CA  . ILE A 1 52 ? -17.76814 -17.71840 -5.88357  1.000 52.85307 ?  148 ILE A CA  1 
ATOM   409  C C   . ILE A 1 52 ? -17.94298 -18.66585 -4.70564  1.000 44.74525 ?  148 ILE A C   1 
ATOM   410  O O   . ILE A 1 52 ? -19.06679 -18.91888 -4.25154  1.000 45.69254 ?  148 ILE A O   1 
ATOM   411  C CB  . ILE A 1 52 ? -17.59793 -18.48470 -7.20955  1.000 53.45172 ?  148 ILE A CB  1 
ATOM   412  C CG1 . ILE A 1 52 ? -17.73378 -17.53481 -8.39925  1.000 55.69769 ?  148 ILE A CG1 1 
ATOM   413  C CG2 . ILE A 1 52 ? -18.61783 -19.60799 -7.32161  1.000 61.13865 ?  148 ILE A CG2 1 
ATOM   414  C CD1 . ILE A 1 52 ? -17.27229 -18.13170 -9.70929  1.000 61.31379 ?  148 ILE A CD1 1 
ATOM   415  N N   . ALA A 1 53 ? -16.83246 -19.19693 -4.18438  1.000 47.14166 ?  149 ALA A N   1 
ATOM   416  C CA  . ALA A 1 53 ? -16.89832 -20.07202 -3.01962  1.000 47.28463 ?  149 ALA A CA  1 
ATOM   417  C C   . ALA A 1 53 ? -17.53896 -19.36967 -1.83030  1.000 46.56307 ?  149 ALA A C   1 
ATOM   418  O O   . ALA A 1 53 ? -18.33786 -19.97064 -1.10327  1.000 43.14623 ?  149 ALA A O   1 
ATOM   419  C CB  . ALA A 1 53 ? -15.49927 -20.56899 -2.65937  1.000 45.98112 ?  149 ALA A CB  1 
ATOM   420  N N   . ASP A 1 54 ? -17.19829 -18.09577 -1.61685  1.000 40.47089 ?  150 ASP A N   1 
ATOM   421  C CA  . ASP A 1 54 ? -17.82520 -17.32596 -0.54563  1.000 44.71146 ?  150 ASP A CA  1 
ATOM   422  C C   . ASP A 1 54 ? -19.34076 -17.30911 -0.70064  1.000 41.08531 ?  150 ASP A C   1 
ATOM   423  O O   . ASP A 1 54 ? -20.07928 -17.56131 0.25870   1.000 47.39812 ?  150 ASP A O   1 
ATOM   424  C CB  . ASP A 1 54 ? -17.27699 -15.89613 -0.53012  1.000 44.65449 ?  150 ASP A CB  1 
ATOM   425  C CG  . ASP A 1 54 ? -15.82730 -15.82734 -0.09129  1.000 47.28982 ?  150 ASP A CG  1 
ATOM   426  O OD1 . ASP A 1 54 ? -15.42654 -16.64034 0.76644   1.000 48.77342 ?  150 ASP A OD1 1 
ATOM   427  O OD2 . ASP A 1 54 ? -15.08607 -14.96616 -0.61291  1.000 53.91103 -1 150 ASP A OD2 1 
ATOM   428  N N   . VAL A 1 55 ? -19.81873 -17.02378 -1.91456  1.000 37.64964 ?  151 VAL A N   1 
ATOM   429  C CA  . VAL A 1 55 ? -21.25560 -16.92273 -2.16548  1.000 37.86893 ?  151 VAL A CA  1 
ATOM   430  C C   . VAL A 1 55 ? -21.94732 -18.24989 -1.88104  1.000 38.37041 ?  151 VAL A C   1 
ATOM   431  O O   . VAL A 1 55 ? -22.99589 -18.29798 -1.22509  1.000 38.92326 ?  151 VAL A O   1 
ATOM   432  C CB  . VAL A 1 55 ? -21.50911 -16.45585 -3.61031  1.000 33.02041 ?  151 VAL A CB  1 
ATOM   433  C CG1 . VAL A 1 55 ? -22.99613 -16.32870 -3.87862  1.000 41.69670 ?  151 VAL A CG1 1 
ATOM   434  C CG2 . VAL A 1 55 ? -20.81104 -15.13340 -3.86191  1.000 43.49515 ?  151 VAL A CG2 1 
ATOM   435  N N   . ILE A 1 56 ? -21.36845 -19.34975 -2.36951  1.000 37.67420 ?  152 ILE A N   1 
ATOM   436  C CA  . ILE A 1 56 ? -22.00287 -20.65803 -2.22140  1.000 37.25041 ?  152 ILE A CA  1 
ATOM   437  C C   . ILE A 1 56 ? -22.04778 -21.06635 -0.75459  1.000 39.03041 ?  152 ILE A C   1 
ATOM   438  O O   . ILE A 1 56 ? -23.09894 -21.45943 -0.23484  1.000 41.50100 ?  152 ILE A O   1 
ATOM   439  C CB  . ILE A 1 56 ? -21.27512 -21.70805 -3.07990  1.000 37.29152 ?  152 ILE A CB  1 
ATOM   440  C CG1 . ILE A 1 56 ? -21.67104 -21.54869 -4.55235  1.000 38.59555 ?  152 ILE A CG1 1 
ATOM   441  C CG2 . ILE A 1 56 ? -21.58922 -23.10911 -2.59517  1.000 48.74829 ?  152 ILE A CG2 1 
ATOM   442  C CD1 . ILE A 1 56 ? -20.75433 -22.26195 -5.51574  1.000 46.99712 ?  152 ILE A CD1 1 
ATOM   443  N N   . ASP A 1 57 ? -20.90540 -20.98614 -0.06483  1.000 42.41731 ?  153 ASP A N   1 
ATOM   444  C CA  . ASP A 1 57 ? -20.88439 -21.30312 1.36096   1.000 41.88838 ?  153 ASP A CA  1 
ATOM   445  C C   . ASP A 1 57 ? -21.89130 -20.45786 2.13218   1.000 44.32770 ?  153 ASP A C   1 
ATOM   446  O O   . ASP A 1 57 ? -22.62592 -20.97954 2.97928   1.000 50.12853 ?  153 ASP A O   1 
ATOM   447  C CB  . ASP A 1 57 ? -19.47621 -21.11878 1.93657   1.000 48.18589 ?  153 ASP A CB  1 
ATOM   448  C CG  . ASP A 1 57 ? -18.51028 -22.20428 1.48733   1.000 48.22995 ?  153 ASP A CG  1 
ATOM   449  O OD1 . ASP A 1 57 ? -18.98119 -23.23148 0.95732   1.000 51.76447 ?  153 ASP A OD1 1 
ATOM   450  O OD2 . ASP A 1 57 ? -17.28513 -22.04407 1.68736   1.000 60.06678 -1 153 ASP A OD2 1 
ATOM   451  N N   . ALA A 1 58 ? -21.94631 -19.15297 1.85041   1.000 40.32697 ?  154 ALA A N   1 
ATOM   452  C CA  . ALA A 1 58 ? -22.92029 -18.29816 2.52317   1.000 46.37403 ?  154 ALA A CA  1 
ATOM   453  C C   . ALA A 1 58 ? -24.34454 -18.76838 2.25446   1.000 47.23820 ?  154 ALA A C   1 
ATOM   454  O O   . ALA A 1 58 ? -25.18536 -18.78353 3.16143   1.000 53.83881 ?  154 ALA A O   1 
ATOM   455  C CB  . ALA A 1 58 ? -22.74097 -16.84697 2.08062   1.000 40.52477 ?  154 ALA A CB  1 
ATOM   456  N N   . PHE A 1 59 ? -24.62953 -19.16854 1.01464   1.000 45.20427 ?  155 PHE A N   1 
ATOM   457  C CA  . PHE A 1 59 ? -25.96110 -19.66066 0.67752   1.000 41.63204 ?  155 PHE A CA  1 
ATOM   458  C C   . PHE A 1 59 ? -26.26916 -20.96179 1.40747   1.000 44.54563 ?  155 PHE A C   1 
ATOM   459  O O   . PHE A 1 59 ? -27.31044 -21.09021 2.06120   1.000 52.00906 ?  155 PHE A O   1 
ATOM   460  C CB  . PHE A 1 59 ? -26.07697 -19.85472 -0.83503  1.000 39.00393 ?  155 PHE A CB  1 
ATOM   461  C CG  . PHE A 1 59 ? -27.37986 -20.46174 -1.26899  1.000 44.47258 ?  155 PHE A CG  1 
ATOM   462  C CD1 . PHE A 1 59 ? -28.53787 -19.70185 -1.30623  1.000 44.19197 ?  155 PHE A CD1 1 
ATOM   463  C CD2 . PHE A 1 59 ? -27.44807 -21.79729 -1.62926  1.000 41.00252 ?  155 PHE A CD2 1 
ATOM   464  C CE1 . PHE A 1 59 ? -29.73738 -20.26385 -1.70281  1.000 42.40735 ?  155 PHE A CE1 1 
ATOM   465  C CE2 . PHE A 1 59 ? -28.64300 -22.36347 -2.02438  1.000 44.38954 ?  155 PHE A CE2 1 
ATOM   466  C CZ  . PHE A 1 59 ? -29.78865 -21.59628 -2.06045  1.000 39.34903 ?  155 PHE A CZ  1 
ATOM   467  N N   . GLU A 1 60 ? -25.36537 -21.94007 1.30838   1.000 38.15194 ?  156 GLU A N   1 
ATOM   468  C CA  . GLU A 1 60 ? -25.62131 -23.26135 1.87430   1.000 49.71578 ?  156 GLU A CA  1 
ATOM   469  C C   . GLU A 1 60 ? -25.75484 -23.21645 3.39127   1.000 55.06542 ?  156 GLU A C   1 
ATOM   470  O O   . GLU A 1 60 ? -26.39143 -24.09487 3.98435   1.000 46.38722 ?  156 GLU A O   1 
ATOM   471  C CB  . GLU A 1 60 ? -24.50273 -24.22355 1.47055   1.000 42.87630 ?  156 GLU A CB  1 
ATOM   472  C CG  . GLU A 1 60 ? -24.45645 -24.53075 -0.01894  1.000 39.76042 ?  156 GLU A CG  1 
ATOM   473  C CD  . GLU A 1 60 ? -23.34777 -25.49775 -0.37905  1.000 38.13936 ?  156 GLU A CD  1 
ATOM   474  O OE1 . GLU A 1 60 ? -22.51559 -25.79854 0.50205   1.000 41.98561 ?  156 GLU A OE1 1 
ATOM   475  O OE2 . GLU A 1 60 ? -23.30531 -25.95316 -1.54158  1.000 32.77468 -1 156 GLU A OE2 1 
ATOM   476  N N   . GLY A 1 61 ? -25.17214 -22.20883 4.03384   1.000 51.35754 ?  157 GLY A N   1 
ATOM   477  C CA  . GLY A 1 61 ? -25.20444 -22.12013 5.47996   1.000 52.51009 ?  157 GLY A CA  1 
ATOM   478  C C   . GLY A 1 61 ? -26.41495 -21.39320 6.02784   1.000 50.86605 ?  157 GLY A C   1 
ATOM   479  O O   . GLY A 1 61 ? -26.74731 -21.53643 7.20826   1.000 55.94044 ?  157 GLY A O   1 
ATOM   480  N N   . SER A 1 62 ? -27.08269 -20.61290 5.18332   1.000 56.44118 ?  158 SER A N   1 
ATOM   481  C CA  . SER A 1 62 ? -28.23287 -19.82304 5.61256   1.000 56.78629 ?  158 SER A CA  1 
ATOM   482  C C   . SER A 1 62 ? -29.43312 -20.70981 5.92830   1.000 54.85007 ?  158 SER A C   1 
ATOM   483  O O   . SER A 1 62 ? -29.43265 -21.90190 5.62514   1.000 56.10236 ?  158 SER A O   1 
ATOM   484  C CB  . SER A 1 62 ? -28.60534 -18.79485 4.54135   1.000 58.36169 ?  158 SER A CB  1 
ATOM   485  O OG  . SER A 1 62 ? -28.92411 -19.42735 3.31369   1.000 64.81623 ?  158 SER A OG  1 
ATOM   486  N N   . PRO B 1 5  ? 10.76499  1.38670   -10.35429 1.000 73.22023 ?  101 PRO B N   1 
ATOM   487  C CA  . PRO B 1 5  ? 10.99744  2.81008   -10.11859 1.000 64.95126 ?  101 PRO B CA  1 
ATOM   488  C C   . PRO B 1 5  ? 9.71546   3.62215   -9.94961  1.000 55.77276 ?  101 PRO B C   1 
ATOM   489  O O   . PRO B 1 5  ? 9.78203   4.84979   -9.91283  1.000 54.29421 ?  101 PRO B O   1 
ATOM   490  C CB  . PRO B 1 5  ? 11.74600  3.22647   -11.37946 1.000 74.45686 ?  101 PRO B CB  1 
ATOM   491  C CG  . PRO B 1 5  ? 12.59515  2.00853   -11.69885 1.000 80.49491 ?  101 PRO B CG  1 
ATOM   492  C CD  . PRO B 1 5  ? 11.89217  0.79071   -11.09399 1.000 80.49249 ?  101 PRO B CD  1 
ATOM   493  N N   . LYS B 1 6  ? 8.57046   2.94938   -9.85153  1.000 54.48922 ?  102 LYS B N   1 
ATOM   494  C CA  . LYS B 1 6  ? 7.30461   3.64244   -9.65381  1.000 39.19459 ?  102 LYS B CA  1 
ATOM   495  C C   . LYS B 1 6  ? 7.13661   4.01888   -8.18730  1.000 31.34506 ?  102 LYS B C   1 
ATOM   496  O O   . LYS B 1 6  ? 7.27744   3.17308   -7.29793  1.000 29.45014 ?  102 LYS B O   1 
ATOM   497  C CB  . LYS B 1 6  ? 6.13033   2.77628   -10.10891 1.000 45.09817 ?  102 LYS B CB  1 
ATOM   498  C CG  . LYS B 1 6  ? 5.80374   2.87786   -11.59156 1.000 49.12369 ?  102 LYS B CG  1 
ATOM   499  C CD  . LYS B 1 6  ? 5.40959   1.52561   -12.16030 1.000 57.15736 ?  102 LYS B CD  1 
ATOM   500  C CE  . LYS B 1 6  ? 6.12296   1.22863   -13.46322 1.000 59.62885 ?  102 LYS B CE  1 
ATOM   501  N NZ  . LYS B 1 6  ? 6.11490   -0.23114  -13.75284 1.000 60.72068 ?  102 LYS B NZ  1 
ATOM   502  N N   . LEU B 1 7  ? 6.82335   5.28574   -7.93832  1.000 25.49263 ?  103 LEU B N   1 
ATOM   503  C CA  . LEU B 1 7  ? 6.66272   5.79715   -6.58609  1.000 28.70869 ?  103 LEU B CA  1 
ATOM   504  C C   . LEU B 1 7  ? 5.19048   5.87858   -6.20826  1.000 31.47408 ?  103 LEU B C   1 
ATOM   505  O O   . LEU B 1 7  ? 4.34284   6.23922   -7.03044  1.000 32.91222 ?  103 LEU B O   1 
ATOM   506  C CB  . LEU B 1 7  ? 7.29891   7.18186   -6.44425  1.000 26.65929 ?  103 LEU B CB  1 
ATOM   507  C CG  . LEU B 1 7  ? 8.81648   7.29203   -6.57521  1.000 25.81771 ?  103 LEU B CG  1 
ATOM   508  C CD1 . LEU B 1 7  ? 9.25595   8.72755   -6.33000  1.000 36.72088 ?  103 LEU B CD1 1 
ATOM   509  C CD2 . LEU B 1 7  ? 9.49937   6.34555   -5.60355  1.000 21.79992 ?  103 LEU B CD2 1 
ATOM   510  N N   . ASP B 1 8  ? 4.89463   5.53339   -4.95830  1.000 24.81952 ?  104 ASP B N   1 
ATOM   511  C CA  . ASP B 1 8  ? 3.61633   5.90591   -4.37290  1.000 22.19737 ?  104 ASP B CA  1 
ATOM   512  C C   . ASP B 1 8  ? 3.49681   7.42481   -4.38212  1.000 23.97284 ?  104 ASP B C   1 
ATOM   513  O O   . ASP B 1 8  ? 4.46135   8.13873   -4.09563  1.000 28.17717 ?  104 ASP B O   1 
ATOM   514  C CB  . ASP B 1 8  ? 3.50930   5.36060   -2.94644  1.000 24.78684 ?  104 ASP B CB  1 
ATOM   515  C CG  . ASP B 1 8  ? 2.14639   5.59925   -2.32594  1.000 27.11501 ?  104 ASP B CG  1 
ATOM   516  O OD1 . ASP B 1 8  ? 1.76230   6.77119   -2.13882  1.000 24.42264 ?  104 ASP B OD1 1 
ATOM   517  O OD2 . ASP B 1 8  ? 1.45511   4.60309   -2.02386  1.000 30.65813 ?  104 ASP B OD2 1 
ATOM   518  N N   . GLU B 1 9  ? 2.30962   7.92669   -4.72784  1.000 23.03481 ?  105 GLU B N   1 
ATOM   519  C CA  . GLU B 1 9  ? 2.17337   9.36568   -4.93220  1.000 25.46199 ?  105 GLU B CA  1 
ATOM   520  C C   . GLU B 1 9  ? 2.28380   10.16593  -3.63860  1.000 26.03631 ?  105 GLU B C   1 
ATOM   521  O O   . GLU B 1 9  ? 2.45803   11.38850  -3.69894  1.000 27.30192 ?  105 GLU B O   1 
ATOM   522  C CB  . GLU B 1 9  ? 0.84500   9.69042   -5.62097  1.000 27.00866 ?  105 GLU B CB  1 
ATOM   523  C CG  . GLU B 1 9  ? 0.77327   9.26343   -7.07763  1.000 30.19770 ?  105 GLU B CG  1 
ATOM   524  C CD  . GLU B 1 9  ? -0.50817  9.71502   -7.75106  1.000 33.82944 ?  105 GLU B CD  1 
ATOM   525  O OE1 . GLU B 1 9  ? -1.54518  9.81345   -7.06097  1.000 34.69599 ?  105 GLU B OE1 1 
ATOM   526  O OE2 . GLU B 1 9  ? -0.47572  9.97702   -8.97087  1.000 36.36987 ?  105 GLU B OE2 1 
ATOM   527  N N   . GLY B 1 10 ? 2.20420   9.51389   -2.47956  1.000 27.08526 ?  106 GLY B N   1 
ATOM   528  C CA  . GLY B 1 10 ? 2.14966   10.21747  -1.21738  1.000 24.35182 ?  106 GLY B CA  1 
ATOM   529  C C   . GLY B 1 10 ? 3.51807   10.58130  -0.66155  1.000 29.26459 ?  106 GLY B C   1 
ATOM   530  O O   . GLY B 1 10 ? 4.57102   10.24377  -1.20392  1.000 28.03457 ?  106 GLY B O   1 
ATOM   531  N N   . PHE B 1 11 ? 3.48214   11.31421  0.44942   1.000 24.53050 ?  107 PHE B N   1 
ATOM   532  C CA  . PHE B 1 11 ? 4.66106   11.65311  1.23576   1.000 28.15172 ?  107 PHE B CA  1 
ATOM   533  C C   . PHE B 1 11 ? 4.56680   10.91836  2.56316   1.000 30.24676 ?  107 PHE B C   1 
ATOM   534  O O   . PHE B 1 11 ? 3.51632   10.94444  3.21207   1.000 26.75636 ?  107 PHE B O   1 
ATOM   535  C CB  . PHE B 1 11 ? 4.75685   13.16035  1.48712   1.000 27.03306 ?  107 PHE B CB  1 
ATOM   536  C CG  . PHE B 1 11 ? 5.09308   13.96528  0.26764   1.000 35.25871 ?  107 PHE B CG  1 
ATOM   537  C CD1 . PHE B 1 11 ? 6.41217   14.15705  -0.10538  1.000 31.38975 ?  107 PHE B CD1 1 
ATOM   538  C CD2 . PHE B 1 11 ? 4.09281   14.54868  -0.49375  1.000 30.76263 ?  107 PHE B CD2 1 
ATOM   539  C CE1 . PHE B 1 11 ? 6.72989   14.90512  -1.21818  1.000 28.37588 ?  107 PHE B CE1 1 
ATOM   540  C CE2 . PHE B 1 11 ? 4.40624   15.29611  -1.60822  1.000 25.87170 ?  107 PHE B CE2 1 
ATOM   541  C CZ  . PHE B 1 11 ? 5.72690   15.47784  -1.96616  1.000 32.86013 ?  107 PHE B CZ  1 
ATOM   542  N N   . TYR B 1 12 ? 5.65487   10.26987  2.97057   1.000 25.65189 ?  108 TYR B N   1 
ATOM   543  C CA  . TYR B 1 12 ? 5.62396   9.43076   4.15842   1.000 27.69276 ?  108 TYR B CA  1 
ATOM   544  C C   . TYR B 1 12 ? 6.88000   9.66256   4.98465   1.000 27.76396 ?  108 TYR B C   1 
ATOM   545  O O   . TYR B 1 12 ? 7.85793   10.25065  4.51728   1.000 33.12243 ?  108 TYR B O   1 
ATOM   546  C CB  . TYR B 1 12 ? 5.48409   7.94973   3.77880   1.000 24.92344 ?  108 TYR B CB  1 
ATOM   547  C CG  . TYR B 1 12 ? 4.31370   7.69463   2.85632   1.000 25.00413 ?  108 TYR B CG  1 
ATOM   548  C CD1 . TYR B 1 12 ? 3.01558   7.62887   3.34705   1.000 25.79769 ?  108 TYR B CD1 1 
ATOM   549  C CD2 . TYR B 1 12 ? 4.50539   7.54813   1.48868   1.000 21.12266 ?  108 TYR B CD2 1 
ATOM   550  C CE1 . TYR B 1 12 ? 1.94405   7.40834   2.50093   1.000 21.96731 ?  108 TYR B CE1 1 
ATOM   551  C CE2 . TYR B 1 12 ? 3.44204   7.32816   0.63755   1.000 19.17226 ?  108 TYR B CE2 1 
ATOM   552  C CZ  . TYR B 1 12 ? 2.16453   7.25878   1.14706   1.000 20.60056 ?  108 TYR B CZ  1 
ATOM   553  O OH  . TYR B 1 12 ? 1.10656   7.03956   0.29429   1.000 21.77142 ?  108 TYR B OH  1 
ATOM   554  N N   . GLU B 1 13 ? 6.83548   9.19238   6.22847   1.000 30.38355 ?  109 GLU B N   1 
ATOM   555  C CA  . GLU B 1 13 ? 7.92224   9.36333   7.18121   1.000 32.32020 ?  109 GLU B CA  1 
ATOM   556  C C   . GLU B 1 13 ? 8.52234   8.01041   7.54252   1.000 35.86850 ?  109 GLU B C   1 
ATOM   557  O O   . GLU B 1 13 ? 7.79688   7.03735   7.77240   1.000 27.70915 ?  109 GLU B O   1 
ATOM   558  C CB  . GLU B 1 13 ? 7.43543   10.07033  8.45177   1.000 34.38921 ?  109 GLU B CB  1 
ATOM   559  C CG  . GLU B 1 13 ? 6.82948   11.44959  8.21287   1.000 39.70081 ?  109 GLU B CG  1 
ATOM   560  C CD  . GLU B 1 13 ? 6.73013   12.27627  9.48300   1.000 52.34107 ?  109 GLU B CD  1 
ATOM   561  O OE1 . GLU B 1 13 ? 6.27250   11.73722  10.51437  1.000 48.06453 ?  109 GLU B OE1 1 
ATOM   562  O OE2 . GLU B 1 13 ? 7.11093   13.46506  9.45256   1.000 61.41047 -1 109 GLU B OE2 1 
ATOM   563  N N   . ILE B 1 14 ? 9.85201   7.95868   7.59609   1.000 33.42183 ?  110 ILE B N   1 
ATOM   564  C CA  . ILE B 1 14 ? 10.55156  6.74241   7.99579   1.000 29.34099 ?  110 ILE B CA  1 
ATOM   565  C C   . ILE B 1 14 ? 10.42121  6.57821   9.50394   1.000 30.04269 ?  110 ILE B C   1 
ATOM   566  O O   . ILE B 1 14 ? 10.76805  7.48079   10.27359  1.000 29.27762 ?  110 ILE B O   1 
ATOM   567  C CB  . ILE B 1 14 ? 12.02633  6.79395   7.57522   1.000 26.91068 ?  110 ILE B CB  1 
ATOM   568  C CG1 . ILE B 1 14 ? 12.15322  6.96106   6.06011   1.000 29.84495 ?  110 ILE B CG1 1 
ATOM   569  C CG2 . ILE B 1 14 ? 12.75425  5.53537   8.02564   1.000 34.92527 ?  110 ILE B CG2 1 
ATOM   570  C CD1 . ILE B 1 14 ? 13.53660  7.38358   5.62764   1.000 32.71994 ?  110 ILE B CD1 1 
ATOM   571  N N   . GLU B 1 15 ? 9.91553   5.42663   9.93730   1.000 29.55348 ?  111 GLU B N   1 
ATOM   572  C CA  . GLU B 1 15 ? 9.89741   5.13978   11.36608  1.000 34.23164 ?  111 GLU B CA  1 
ATOM   573  C C   . GLU B 1 15 ? 11.17681  4.44013   11.80850  1.000 36.36120 ?  111 GLU B C   1 
ATOM   574  O O   . GLU B 1 15 ? 11.77733  4.81811   12.81940  1.000 42.52064 ?  111 GLU B O   1 
ATOM   575  C CB  . GLU B 1 15 ? 8.67639   4.29096   11.73548  1.000 35.19843 ?  111 GLU B CB  1 
ATOM   576  C CG  . GLU B 1 15 ? 8.69823   3.80919   13.17899  1.000 38.28230 ?  111 GLU B CG  1 
ATOM   577  C CD  . GLU B 1 15 ? 7.46124   3.02415   13.56144  1.000 44.91536 ?  111 GLU B CD  1 
ATOM   578  O OE1 . GLU B 1 15 ? 6.40103   3.24030   12.93854  1.000 45.37731 ?  111 GLU B OE1 1 
ATOM   579  O OE2 . GLU B 1 15 ? 7.55046   2.18755   14.48393  1.000 47.42246 -1 111 GLU B OE2 1 
ATOM   580  N N   . ALA B 1 16 ? 11.61440  3.43572   11.05372  1.000 31.56980 ?  112 ALA B N   1 
ATOM   581  C CA  . ALA B 1 16 ? 12.81650  2.69969   11.40970  1.000 31.99155 ?  112 ALA B CA  1 
ATOM   582  C C   . ALA B 1 16 ? 13.37143  2.01179   10.17447  1.000 35.97528 ?  112 ALA B C   1 
ATOM   583  O O   . ALA B 1 16 ? 12.63339  1.69466   9.23842   1.000 30.88411 ?  112 ALA B O   1 
ATOM   584  C CB  . ALA B 1 16 ? 12.53664  1.67050   12.50854  1.000 29.92668 ?  112 ALA B CB  1 
ATOM   585  N N   . ILE B 1 17 ? 14.68195  1.79555   10.18324  1.000 34.30599 ?  113 ILE B N   1 
ATOM   586  C CA  . ILE B 1 17 ? 15.34302  0.97465   9.17639   1.000 32.01649 ?  113 ILE B CA  1 
ATOM   587  C C   . ILE B 1 17 ? 15.41625  -0.44905  9.70572   1.000 29.91452 ?  113 ILE B C   1 
ATOM   588  O O   . ILE B 1 17 ? 16.08929  -0.71678  10.70686  1.000 30.87300 ?  113 ILE B O   1 
ATOM   589  C CB  . ILE B 1 17 ? 16.74088  1.51110   8.83747   1.000 30.20234 ?  113 ILE B CB  1 
ATOM   590  C CG1 . ILE B 1 17 ? 16.64054  2.90973   8.22449   1.000 32.81729 ?  113 ILE B CG1 1 
ATOM   591  C CG2 . ILE B 1 17 ? 17.45727  0.55957   7.89281   1.000 28.36526 ?  113 ILE B CG2 1 
ATOM   592  C CD1 . ILE B 1 17 ? 17.98403  3.52184   7.90032   1.000 38.75486 ?  113 ILE B CD1 1 
ATOM   593  N N   . ARG B 1 18 ? 14.71499  -1.36304  9.04047   1.000 32.19192 ?  114 ARG B N   1 
ATOM   594  C CA  . ARG B 1 18 ? 14.69298  -2.74387  9.50179   1.000 29.50123 ?  114 ARG B CA  1 
ATOM   595  C C   . ARG B 1 18 ? 15.94918  -3.48442  9.07432   1.000 28.97025 ?  114 ARG B C   1 
ATOM   596  O O   . ARG B 1 18 ? 16.50844  -4.26925  9.84858   1.000 27.85911 ?  114 ARG B O   1 
ATOM   597  C CB  . ARG B 1 18 ? 13.45522  -3.45779  8.96202   1.000 32.68632 ?  114 ARG B CB  1 
ATOM   598  C CG  . ARG B 1 18 ? 12.17238  -2.99497  9.60623   1.000 30.08879 ?  114 ARG B CG  1 
ATOM   599  C CD  . ARG B 1 18 ? 12.03322  -3.56696  10.99746  1.000 35.25523 ?  114 ARG B CD  1 
ATOM   600  N NE  . ARG B 1 18 ? 10.77275  -3.17300  11.60857  1.000 28.61804 ?  114 ARG B NE  1 
ATOM   601  C CZ  . ARG B 1 18 ? 10.66924  -2.27047  12.57331  1.000 32.35918 ?  114 ARG B CZ  1 
ATOM   602  N NH1 . ARG B 1 18 ? 11.73342  -1.65632  13.06305  1.000 30.15205 ?  114 ARG B NH1 1 
ATOM   603  N NH2 . ARG B 1 18 ? 9.46751   -1.97126  13.05372  1.000 29.17250 ?  114 ARG B NH2 1 
ATOM   604  N N   . ARG B 1 19 ? 16.39838  -3.24413  7.84482   1.000 25.78875 ?  115 ARG B N   1 
ATOM   605  C CA  . ARG B 1 19 ? 17.51700  -3.96304  7.25904   1.000 28.46502 ?  115 ARG B CA  1 
ATOM   606  C C   . ARG B 1 19 ? 18.23887  -3.05479  6.27756   1.000 28.85885 ?  115 ARG B C   1 
ATOM   607  O O   . ARG B 1 19 ? 17.70984  -2.02806  5.84267   1.000 26.75389 ?  115 ARG B O   1 
ATOM   608  C CB  . ARG B 1 19 ? 17.05439  -5.22992  6.53142   1.000 25.86325 ?  115 ARG B CB  1 
ATOM   609  C CG  . ARG B 1 19 ? 16.33729  -6.25204  7.38821   1.000 26.58575 ?  115 ARG B CG  1 
ATOM   610  C CD  . ARG B 1 19 ? 16.22634  -7.55199  6.63347   1.000 23.47464 ?  115 ARG B CD  1 
ATOM   611  N NE  . ARG B 1 19 ? 17.53775  -8.11366  6.34081   1.000 30.13724 ?  115 ARG B NE  1 
ATOM   612  C CZ  . ARG B 1 19 ? 17.75995  -9.03484  5.41467   1.000 41.10831 ?  115 ARG B CZ  1 
ATOM   613  N NH1 . ARG B 1 19 ? 16.77866  -9.51943  4.67332   1.000 29.00522 ?  115 ARG B NH1 1 
ATOM   614  N NH2 . ARG B 1 19 ? 18.99817  -9.47643  5.22271   1.000 33.25134 ?  115 ARG B NH2 1 
ATOM   615  N N   . LYS B 1 20 ? 19.45611  -3.45703  5.92445   1.000 28.96045 ?  116 LYS B N   1 
ATOM   616  C CA  . LYS B 1 20 ? 20.20510  -2.83563  4.84486   1.000 20.10300 ?  116 LYS B CA  1 
ATOM   617  C C   . LYS B 1 20 ? 20.84557  -3.93354  4.01129   1.000 22.41856 ?  116 LYS B C   1 
ATOM   618  O O   . LYS B 1 20 ? 21.29598  -4.94990  4.54937   1.000 26.71962 ?  116 LYS B O   1 
ATOM   619  C CB  . LYS B 1 20 ? 21.27793  -1.87666  5.37406   1.000 29.18816 ?  116 LYS B CB  1 
ATOM   620  C CG  . LYS B 1 20 ? 22.01389  -1.10447  4.28976   1.000 26.01571 ?  116 LYS B CG  1 
ATOM   621  C CD  . LYS B 1 20 ? 23.00547  -0.13362  4.89943   1.000 40.80262 ?  116 LYS B CD  1 
ATOM   622  C CE  . LYS B 1 20 ? 24.40481  -0.71497  4.86875   1.000 33.91779 ?  116 LYS B CE  1 
ATOM   623  N NZ  . LYS B 1 20 ? 25.47253  0.32430   4.84065   1.000 38.85441 ?  116 LYS B NZ  1 
ATOM   624  N N   . ARG B 1 21 ? 20.87208  -3.73307  2.69655   1.000 21.16959 ?  117 ARG B N   1 
ATOM   625  C CA  . ARG B 1 21 ? 21.45351  -4.71492  1.79362   1.000 27.14751 ?  117 ARG B CA  1 
ATOM   626  C C   . ARG B 1 21 ? 22.02140  -4.00178  0.57628   1.000 29.68595 ?  117 ARG B C   1 
ATOM   627  O O   . ARG B 1 21 ? 21.75699  -2.82072  0.33950   1.000 25.68233 ?  117 ARG B O   1 
ATOM   628  C CB  . ARG B 1 21 ? 20.42405  -5.76304  1.35281   1.000 25.96503 ?  117 ARG B CB  1 
ATOM   629  C CG  . ARG B 1 21 ? 19.52535  -5.29016  0.21951   1.000 27.02802 ?  117 ARG B CG  1 
ATOM   630  C CD  . ARG B 1 21 ? 18.40056  -6.27285  -0.08186  1.000 29.21755 ?  117 ARG B CD  1 
ATOM   631  N NE  . ARG B 1 21 ? 17.48110  -5.73793  -1.07958  1.000 32.21768 ?  117 ARG B NE  1 
ATOM   632  C CZ  . ARG B 1 21 ? 16.39570  -6.36149  -1.51735  1.000 29.23666 ?  117 ARG B CZ  1 
ATOM   633  N NH1 . ARG B 1 21 ? 16.04351  -7.54796  -1.05219  1.000 36.37456 ?  117 ARG B NH1 1 
ATOM   634  N NH2 . ARG B 1 21 ? 15.64021  -5.77543  -2.44099  1.000 32.75995 ?  117 ARG B NH2 1 
ATOM   635  N N   . VAL B 1 22 ? 22.80990  -4.74197  -0.19855  1.000 25.61093 ?  118 VAL B N   1 
ATOM   636  C CA  . VAL B 1 22 ? 23.32814  -4.28407  -1.48312  1.000 29.20270 ?  118 VAL B CA  1 
ATOM   637  C C   . VAL B 1 22 ? 22.80304  -5.21200  -2.56667  1.000 29.89779 ?  118 VAL B C   1 
ATOM   638  O O   . VAL B 1 22 ? 23.02207  -6.42896  -2.50906  1.000 29.43059 ?  118 VAL B O   1 
ATOM   639  C CB  . VAL B 1 22 ? 24.86361  -4.23162  -1.50494  1.000 30.91752 ?  118 VAL B CB  1 
ATOM   640  C CG1 . VAL B 1 22 ? 25.35424  -3.81075  -2.87652  1.000 32.02588 ?  118 VAL B CG1 1 
ATOM   641  C CG2 . VAL B 1 22 ? 25.35753  -3.24113  -0.48419  1.000 36.13839 ?  118 VAL B CG2 1 
ATOM   642  N N   . ARG B 1 23 ? 22.10774  -4.63744  -3.54678  1.000 29.82900 ?  119 ARG B N   1 
ATOM   643  C CA  . ARG B 1 23 ? 21.61143  -5.35374  -4.71384  1.000 38.64080 ?  119 ARG B CA  1 
ATOM   644  C C   . ARG B 1 23 ? 22.07384  -4.62493  -5.96671  1.000 39.71946 ?  119 ARG B C   1 
ATOM   645  O O   . ARG B 1 23 ? 21.83292  -3.42193  -6.11464  1.000 46.92372 ?  119 ARG B O   1 
ATOM   646  C CB  . ARG B 1 23 ? 20.08109  -5.45864  -4.69598  1.000 35.37841 ?  119 ARG B CB  1 
ATOM   647  C CG  . ARG B 1 23 ? 19.48517  -6.37589  -5.76281  1.000 39.53579 ?  119 ARG B CG  1 
ATOM   648  C CD  . ARG B 1 23 ? 18.04540  -6.74452  -5.41572  1.000 41.57795 ?  119 ARG B CD  1 
ATOM   649  N NE  . ARG B 1 23 ? 17.94496  -7.88394  -4.51162  1.000 36.34523 ?  119 ARG B NE  1 
ATOM   650  C CZ  . ARG B 1 23 ? 16.80857  -8.49497  -4.20319  1.000 40.79713 ?  119 ARG B CZ  1 
ATOM   651  N NH1 . ARG B 1 23 ? 15.65017  -8.10094  -4.70754  1.000 37.60896 ?  119 ARG B NH1 1 
ATOM   652  N NH2 . ARG B 1 23 ? 16.83254  -9.51677  -3.35354  1.000 37.32143 ?  119 ARG B NH2 1 
ATOM   653  N N   . LYS B 1 24 ? 22.74414  -5.35731  -6.85540  1.000 52.48437 ?  120 LYS B N   1 
ATOM   654  C CA  . LYS B 1 24 ? 23.23953  -4.82838  -8.12828  1.000 52.23473 ?  120 LYS B CA  1 
ATOM   655  C C   . LYS B 1 24 ? 24.17765  -3.63979  -7.90697  1.000 48.32752 ?  120 LYS B C   1 
ATOM   656  O O   . LYS B 1 24 ? 24.18110  -2.67128  -8.67216  1.000 54.69507 ?  120 LYS B O   1 
ATOM   657  C CB  . LYS B 1 24 ? 22.07673  -4.45798  -9.05637  1.000 53.55057 ?  120 LYS B CB  1 
ATOM   658  C CG  . LYS B 1 24 ? 22.46204  -4.29689  -10.51932 1.000 62.21683 ?  120 LYS B CG  1 
ATOM   659  C CD  . LYS B 1 24 ? 21.72614  -5.30370  -11.37630 1.000 70.26852 ?  120 LYS B CD  1 
ATOM   660  C CE  . LYS B 1 24 ? 22.51979  -5.65187  -12.61902 1.000 72.46019 ?  120 LYS B CE  1 
ATOM   661  N NZ  . LYS B 1 24 ? 23.18548  -6.97808  -12.49333 1.000 61.37041 ?  120 LYS B NZ  1 
ATOM   662  N N   . GLY B 1 25 ? 24.97823  -3.70680  -6.84354  1.000 44.02000 ?  121 GLY B N   1 
ATOM   663  C CA  . GLY B 1 25 ? 25.90224  -2.64336  -6.50016  1.000 43.10603 ?  121 GLY B CA  1 
ATOM   664  C C   . GLY B 1 25 ? 25.28075  -1.40524  -5.89299  1.000 50.02362 ?  121 GLY B C   1 
ATOM   665  O O   . GLY B 1 25 ? 25.97900  -0.39687  -5.73272  1.000 43.28555 ?  121 GLY B O   1 
ATOM   666  N N   . LYS B 1 26 ? 23.99615  -1.44048  -5.55032  1.000 49.34475 ?  122 LYS B N   1 
ATOM   667  C CA  . LYS B 1 26 ? 23.31237  -0.30586  -4.94559  1.000 45.22481 ?  122 LYS B CA  1 
ATOM   668  C C   . LYS B 1 26 ? 22.75765  -0.68715  -3.58225  1.000 34.74541 ?  122 LYS B C   1 
ATOM   669  O O   . LYS B 1 26 ? 22.16736  -1.76038  -3.42186  1.000 33.69699 ?  122 LYS B O   1 
ATOM   670  C CB  . LYS B 1 26 ? 22.19163  0.21582   -5.84880  1.000 45.45672 ?  122 LYS B CB  1 
ATOM   671  C CG  . LYS B 1 26 ? 22.65164  0.64848   -7.23122  1.000 52.28993 ?  122 LYS B CG  1 
ATOM   672  C CD  . LYS B 1 26 ? 23.57033  1.86290   -7.12829  1.000 54.74782 ?  122 LYS B CD  1 
ATOM   673  C CE  . LYS B 1 26 ? 24.02836  2.34729   -8.49365  1.000 58.53322 ?  122 LYS B CE  1 
ATOM   674  N NZ  . LYS B 1 26 ? 23.60823  1.42460   -9.58398  1.000 69.75328 ?  122 LYS B NZ  1 
ATOM   675  N N   . VAL B 1 27 ? 22.95133  0.20122   -2.60765  1.000 28.90522 ?  123 VAL B N   1 
ATOM   676  C CA  . VAL B 1 27 ? 22.44444  -0.02145  -1.26152  1.000 27.40300 ?  123 VAL B CA  1 
ATOM   677  C C   . VAL B 1 27 ? 20.93900  0.20208   -1.23374  1.000 32.72598 ?  123 VAL B C   1 
ATOM   678  O O   . VAL B 1 27 ? 20.41112  1.11095   -1.89065  1.000 28.71425 ?  123 VAL B O   1 
ATOM   679  C CB  . VAL B 1 27 ? 23.16744  0.90641   -0.26973  1.000 28.10894 ?  123 VAL B CB  1 
ATOM   680  C CG1 . VAL B 1 27 ? 22.53993  0.82622   1.11519   1.000 23.09742 ?  123 VAL B CG1 1 
ATOM   681  C CG2 . VAL B 1 27 ? 24.65206  0.56134   -0.20856  1.000 29.95462 ?  123 VAL B CG2 1 
ATOM   682  N N   . GLN B 1 28 ? 20.23427  -0.64356  -0.48494  1.000 26.45334 ?  124 GLN B N   1 
ATOM   683  C CA  . GLN B 1 28 ? 18.80919  -0.48595  -0.24325  1.000 23.71827 ?  124 GLN B CA  1 
ATOM   684  C C   . GLN B 1 28 ? 18.52638  -0.67705  1.23869   1.000 27.35129 ?  124 GLN B C   1 
ATOM   685  O O   . GLN B 1 28 ? 19.20207  -1.45218  1.92096   1.000 27.80580 ?  124 GLN B O   1 
ATOM   686  C CB  . GLN B 1 28 ? 17.97488  -1.48148  -1.05743  1.000 26.73992 ?  124 GLN B CB  1 
ATOM   687  C CG  . GLN B 1 28 ? 18.14445  -1.36690  -2.56016  1.000 34.76282 ?  124 GLN B CG  1 
ATOM   688  C CD  . GLN B 1 28 ? 17.31531  -2.38991  -3.31041  1.000 36.37041 ?  124 GLN B CD  1 
ATOM   689  O OE1 . GLN B 1 28 ? 17.11881  -3.51116  -2.84136  1.000 35.65528 ?  124 GLN B OE1 1 
ATOM   690  N NE2 . GLN B 1 28 ? 16.81790  -2.00598  -4.47980  1.000 43.89885 ?  124 GLN B NE2 1 
ATOM   691  N N   . TYR B 1 29 ? 17.52053  0.03913   1.73089   1.000 21.53849 ?  125 TYR B N   1 
ATOM   692  C CA  . TYR B 1 29 ? 17.09270  -0.04727  3.11868   1.000 21.80154 ?  125 TYR B CA  1 
ATOM   693  C C   . TYR B 1 29 ? 15.66067  -0.55530  3.17119   1.000 19.66124 ?  125 TYR B C   1 
ATOM   694  O O   . TYR B 1 29 ? 14.80562  -0.10586  2.40169   1.000 25.14660 ?  125 TYR B O   1 
ATOM   695  C CB  . TYR B 1 29 ? 17.17806  1.31330   3.82171   1.000 20.17081 ?  125 TYR B CB  1 
ATOM   696  C CG  . TYR B 1 29 ? 18.54569  1.94999   3.78296   1.000 23.38715 ?  125 TYR B CG  1 
ATOM   697  C CD1 . TYR B 1 29 ? 18.92571  2.74996   2.71401   1.000 24.30292 ?  125 TYR B CD1 1 
ATOM   698  C CD2 . TYR B 1 29 ? 19.45473  1.75649   4.81334   1.000 23.97196 ?  125 TYR B CD2 1 
ATOM   699  C CE1 . TYR B 1 29 ? 20.17122  3.33844   2.66928   1.000 30.63774 ?  125 TYR B CE1 1 
ATOM   700  C CE2 . TYR B 1 29 ? 20.70312  2.34365   4.77804   1.000 24.21141 ?  125 TYR B CE2 1 
ATOM   701  C CZ  . TYR B 1 29 ? 21.05734  3.13125   3.70255   1.000 29.02485 ?  125 TYR B CZ  1 
ATOM   702  O OH  . TYR B 1 29 ? 22.30186  3.71782   3.65945   1.000 31.32467 ?  125 TYR B OH  1 
ATOM   703  N N   . LEU B 1 30 ? 15.40806  -1.50006  4.07224   1.000 19.67846 ?  126 LEU B N   1 
ATOM   704  C CA  . LEU B 1 30 ? 14.06039  -1.99713  4.32360   1.000 20.83108 ?  126 LEU B CA  1 
ATOM   705  C C   . LEU B 1 30 ? 13.41522  -1.07764  5.35490   1.000 26.77931 ?  126 LEU B C   1 
ATOM   706  O O   . LEU B 1 30 ? 13.81256  -1.06906  6.52443   1.000 26.00657 ?  126 LEU B O   1 
ATOM   707  C CB  . LEU B 1 30 ? 14.09870  -3.44503  4.80526   1.000 20.96350 ?  126 LEU B CB  1 
ATOM   708  C CG  . LEU B 1 30 ? 12.75897  -4.11474  5.10385   1.000 20.88205 ?  126 LEU B CG  1 
ATOM   709  C CD1 . LEU B 1 30 ? 11.88790  -4.12326  3.85744   1.000 19.70318 ?  126 LEU B CD1 1 
ATOM   710  C CD2 . LEU B 1 30 ? 12.97725  -5.52327  5.61605   1.000 22.88669 ?  126 LEU B CD2 1 
ATOM   711  N N   . ILE B 1 31 ? 12.42398  -0.30211  4.92204   1.000 24.80576 ?  127 ILE B N   1 
ATOM   712  C CA  . ILE B 1 31 ? 11.85787  0.78195   5.71797   1.000 20.47746 ?  127 ILE B CA  1 
ATOM   713  C C   . ILE B 1 31 ? 10.55492  0.33145   6.35829   1.000 23.32493 ?  127 ILE B C   1 
ATOM   714  O O   . ILE B 1 31 ? 9.66623   -0.19598  5.67799   1.000 22.20943 ?  127 ILE B O   1 
ATOM   715  C CB  . ILE B 1 31 ? 11.62836  2.04005   4.86171   1.000 24.00712 ?  127 ILE B CB  1 
ATOM   716  C CG1 . ILE B 1 31 ? 12.95001  2.52738   4.26117   1.000 25.37877 ?  127 ILE B CG1 1 
ATOM   717  C CG2 . ILE B 1 31 ? 10.94610  3.13303   5.68319   1.000 22.56175 ?  127 ILE B CG2 1 
ATOM   718  C CD1 . ILE B 1 31 ? 13.97628  2.90975   5.30596   1.000 28.95445 ?  127 ILE B CD1 1 
ATOM   719  N N   . LYS B 1 32 ? 10.44144  0.54394   7.66596   1.000 24.46885 ?  128 LYS B N   1 
ATOM   720  C CA  . LYS B 1 32 ? 9.15435   0.54956   8.34417   1.000 27.67220 ?  128 LYS B CA  1 
ATOM   721  C C   . LYS B 1 32 ? 8.60298   1.96763   8.26076   1.000 26.14764 ?  128 LYS B C   1 
ATOM   722  O O   . LYS B 1 32 ? 9.28379   2.92481   8.64415   1.000 24.27012 ?  128 LYS B O   1 
ATOM   723  C CB  . LYS B 1 32 ? 9.30171   0.09215   9.79504   1.000 24.89116 ?  128 LYS B CB  1 
ATOM   724  C CG  . LYS B 1 32 ? 8.08824   0.34986   10.67468  1.000 31.98338 ?  128 LYS B CG  1 
ATOM   725  C CD  . LYS B 1 32 ? 6.86641   -0.42721  10.20790  1.000 29.11556 ?  128 LYS B CD  1 
ATOM   726  C CE  . LYS B 1 32 ? 5.74577   -0.35378  11.23684  1.000 31.82594 ?  128 LYS B CE  1 
ATOM   727  N NZ  . LYS B 1 32 ? 5.13984   1.00490   11.33677  1.000 32.80489 ?  128 LYS B NZ  1 
ATOM   728  N N   . TRP B 1 33 ? 7.39257   2.10769   7.73242   1.000 26.27159 ?  129 TRP B N   1 
ATOM   729  C CA  . TRP B 1 33 ? 6.81340   3.42271   7.50163   1.000 23.18850 ?  129 TRP B CA  1 
ATOM   730  C C   . TRP B 1 33 ? 5.93495   3.83127   8.67360   1.000 27.42474 ?  129 TRP B C   1 
ATOM   731  O O   . TRP B 1 33 ? 5.16884   3.02259   9.20409   1.000 28.51933 ?  129 TRP B O   1 
ATOM   732  C CB  . TRP B 1 33 ? 6.00494   3.43470   6.20505   1.000 24.13628 ?  129 TRP B CB  1 
ATOM   733  C CG  . TRP B 1 33 ? 6.85749   3.20101   5.00519   1.000 21.78330 ?  129 TRP B CG  1 
ATOM   734  C CD1 . TRP B 1 33 ? 6.98821   2.03709   4.30907   1.000 21.12061 ?  129 TRP B CD1 1 
ATOM   735  C CD2 . TRP B 1 33 ? 7.71445   4.15327   4.36273   1.000 24.07445 ?  129 TRP B CD2 1 
ATOM   736  N NE1 . TRP B 1 33 ? 7.87189   2.20370   3.27159   1.000 20.45571 ?  129 TRP B NE1 1 
ATOM   737  C CE2 . TRP B 1 33 ? 8.32985   3.49523   3.28060   1.000 19.83791 ?  129 TRP B CE2 1 
ATOM   738  C CE3 . TRP B 1 33 ? 8.01910   5.49877   4.59621   1.000 23.48040 ?  129 TRP B CE3 1 
ATOM   739  C CZ2 . TRP B 1 33 ? 9.23140   4.13558   2.43174   1.000 17.99289 ?  129 TRP B CZ2 1 
ATOM   740  C CZ3 . TRP B 1 33 ? 8.91549   6.13330   3.75122   1.000 27.33721 ?  129 TRP B CZ3 1 
ATOM   741  C CH2 . TRP B 1 33 ? 9.51031   5.45077   2.68307   1.000 22.39347 ?  129 TRP B CH2 1 
ATOM   742  N N   . ARG B 1 34 ? 6.05578   5.09325   9.07944   1.000 27.15007 ?  130 ARG B N   1 
ATOM   743  C CA  . ARG B 1 34 ? 5.26930   5.58393   10.20517  1.000 35.06083 ?  130 ARG B CA  1 
ATOM   744  C C   . ARG B 1 34 ? 3.78227   5.57773   9.86304   1.000 28.86839 ?  130 ARG B C   1 
ATOM   745  O O   . ARG B 1 34 ? 3.36994   6.05196   8.79934   1.000 29.74038 ?  130 ARG B O   1 
ATOM   746  C CB  . ARG B 1 34 ? 5.70911   6.99767   10.60416  1.000 32.96340 ?  130 ARG B CB  1 
ATOM   747  C CG  . ARG B 1 34 ? 4.86508   7.61919   11.73006  1.000 41.03561 ?  130 ARG B CG  1 
ATOM   748  C CD  . ARG B 1 34 ? 5.29224   7.16228   13.08793  1.000 48.19010 ?  130 ARG B CD  1 
ATOM   749  N NE  . ARG B 1 34 ? 6.68705   7.54302   13.24469  1.000 53.35569 ?  130 ARG B NE  1 
ATOM   750  C CZ  . ARG B 1 34 ? 7.48499   7.15134   14.22527  1.000 47.90879 ?  130 ARG B CZ  1 
ATOM   751  N NH1 . ARG B 1 34 ? 7.07228   6.31592   15.16252  1.000 44.39300 ?  130 ARG B NH1 1 
ATOM   752  N NH2 . ARG B 1 34 ? 8.73870   7.59351   14.25109  1.000 46.49512 ?  130 ARG B NH2 1 
ATOM   753  N N   . GLY B 1 35 ? 2.97383   5.06005   10.78514  1.000 31.16687 ?  131 GLY B N   1 
ATOM   754  C CA  . GLY B 1 35 ? 1.54129   4.99546   10.58334  1.000 34.18126 ?  131 GLY B CA  1 
ATOM   755  C C   . GLY B 1 35 ? 1.07342   3.91107   9.64074   1.000 32.09426 ?  131 GLY B C   1 
ATOM   756  O O   . GLY B 1 35 ? -0.08788  3.93836   9.21702   1.000 29.69302 ?  131 GLY B O   1 
ATOM   757  N N   . TRP B 1 36 ? 1.93452   2.96038   9.29691   1.000 27.59717 ?  132 TRP B N   1 
ATOM   758  C CA  . TRP B 1 36 ? 1.60182   1.87132   8.39581   1.000 26.24034 ?  132 TRP B CA  1 
ATOM   759  C C   . TRP B 1 36 ? 2.09754   0.56006   8.98090   1.000 29.79344 ?  132 TRP B C   1 
ATOM   760  O O   . TRP B 1 36 ? 3.10458   0.53679   9.69545   1.000 29.08129 ?  132 TRP B O   1 
ATOM   761  C CB  . TRP B 1 36 ? 2.22195   2.09788   7.00916   1.000 26.07906 ?  132 TRP B CB  1 
ATOM   762  C CG  . TRP B 1 36 ? 1.63003   3.27343   6.29395   1.000 25.54069 ?  132 TRP B CG  1 
ATOM   763  C CD1 . TRP B 1 36 ? 1.91586   4.59120   6.50618   1.000 30.08706 ?  132 TRP B CD1 1 
ATOM   764  C CD2 . TRP B 1 36 ? 0.64123   3.23939   5.25800   1.000 23.02833 ?  132 TRP B CD2 1 
ATOM   765  N NE1 . TRP B 1 36 ? 1.16945   5.37863   5.66407   1.000 29.27870 ?  132 TRP B NE1 1 
ATOM   766  C CE2 . TRP B 1 36 ? 0.37918   4.57310   4.88664   1.000 26.61271 ?  132 TRP B CE2 1 
ATOM   767  C CE3 . TRP B 1 36 ? -0.04516  2.21082   4.60631   1.000 20.98764 ?  132 TRP B CE3 1 
ATOM   768  C CZ2 . TRP B 1 36 ? -0.54002  4.90522   3.89326   1.000 24.70314 ?  132 TRP B CZ2 1 
ATOM   769  C CZ3 . TRP B 1 36 ? -0.95798  2.54154   3.61932   1.000 22.17078 ?  132 TRP B CZ3 1 
ATOM   770  C CH2 . TRP B 1 36 ? -1.19752  3.87728   3.27282   1.000 20.11254 ?  132 TRP B CH2 1 
ATOM   771  N N   . PRO B 1 37 ? 1.40686   -0.54469  8.71018   1.000 27.97048 ?  133 PRO B N   1 
ATOM   772  C CA  . PRO B 1 37 ? 1.78257   -1.82114  9.32456   1.000 27.43376 ?  133 PRO B CA  1 
ATOM   773  C C   . PRO B 1 37 ? 3.10847   -2.34241  8.79289   1.000 26.13271 ?  133 PRO B C   1 
ATOM   774  O O   . PRO B 1 37 ? 3.62179   -1.89699  7.76426   1.000 23.03191 ?  133 PRO B O   1 
ATOM   775  C CB  . PRO B 1 37 ? 0.62792   -2.74886  8.93583   1.000 27.16838 ?  133 PRO B CB  1 
ATOM   776  C CG  . PRO B 1 37 ? 0.11461   -2.16198  7.66195   1.000 23.83151 ?  133 PRO B CG  1 
ATOM   777  C CD  . PRO B 1 37 ? 0.21042   -0.67955  7.86125   1.000 24.03467 ?  133 PRO B CD  1 
ATOM   778  N N   . GLU B 1 38 ? 3.66586   -3.30677  9.53223   1.000 25.32526 ?  134 GLU B N   1 
ATOM   779  C CA  . GLU B 1 38 ? 4.90923   -3.94554  9.11387   1.000 26.06891 ?  134 GLU B CA  1 
ATOM   780  C C   . GLU B 1 38 ? 4.77127   -4.58815  7.74330   1.000 24.53022 ?  134 GLU B C   1 
ATOM   781  O O   . GLU B 1 38 ? 5.73583   -4.62075  6.97243   1.000 24.52654 ?  134 GLU B O   1 
ATOM   782  C CB  . GLU B 1 38 ? 5.33818   -4.98930  10.14555  1.000 31.55277 ?  134 GLU B CB  1 
ATOM   783  C CG  . GLU B 1 38 ? 5.81500   -4.41379  11.47134  1.000 42.68313 ?  134 GLU B CG  1 
ATOM   784  C CD  . GLU B 1 38 ? 7.20219   -3.80751  11.37245  1.000 26.10096 ?  134 GLU B CD  1 
ATOM   785  O OE1 . GLU B 1 38 ? 8.02303   -4.32806  10.58557  1.000 36.14812 ?  134 GLU B OE1 1 
ATOM   786  O OE2 . GLU B 1 38 ? 7.48507   -2.82901  12.09672  1.000 38.99646 -1 134 GLU B OE2 1 
ATOM   787  N N   . THR B 1 39 ? 3.58138   -5.09231  7.41753   1.000 23.89183 ?  135 THR B N   1 
ATOM   788  C CA  . THR B 1 39 ? 3.33276   -5.68724  6.11121   1.000 27.13979 ?  135 THR B CA  1 
ATOM   789  C C   . THR B 1 39 ? 3.45641   -4.68218  4.97152   1.000 22.30654 ?  135 THR B C   1 
ATOM   790  O O   . THR B 1 39 ? 3.40881   -5.08582  3.80505   1.000 24.74761 ?  135 THR B O   1 
ATOM   791  C CB  . THR B 1 39 ? 1.94338   -6.33021  6.09057   1.000 26.28293 ?  135 THR B CB  1 
ATOM   792  O OG1 . THR B 1 39 ? 0.97548   -5.38912  6.57127   1.000 25.57941 ?  135 THR B OG1 1 
ATOM   793  C CG2 . THR B 1 39 ? 1.91985   -7.57001  6.97633   1.000 26.38723 ?  135 THR B CG2 1 
ATOM   794  N N   . ALA B 1 40 ? 3.61567   -3.39545  5.27554   1.000 23.52077 ?  136 ALA B N   1 
ATOM   795  C CA  . ALA B 1 40 ? 3.79249   -2.35895  4.26849   1.000 23.47176 ?  136 ALA B CA  1 
ATOM   796  C C   . ALA B 1 40 ? 5.25110   -1.98174  4.05363   1.000 21.62665 ?  136 ALA B C   1 
ATOM   797  O O   . ALA B 1 40 ? 5.53093   -1.09132  3.24494   1.000 21.71905 ?  136 ALA B O   1 
ATOM   798  C CB  . ALA B 1 40 ? 2.99379   -1.10910  4.65175   1.000 23.30636 ?  136 ALA B CB  1 
ATOM   799  N N   . ASN B 1 41 ? 6.17799   -2.63135  4.75722   1.000 24.72290 ?  137 ASN B N   1 
ATOM   800  C CA  . ASN B 1 41 ? 7.59393   -2.31223  4.62647   1.000 23.01612 ?  137 ASN B CA  1 
ATOM   801  C C   . ASN B 1 41 ? 8.05422   -2.45836  3.18059   1.000 24.13500 ?  137 ASN B C   1 
ATOM   802  O O   . ASN B 1 41 ? 7.60845   -3.35137  2.45527   1.000 20.53751 ?  137 ASN B O   1 
ATOM   803  C CB  . ASN B 1 41 ? 8.42912   -3.21757  5.53804   1.000 24.38032 ?  137 ASN B CB  1 
ATOM   804  C CG  . ASN B 1 41 ? 8.20954   -2.93226  7.01616   1.000 23.81490 ?  137 ASN B CG  1 
ATOM   805  O OD1 . ASN B 1 41 ? 7.43528   -2.05049  7.38416   1.000 27.52859 ?  137 ASN B OD1 1 
ATOM   806  N ND2 . ASN B 1 41 ? 8.89197   -3.68842  7.87141   1.000 28.72028 ?  137 ASN B ND2 1 
ATOM   807  N N   . THR B 1 42 ? 8.94775   -1.56263  2.75968   1.000 24.51351 ?  138 THR B N   1 
ATOM   808  C CA  . THR B 1 42 ? 9.48407   -1.56631  1.40707   1.000 19.00153 ?  138 THR B CA  1 
ATOM   809  C C   . THR B 1 42 ? 10.99732  -1.39132  1.43537   1.000 18.94735 ?  138 THR B C   1 
ATOM   810  O O   . THR B 1 42 ? 11.55137  -0.75033  2.33297   1.000 20.61664 ?  138 THR B O   1 
ATOM   811  C CB  . THR B 1 42 ? 8.86003   -0.44947  0.54228   1.000 19.17699 ?  138 THR B CB  1 
ATOM   812  O OG1 . THR B 1 42 ? 9.16126   0.83198   1.11476   1.000 18.38861 ?  138 THR B OG1 1 
ATOM   813  C CG2 . THR B 1 42 ? 7.35080   -0.62081  0.41743   1.000 23.04126 ?  138 THR B CG2 1 
ATOM   814  N N   . TRP B 1 43 ? 11.66038  -1.98215  0.44197   1.000 24.11931 ?  139 TRP B N   1 
ATOM   815  C CA  . TRP B 1 43 ? 13.07991  -1.75282  0.19691   1.000 20.74174 ?  139 TRP B CA  1 
ATOM   816  C C   . TRP B 1 43 ? 13.22987  -0.50209  -0.66239  1.000 20.06709 ?  139 TRP B C   1 
ATOM   817  O O   . TRP B 1 43 ? 12.59911  -0.39278  -1.71920  1.000 23.87194 ?  139 TRP B O   1 
ATOM   818  C CB  . TRP B 1 43 ? 13.72538  -2.94975  -0.50985  1.000 22.42983 ?  139 TRP B CB  1 
ATOM   819  C CG  . TRP B 1 43 ? 13.85963  -4.19790  0.32193   1.000 21.53640 ?  139 TRP B CG  1 
ATOM   820  C CD1 . TRP B 1 43 ? 12.99454  -5.25309  0.36093   1.000 25.14717 ?  139 TRP B CD1 1 
ATOM   821  C CD2 . TRP B 1 43 ? 14.93439  -4.52859  1.20995   1.000 21.09581 ?  139 TRP B CD2 1 
ATOM   822  N NE1 . TRP B 1 43 ? 13.45763  -6.21373  1.22665   1.000 23.43814 ?  139 TRP B NE1 1 
ATOM   823  C CE2 . TRP B 1 43 ? 14.64694  -5.79313  1.76120   1.000 20.81623 ?  139 TRP B CE2 1 
ATOM   824  C CE3 . TRP B 1 43 ? 16.10706  -3.87533  1.59790   1.000 19.74539 ?  139 TRP B CE3 1 
ATOM   825  C CZ2 . TRP B 1 43 ? 15.48899  -6.41615  2.67959   1.000 20.59372 ?  139 TRP B CZ2 1 
ATOM   826  C CZ3 . TRP B 1 43 ? 16.94065  -4.49433  2.51091   1.000 21.85742 ?  139 TRP B CZ3 1 
ATOM   827  C CH2 . TRP B 1 43 ? 16.62890  -5.75308  3.03969   1.000 24.75668 ?  139 TRP B CH2 1 
ATOM   828  N N   . GLU B 1 44 ? 14.06322  0.43793   -0.21420  1.000 25.48434 ?  140 GLU B N   1 
ATOM   829  C CA  . GLU B 1 44 ? 14.17426  1.72501   -0.88860  1.000 21.64633 ?  140 GLU B CA  1 
ATOM   830  C C   . GLU B 1 44 ? 15.62125  2.12615   -1.11810  1.000 24.48507 ?  140 GLU B C   1 
ATOM   831  O O   . GLU B 1 44 ? 16.49000  1.84197   -0.28428  1.000 23.90629 ?  140 GLU B O   1 
ATOM   832  C CB  . GLU B 1 44 ? 13.46997  2.82708   -0.08015  1.000 17.93129 ?  140 GLU B CB  1 
ATOM   833  C CG  . GLU B 1 44 ? 12.02501  2.53130   0.26823   1.000 20.02707 ?  140 GLU B CG  1 
ATOM   834  C CD  . GLU B 1 44 ? 11.10834  2.66243   -0.93219  1.000 21.81001 ?  140 GLU B CD  1 
ATOM   835  O OE1 . GLU B 1 44 ? 11.57370  3.13026   -1.99452  1.000 23.51033 ?  140 GLU B OE1 1 
ATOM   836  O OE2 . GLU B 1 44 ? 9.91886   2.30425   -0.81352  1.000 20.04139 -1 140 GLU B OE2 1 
ATOM   837  N N   . PRO B 1 45 ? 15.91401  2.78593   -2.23650  1.000 25.67045 ?  141 PRO B N   1 
ATOM   838  C CA  . PRO B 1 45 ? 17.22324  3.41465   -2.41190  1.000 26.46960 ?  141 PRO B CA  1 
ATOM   839  C C   . PRO B 1 45 ? 17.30895  4.72126   -1.63715  1.000 28.25538 ?  141 PRO B C   1 
ATOM   840  O O   . PRO B 1 45 ? 16.30021  5.33928   -1.29291  1.000 30.47007 ?  141 PRO B O   1 
ATOM   841  C CB  . PRO B 1 45 ? 17.28949  3.66379   -3.92047  1.000 30.03899 ?  141 PRO B CB  1 
ATOM   842  C CG  . PRO B 1 45 ? 15.85990  3.90275   -4.29285  1.000 29.25999 ?  141 PRO B CG  1 
ATOM   843  C CD  . PRO B 1 45 ? 15.05667  2.95919   -3.42494  1.000 24.63800 ?  141 PRO B CD  1 
ATOM   844  N N   . LEU B 1 46 ? 18.55106  5.14069   -1.37943  1.000 23.43759 ?  142 LEU B N   1 
ATOM   845  C CA  . LEU B 1 46 ? 18.78300  6.31333   -0.53952  1.000 27.41770 ?  142 LEU B CA  1 
ATOM   846  C C   . LEU B 1 46 ? 18.08551  7.55175   -1.09114  1.000 24.63444 ?  142 LEU B C   1 
ATOM   847  O O   . LEU B 1 46 ? 17.59731  8.38852   -0.32314  1.000 27.04637 ?  142 LEU B O   1 
ATOM   848  C CB  . LEU B 1 46 ? 20.28322  6.57457   -0.39618  1.000 20.09594 ?  142 LEU B CB  1 
ATOM   849  C CG  . LEU B 1 46 ? 20.63495  7.73350   0.53989   1.000 27.10456 ?  142 LEU B CG  1 
ATOM   850  C CD1 . LEU B 1 46 ? 20.15708  7.42537   1.94990   1.000 30.00246 ?  142 LEU B CD1 1 
ATOM   851  C CD2 . LEU B 1 46 ? 22.12228  8.05138   0.52512   1.000 36.13626 ?  142 LEU B CD2 1 
ATOM   852  N N   . GLU B 1 47 ? 18.01494  7.68213   -2.41857  1.000 30.50926 ?  143 GLU B N   1 
ATOM   853  C CA  . GLU B 1 47 ? 17.46404  8.89920   -3.00950  1.000 29.34228 ?  143 GLU B CA  1 
ATOM   854  C C   . GLU B 1 47 ? 15.97831  9.07050   -2.70545  1.000 27.38147 ?  143 GLU B C   1 
ATOM   855  O O   . GLU B 1 47 ? 15.48605  10.20338  -2.66031  1.000 27.86331 ?  143 GLU B O   1 
ATOM   856  C CB  . GLU B 1 47 ? 17.72026  8.90907   -4.51723  1.000 35.14685 ?  143 GLU B CB  1 
ATOM   857  C CG  . GLU B 1 47 ? 17.20755  7.68890   -5.24832  1.000 35.52865 ?  143 GLU B CG  1 
ATOM   858  C CD  . GLU B 1 47 ? 18.31820  6.70283   -5.53291  1.000 45.76545 ?  143 GLU B CD  1 
ATOM   859  O OE1 . GLU B 1 47 ? 18.27836  6.04335   -6.59193  1.000 51.42829 ?  143 GLU B OE1 1 
ATOM   860  O OE2 . GLU B 1 47 ? 19.23869  6.59578   -4.69388  1.000 43.46282 -1 143 GLU B OE2 1 
ATOM   861  N N   . ASN B 1 48 ? 15.24853  7.97409   -2.48264  1.000 32.60875 ?  144 ASN B N   1 
ATOM   862  C CA  . ASN B 1 48 ? 13.85272  8.10641   -2.07375  1.000 28.85041 ?  144 ASN B CA  1 
ATOM   863  C C   . ASN B 1 48 ? 13.73190  8.58980   -0.63487  1.000 32.46609 ?  144 ASN B C   1 
ATOM   864  O O   . ASN B 1 48 ? 12.75080  9.25646   -0.28759  1.000 30.58029 ?  144 ASN B O   1 
ATOM   865  C CB  . ASN B 1 48 ? 13.11326  6.77667   -2.24076  1.000 24.14212 ?  144 ASN B CB  1 
ATOM   866  C CG  . ASN B 1 48 ? 12.78355  6.46714   -3.68854  1.000 31.65427 ?  144 ASN B CG  1 
ATOM   867  O OD1 . ASN B 1 48 ? 12.99058  7.29573   -4.57284  1.000 31.75870 ?  144 ASN B OD1 1 
ATOM   868  N ND2 . ASN B 1 48 ? 12.26298  5.26795   -3.93673  1.000 27.05020 ?  144 ASN B ND2 1 
ATOM   869  N N   . LEU B 1 49 ? 14.71062  8.27196   0.21074   1.000 27.36650 ?  145 LEU B N   1 
ATOM   870  C CA  . LEU B 1 49 ? 14.61550  8.58887   1.63027   1.000 23.15247 ?  145 LEU B CA  1 
ATOM   871  C C   . LEU B 1 49 ? 15.20781  9.94414   1.98579   1.000 30.21685 ?  145 LEU B C   1 
ATOM   872  O O   . LEU B 1 49 ? 14.79432  10.54717  2.98302   1.000 31.09894 ?  145 LEU B O   1 
ATOM   873  C CB  . LEU B 1 49 ? 15.31946  7.51801   2.46888   1.000 28.60869 ?  145 LEU B CB  1 
ATOM   874  C CG  . LEU B 1 49 ? 14.82659  6.06454   2.46002   1.000 32.19321 ?  145 LEU B CG  1 
ATOM   875  C CD1 . LEU B 1 49 ? 13.31104  5.94913   2.33576   1.000 26.22979 ?  145 LEU B CD1 1 
ATOM   876  C CD2 . LEU B 1 49 ? 15.53059  5.26525   1.38348   1.000 37.01118 ?  145 LEU B CD2 1 
ATOM   877  N N   . GLN B 1 50 ? 16.16551  10.44018  1.20648   1.000 25.68885 ?  146 GLN B N   1 
ATOM   878  C CA  . GLN B 1 50 ? 16.90703  11.63882  1.58130   1.000 35.43815 ?  146 GLN B CA  1 
ATOM   879  C C   . GLN B 1 50 ? 17.10395  12.51839  0.35734   1.000 40.44707 ?  146 GLN B C   1 
ATOM   880  O O   . GLN B 1 50 ? 17.75778  12.10869  -0.60681  1.000 43.15170 ?  146 GLN B O   1 
ATOM   881  C CB  . GLN B 1 50 ? 18.25465  11.26321  2.20403   1.000 32.18942 ?  146 GLN B CB  1 
ATOM   882  C CG  . GLN B 1 50 ? 18.61709  12.06782  3.43844   1.000 38.87966 ?  146 GLN B CG  1 
ATOM   883  C CD  . GLN B 1 50 ? 20.08975  11.97035  3.78178   1.000 43.49142 ?  146 GLN B CD  1 
ATOM   884  O OE1 . GLN B 1 50 ? 20.91306  11.60872  2.94083   1.000 38.29183 ?  146 GLN B OE1 1 
ATOM   885  N NE2 . GLN B 1 50 ? 20.42932  12.28966  5.02492   1.000 42.80410 ?  146 GLN B NE2 1 
ATOM   886  N N   . SER B 1 51 ? 16.54787  13.72536  0.40325   1.000 32.30041 ?  147 SER B N   1 
ATOM   887  C CA  . SER B 1 51 ? 16.69418  14.67585  -0.68450  1.000 44.37611 ?  147 SER B CA  1 
ATOM   888  C C   . SER B 1 51 ? 17.96969  15.49669  -0.51021  1.000 41.07464 ?  147 SER B C   1 
ATOM   889  O O   . SER B 1 51 ? 18.65217  15.43357  0.51756   1.000 40.09484 ?  147 SER B O   1 
ATOM   890  C CB  . SER B 1 51 ? 15.47608  15.59502  -0.75733  1.000 38.62506 ?  147 SER B CB  1 
ATOM   891  O OG  . SER B 1 51 ? 15.33750  16.35434  0.43109   1.000 41.31565 ?  147 SER B OG  1 
ATOM   892  N N   . ILE B 1 52 ? 18.29648  16.26958  -1.54832  1.000 41.20404 ?  148 ILE B N   1 
ATOM   893  C CA  . ILE B 1 52 ? 19.42086  17.19693  -1.45435  1.000 38.05227 ?  148 ILE B CA  1 
ATOM   894  C C   . ILE B 1 52 ? 19.19563  18.17402  -0.30962  1.000 40.84179 ?  148 ILE B C   1 
ATOM   895  O O   . ILE B 1 52 ? 20.08797  18.41571  0.51314   1.000 37.98541 ?  148 ILE B O   1 
ATOM   896  C CB  . ILE B 1 52 ? 19.62762  17.93038  -2.79258  1.000 43.33657 ?  148 ILE B CB  1 
ATOM   897  C CG1 . ILE B 1 52 ? 20.35146  17.02790  -3.79472  1.000 45.97468 ?  148 ILE B CG1 1 
ATOM   898  C CG2 . ILE B 1 52 ? 20.40626  19.22190  -2.58869  1.000 45.10696 ?  148 ILE B CG2 1 
ATOM   899  C CD1 . ILE B 1 52 ? 20.20540  17.47826  -5.22973  1.000 44.01984 ?  148 ILE B CD1 1 
ATOM   900  N N   . ALA B 1 53 ? 17.98812  18.74264  -0.23413  1.000 36.47595 ?  149 ALA B N   1 
ATOM   901  C CA  . ALA B 1 53 ? 17.65269  19.64196  0.86461   1.000 32.43866 ?  149 ALA B CA  1 
ATOM   902  C C   . ALA B 1 53 ? 17.83938  18.96076  2.21495   1.000 41.34047 ?  149 ALA B C   1 
ATOM   903  O O   . ALA B 1 53 ? 18.33446  19.57712  3.16584   1.000 37.08815 ?  149 ALA B O   1 
ATOM   904  C CB  . ALA B 1 53 ? 16.21745  20.14422  0.71135   1.000 33.88041 ?  149 ALA B CB  1 
ATOM   905  N N   . ASP B 1 54 ? 17.45107  17.68692  2.31626   1.000 33.47373 ?  150 ASP B N   1 
ATOM   906  C CA  . ASP B 1 54 ? 17.67174  16.93690  3.54989   1.000 36.30694 ?  150 ASP B CA  1 
ATOM   907  C C   . ASP B 1 54 ? 19.14858  16.90953  3.91627   1.000 32.46958 ?  150 ASP B C   1 
ATOM   908  O O   . ASP B 1 54 ? 19.51915  17.13940  5.07333   1.000 31.34193 ?  150 ASP B O   1 
ATOM   909  C CB  . ASP B 1 54 ? 17.13407  15.51204  3.40397   1.000 35.04285 ?  150 ASP B CB  1 
ATOM   910  C CG  . ASP B 1 54 ? 15.62093  15.45966  3.36089   1.000 44.68998 ?  150 ASP B CG  1 
ATOM   911  O OD1 . ASP B 1 54 ? 14.98103  16.37913  3.91062   1.000 39.82896 ?  150 ASP B OD1 1 
ATOM   912  O OD2 . ASP B 1 54 ? 15.07096  14.50460  2.77269   1.000 38.61842 ?  150 ASP B OD2 1 
ATOM   913  N N   . VAL B 1 55 ? 20.00750  16.62705  2.93415   1.000 32.99818 ?  151 VAL B N   1 
ATOM   914  C CA  . VAL B 1 55 ? 21.44576  16.55074  3.18073   1.000 31.48804 ?  151 VAL B CA  1 
ATOM   915  C C   . VAL B 1 55 ? 21.96248  17.87903  3.71652   1.000 34.71841 ?  151 VAL B C   1 
ATOM   916  O O   . VAL B 1 55 ? 22.69871  17.92774  4.71002   1.000 36.44171 ?  151 VAL B O   1 
ATOM   917  C CB  . VAL B 1 55 ? 22.18420  16.13801  1.89399   1.000 30.39592 ?  151 VAL B CB  1 
ATOM   918  C CG1 . VAL B 1 55 ? 23.67540  16.42808  2.00847   1.000 32.22250 ?  151 VAL B CG1 1 
ATOM   919  C CG2 . VAL B 1 55 ? 21.93913  14.67393  1.59090   1.000 28.04132 ?  151 VAL B CG2 1 
ATOM   920  N N   . ILE B 1 56 ? 21.57296  18.97967  3.06711   1.000 27.86587 ?  152 ILE B N   1 
ATOM   921  C CA  . ILE B 1 56 ? 22.00559  20.30728  3.49774   1.000 29.25855 ?  152 ILE B CA  1 
ATOM   922  C C   . ILE B 1 56 ? 21.50817  20.59491  4.90821   1.000 33.55359 ?  152 ILE B C   1 
ATOM   923  O O   . ILE B 1 56 ? 22.26180  21.05704  5.77279   1.000 34.11150 ?  152 ILE B O   1 
ATOM   924  C CB  . ILE B 1 56 ? 21.51554  21.37263  2.50057   1.000 31.29085 ?  152 ILE B CB  1 
ATOM   925  C CG1 . ILE B 1 56 ? 22.27455  21.25482  1.17651   1.000 30.56861 ?  152 ILE B CG1 1 
ATOM   926  C CG2 . ILE B 1 56 ? 21.67191  22.76596  3.07957   1.000 30.92626 ?  152 ILE B CG2 1 
ATOM   927  C CD1 . ILE B 1 56 ? 21.78140  22.19860  0.10348   1.000 29.83825 ?  152 ILE B CD1 1 
ATOM   928  N N   . ASP B 1 57 ? 20.22570  20.32282  5.16064   1.000 35.07104 ?  153 ASP B N   1 
ATOM   929  C CA  . ASP B 1 57 ? 19.66440  20.53546  6.49112   1.000 35.98267 ?  153 ASP B CA  1 
ATOM   930  C C   . ASP B 1 57 ? 20.39319  19.70261  7.53833   1.000 35.19804 ?  153 ASP B C   1 
ATOM   931  O O   . ASP B 1 57 ? 20.57788  20.14693  8.67673   1.000 36.80725 ?  153 ASP B O   1 
ATOM   932  C CB  . ASP B 1 57 ? 18.17059  20.20621  6.48695   1.000 32.91041 ?  153 ASP B CB  1 
ATOM   933  C CG  . ASP B 1 57 ? 17.36760  21.16139  5.62802   1.000 42.37179 ?  153 ASP B CG  1 
ATOM   934  O OD1 . ASP B 1 57 ? 17.93107  22.18664  5.19074   1.000 41.04287 ?  153 ASP B OD1 1 
ATOM   935  O OD2 . ASP B 1 57 ? 16.17276  20.88816  5.38862   1.000 46.88041 ?  153 ASP B OD2 1 
ATOM   936  N N   . ALA B 1 58 ? 20.81143  18.48884  7.17311   1.000 35.48488 ?  154 ALA B N   1 
ATOM   937  C CA  . ALA B 1 58 ? 21.58876  17.66756  8.09573   1.000 40.17986 ?  154 ALA B CA  1 
ATOM   938  C C   . ALA B 1 58 ? 22.91876  18.32885  8.43093   1.000 38.06962 ?  154 ALA B C   1 
ATOM   939  O O   . ALA B 1 58 ? 23.35029  18.32224  9.59017   1.000 35.92113 ?  154 ALA B O   1 
ATOM   940  C CB  . ALA B 1 58 ? 21.81340  16.27523  7.50336   1.000 33.28041 ?  154 ALA B CB  1 
ATOM   941  N N   . PHE B 1 59 ? 23.57807  18.91594  7.43052   1.000 37.95303 ?  155 PHE B N   1 
ATOM   942  C CA  . PHE B 1 59 ? 24.83793  19.60586  7.68488   1.000 35.46084 ?  155 PHE B CA  1 
ATOM   943  C C   . PHE B 1 59 ? 24.62201  20.88103  8.48661   1.000 37.34370 ?  155 PHE B C   1 
ATOM   944  O O   . PHE B 1 59 ? 25.23870  21.07387  9.54049   1.000 41.11388 ?  155 PHE B O   1 
ATOM   945  C CB  . PHE B 1 59 ? 25.54410  19.93892  6.37480   1.000 35.57201 ?  155 PHE B CB  1 
ATOM   946  C CG  . PHE B 1 59 ? 26.73769  20.83415  6.55650   1.000 36.66941 ?  155 PHE B CG  1 
ATOM   947  C CD1 . PHE B 1 59 ? 27.89949  20.35812  7.14711   1.000 34.94436 ?  155 PHE B CD1 1 
ATOM   948  C CD2 . PHE B 1 59 ? 26.67547  22.16947  6.19478   1.000 32.57855 ?  155 PHE B CD2 1 
ATOM   949  C CE1 . PHE B 1 59 ? 28.99194  21.19021  7.32754   1.000 32.52787 ?  155 PHE B CE1 1 
ATOM   950  C CE2 . PHE B 1 59 ? 27.76086  23.00321  6.37429   1.000 36.30186 ?  155 PHE B CE2 1 
ATOM   951  C CZ  . PHE B 1 59 ? 28.91996  22.51377  6.94254   1.000 36.37157 ?  155 PHE B CZ  1 
ATOM   952  N N   . GLU B 1 60 ? 23.76830  21.77812  7.98634   1.000 35.89626 ?  156 GLU B N   1 
ATOM   953  C CA  . GLU B 1 60 ? 23.57249  23.06828  8.63869   1.000 31.63247 ?  156 GLU B CA  1 
ATOM   954  C C   . GLU B 1 60 ? 23.10324  22.92236  10.08019  1.000 41.33730 ?  156 GLU B C   1 
ATOM   955  O O   . GLU B 1 60 ? 23.33392  23.82482  10.89264  1.000 37.26370 ?  156 GLU B O   1 
ATOM   956  C CB  . GLU B 1 60 ? 22.58413  23.91323  7.83417   1.000 35.53040 ?  156 GLU B CB  1 
ATOM   957  C CG  . GLU B 1 60 ? 23.13046  24.34298  6.48012   1.000 35.10182 ?  156 GLU B CG  1 
ATOM   958  C CD  . GLU B 1 60 ? 22.16500  25.21544  5.71672   1.000 38.39777 ?  156 GLU B CD  1 
ATOM   959  O OE1 . GLU B 1 60 ? 21.00757  25.34402  6.16780   1.000 39.76086 ?  156 GLU B OE1 1 
ATOM   960  O OE2 . GLU B 1 60 ? 22.55379  25.75464  4.65940   1.000 32.55491 ?  156 GLU B OE2 1 
ATOM   961  N N   . GLY B 1 61 ? 22.47235  21.80228  10.42205  1.000 38.52713 ?  157 GLY B N   1 
ATOM   962  C CA  . GLY B 1 61 ? 22.09375  21.53663  11.79351  1.000 36.78085 ?  157 GLY B CA  1 
ATOM   963  C C   . GLY B 1 61 ? 23.05452  20.67758  12.57983  1.000 37.62504 ?  157 GLY B C   1 
ATOM   964  O O   . GLY B 1 61 ? 22.80400  20.41487  13.75892  1.000 31.93516 ?  157 GLY B O   1 
ATOM   965  N N   . SER B 1 62 ? 24.14805  20.23346  11.96515  1.000 33.94728 ?  158 SER B N   1 
ATOM   966  C CA  . SER B 1 62 ? 25.13163  19.40066  12.65159  1.000 44.84392 ?  158 SER B CA  1 
ATOM   967  C C   . SER B 1 62 ? 25.83857  20.18651  13.75021  1.000 47.94879 ?  158 SER B C   1 
ATOM   968  O O   . SER B 1 62 ? 26.13340  19.64933  14.81716  1.000 50.73329 ?  158 SER B O   1 
ATOM   969  C CB  . SER B 1 62 ? 26.15842  18.84416  11.66091  1.000 38.01300 ?  158 SER B CB  1 
ATOM   970  O OG  . SER B 1 62 ? 26.85781  19.88898  11.00709  1.000 38.70042 ?  158 SER B OG  1 
ATOM   971  N N   . ALA C 2 1  ? -10.10345 -11.21709 0.52634   1.000 24.50348 ?  25  ALA C N   1 
ATOM   972  C CA  . ALA C 2 1  ? -10.42390 -10.21644 -0.48528  1.000 25.77227 ?  25  ALA C CA  1 
ATOM   973  C C   . ALA C 2 1  ? -9.16826  -9.75580  -1.22033  1.000 24.19545 ?  25  ALA C C   1 
ATOM   974  O O   . ALA C 2 1  ? -8.05680  -9.88876  -0.70761  1.000 23.00990 ?  25  ALA C O   1 
ATOM   975  C CB  . ALA C 2 1  ? -11.12914 -9.02777  0.15165   1.000 23.97461 ?  25  ALA C CB  1 
ATOM   976  N N   . ARG C 2 2  ? -9.35177  -9.21930  -2.42343  1.000 23.86642 ?  26  ARG C N   1 
ATOM   977  C CA  . ARG C 2 2  ? -8.24898  -8.63141  -3.17512  1.000 23.25728 ?  26  ARG C CA  1 
ATOM   978  C C   . ARG C 2 2  ? -8.39561  -7.11682  -3.27311  1.000 29.87072 ?  26  ARG C C   1 
ATOM   979  O O   . ARG C 2 2  ? -9.50438  -6.57664  -3.24438  1.000 21.79465 ?  26  ARG C O   1 
ATOM   980  C CB  . ARG C 2 2  ? -8.15153  -9.24354  -4.57834  1.000 24.49989 ?  26  ARG C CB  1 
ATOM   981  C CG  . ARG C 2 2  ? -7.89704  -10.74509 -4.59603  1.000 23.23619 ?  26  ARG C CG  1 
ATOM   982  C CD  . ARG C 2 2  ? -6.58937  -11.10478 -3.88888  1.000 23.09139 ?  26  ARG C CD  1 
ATOM   983  N NE  . ARG C 2 2  ? -5.41681  -10.52048 -4.53179  1.000 25.72389 ?  26  ARG C NE  1 
ATOM   984  C CZ  . ARG C 2 2  ? -4.88587  -10.95399 -5.66787  1.000 30.25121 ?  26  ARG C CZ  1 
ATOM   985  N NH1 . ARG C 2 2  ? -5.40229  -11.97632 -6.32763  1.000 30.67594 ?  26  ARG C NH1 1 
ATOM   986  N NH2 . ARG C 2 2  ? -3.80783  -10.34616 -6.15421  1.000 29.85546 ?  26  ARG C NH2 1 
HETATM 987  N N   . M3L C 2 3  ? -7.26222  -6.43859  -3.39250  1.000 21.46905 ?  27  M3L C N   1 
HETATM 988  C CA  . M3L C 2 3  ? -7.22587  -4.99967  -3.39593  1.000 25.62985 ?  27  M3L C CA  1 
HETATM 989  C CB  . M3L C 2 3  ? -6.46297  -4.51573  -2.14161  1.000 30.59470 ?  27  M3L C CB  1 
HETATM 990  C CG  . M3L C 2 3  ? -6.31207  -3.01732  -2.01814  1.000 24.24269 ?  27  M3L C CG  1 
HETATM 991  C CD  . M3L C 2 3  ? -5.89542  -2.63961  -0.60661  1.000 23.09893 ?  27  M3L C CD  1 
HETATM 992  C CE  . M3L C 2 3  ? -4.43607  -3.02423  -0.38369  1.000 21.16802 ?  27  M3L C CE  1 
HETATM 993  N NZ  . M3L C 2 3  ? -3.80204  -2.52683  0.89446   1.000 19.36554 ?  27  M3L C NZ  1 
HETATM 994  C C   . M3L C 2 3  ? -6.58386  -4.42819  -4.65896  1.000 30.30712 ?  27  M3L C C   1 
HETATM 995  O O   . M3L C 2 3  ? -5.67689  -4.99812  -5.26581  1.000 31.41937 ?  27  M3L C O   1 
HETATM 996  C CM1 . M3L C 2 3  ? -3.87670  -1.03798  0.98934   1.000 23.26811 ?  27  M3L C CM1 1 
HETATM 997  C CM2 . M3L C 2 3  ? -2.37949  -2.97058  0.99963   1.000 16.18156 ?  27  M3L C CM2 1 
HETATM 998  C CM3 . M3L C 2 3  ? -4.57417  -3.11430  2.03269   1.000 21.96394 ?  27  M3L C CM3 1 
ATOM   999  N N   . SER C 2 4  ? -7.08923  -3.27516  -5.08691  1.000 26.06844 ?  28  SER C N   1 
ATOM   1000 C CA  . SER C 2 4  ? -6.51326  -2.57994  -6.23085  1.000 25.86070 ?  28  SER C CA  1 
ATOM   1001 C C   . SER C 2 4  ? -5.32158  -1.73814  -5.78928  1.000 27.77632 ?  28  SER C C   1 
ATOM   1002 O O   . SER C 2 4  ? -5.41272  -0.97133  -4.82744  1.000 27.07495 ?  28  SER C O   1 
ATOM   1003 C CB  . SER C 2 4  ? -7.55586  -1.69622  -6.92184  1.000 29.45340 ?  28  SER C CB  1 
ATOM   1004 O OG  . SER C 2 4  ? -8.64614  -2.46491  -7.40566  1.000 26.11067 ?  28  SER C OG  1 
ATOM   1005 N N   . ALA C 2 5  ? -4.20077  -1.90072  -6.48732  1.000 22.66151 ?  29  ALA C N   1 
ATOM   1006 C CA  . ALA C 2 5  ? -3.03710  -1.07221  -6.23108  1.000 31.37939 ?  29  ALA C CA  1 
ATOM   1007 C C   . ALA C 2 5  ? -3.34980  0.38409   -6.57137  1.000 31.69022 ?  29  ALA C C   1 
ATOM   1008 O O   . ALA C 2 5  ? -4.09944  0.66176   -7.51113  1.000 26.51889 ?  29  ALA C O   1 
ATOM   1009 C CB  . ALA C 2 5  ? -1.84529  -1.55934  -7.04995  1.000 33.38052 ?  29  ALA C CB  1 
ATOM   1010 N N   . PRO C 2 6  ? -2.80166  1.33100   -5.81489  1.000 32.85012 ?  30  PRO C N   1 
ATOM   1011 C CA  . PRO C 2 6  ? -3.10664  2.74109   -6.06912  1.000 32.67783 ?  30  PRO C CA  1 
ATOM   1012 C C   . PRO C 2 6  ? -2.52020  3.21727   -7.38759  1.000 32.10333 ?  30  PRO C C   1 
ATOM   1013 O O   . PRO C 2 6  ? -1.58509  2.63446   -7.94009  1.000 31.92205 ?  30  PRO C O   1 
ATOM   1014 C CB  . PRO C 2 6  ? -2.45809  3.46781   -4.88442  1.000 36.68810 ?  30  PRO C CB  1 
ATOM   1015 C CG  . PRO C 2 6  ? -2.25012  2.40786   -3.84942  1.000 37.44747 ?  30  PRO C CG  1 
ATOM   1016 C CD  . PRO C 2 6  ? -1.94412  1.16990   -4.63065  1.000 31.21700 ?  30  PRO C CD  1 
ATOM   1017 N N   . THR C 2 7  ? -3.09948  4.30356   -7.88838  1.000 35.32796 ?  31  THR C N   1 
ATOM   1018 C CA  . THR C 2 7  ? -2.58413  4.95291   -9.08417  1.000 35.95309 ?  31  THR C CA  1 
ATOM   1019 C C   . THR C 2 7  ? -1.19628  5.52364   -8.81120  1.000 34.36944 ?  31  THR C C   1 
ATOM   1020 O O   . THR C 2 7  ? -0.92229  6.03960   -7.72372  1.000 36.46799 ?  31  THR C O   1 
ATOM   1021 C CB  . THR C 2 7  ? -3.54227  6.06374   -9.53248  1.000 35.78861 ?  31  THR C CB  1 
ATOM   1022 O OG1 . THR C 2 7  ? -4.66973  5.48811   -10.20547 1.000 46.18305 ?  31  THR C OG1 1 
ATOM   1023 C CG2 . THR C 2 7  ? -2.85134  7.05561   -10.46527 1.000 30.73041 ?  31  THR C CG2 1 
ATOM   1024 N N   . THR C 2 8  ? -0.30986  5.40658   -9.79647  1.000 31.91446 ?  32  THR C N   1 
ATOM   1025 C CA  . THR C 2 8  ? 1.01167   6.01805   -9.70980  1.000 36.68747 ?  32  THR C CA  1 
ATOM   1026 C C   . THR C 2 8  ? 1.29281   6.88817   -10.93248 1.000 42.00160 ?  32  THR C C   1 
ATOM   1027 O O   . THR C 2 8  ? 0.59331   6.81761   -11.94393 1.000 38.58882 ?  32  THR C O   1 
ATOM   1028 C CB  . THR C 2 8  ? 2.12284   4.95897   -9.57433  1.000 34.62466 ?  32  THR C CB  1 
ATOM   1029 O OG1 . THR C 2 8  ? 2.13699   4.12115   -10.73675 1.000 40.91955 ?  32  THR C OG1 1 
ATOM   1030 C CG2 . THR C 2 8  ? 1.89495   4.10358   -8.33816  1.000 32.95469 ?  32  THR C CG2 1 
ATOM   1031 O OXT . THR C 2 8  ? 2.22868   7.68765   -10.93477 1.000 41.56873 ?  32  THR C OXT 1 
ATOM   1032 N N   . ALA D 2 1  ? 9.68826   11.75610  2.88815   1.000 26.12398 ?  25  ALA D N   1 
ATOM   1033 C CA  . ALA D 2 1  ? 10.26963  10.64602  2.14068   1.000 28.47798 ?  25  ALA D CA  1 
ATOM   1034 C C   . ALA D 2 1  ? 9.29018   10.11920  1.09900   1.000 31.40736 ?  25  ALA D C   1 
ATOM   1035 O O   . ALA D 2 1  ? 8.07806   10.29402  1.23159   1.000 26.10241 ?  25  ALA D O   1 
ATOM   1036 C CB  . ALA D 2 1  ? 10.68597  9.53052   3.08677   1.000 26.18953 ?  25  ALA D CB  1 
ATOM   1037 N N   . ARG D 2 2  ? 9.81901   9.48109   0.05950   1.000 23.77200 ?  26  ARG D N   1 
ATOM   1038 C CA  . ARG D 2 2  ? 8.97473   8.84270   -0.94345  1.000 22.47658 ?  26  ARG D CA  1 
ATOM   1039 C C   . ARG D 2 2  ? 9.09498   7.32405   -0.86112  1.000 22.93523 ?  26  ARG D C   1 
ATOM   1040 O O   . ARG D 2 2  ? 10.13135  6.78795   -0.46219  1.000 20.47533 ?  26  ARG D O   1 
ATOM   1041 C CB  . ARG D 2 2  ? 9.32545   9.32955   -2.35392  1.000 28.70253 ?  26  ARG D CB  1 
ATOM   1042 C CG  . ARG D 2 2  ? 9.11737   10.82256  -2.57691  1.000 26.94560 ?  26  ARG D CG  1 
ATOM   1043 C CD  . ARG D 2 2  ? 7.65912   11.22427  -2.35858  1.000 27.44052 ?  26  ARG D CD  1 
ATOM   1044 N NE  . ARG D 2 2  ? 6.74204   10.63774  -3.33021  1.000 27.56905 ?  26  ARG D NE  1 
ATOM   1045 C CZ  . ARG D 2 2  ? 6.60562   11.05189  -4.58306  1.000 29.36770 ?  26  ARG D CZ  1 
ATOM   1046 N NH1 . ARG D 2 2  ? 7.33999   12.03735  -5.07045  1.000 26.73379 ?  26  ARG D NH1 1 
ATOM   1047 N NH2 . ARG D 2 2  ? 5.70887   10.46167  -5.36746  1.000 26.69676 ?  26  ARG D NH2 1 
HETATM 1048 N N   . M3L D 2 3  ? 8.02042   6.64102   -1.23868  1.000 22.50890 ?  27  M3L D N   1 
HETATM 1049 C CA  . M3L D 2 3  ? 7.94142   5.20416   -1.13948  1.000 20.09493 ?  27  M3L D CA  1 
HETATM 1050 C CB  . M3L D 2 3  ? 6.81748   4.80460   -0.16038  1.000 21.55117 ?  27  M3L D CB  1 
HETATM 1051 C CG  . M3L D 2 3  ? 6.55696   3.31721   -0.05458  1.000 14.93996 ?  27  M3L D CG  1 
HETATM 1052 C CD  . M3L D 2 3  ? 5.66145   3.03156   1.13986   1.000 19.88696 ?  27  M3L D CD  1 
HETATM 1053 C CE  . M3L D 2 3  ? 4.22447   3.43173   0.82039   1.000 17.46319 ?  27  M3L D CE  1 
HETATM 1054 N NZ  . M3L D 2 3  ? 3.19985   3.24414   1.91799   1.000 18.36577 ?  27  M3L D NZ  1 
HETATM 1055 C C   . M3L D 2 3  ? 7.70383   4.54060   -2.49368  1.000 25.66810 ?  27  M3L D C   1 
HETATM 1056 O O   . M3L D 2 3  ? 6.97891   5.02557   -3.36226  1.000 21.55716 ?  27  M3L D O   1 
HETATM 1057 C CM1 . M3L D 2 3  ? 1.83103   3.61829   1.45559   1.000 21.13657 ?  27  M3L D CM1 1 
HETATM 1058 C CM2 . M3L D 2 3  ? 3.55222   4.04014   3.13058   1.000 21.27074 ?  27  M3L D CM2 1 
HETATM 1059 C CM3 . M3L D 2 3  ? 3.19163   1.79619   2.29936   1.000 21.87394 ?  27  M3L D CM3 1 
ATOM   1060 N N   . SER D 2 4  ? 8.35544   3.39820   -2.68901  1.000 20.95817 ?  28  SER D N   1 
ATOM   1061 C CA  . SER D 2 4  ? 8.19626   2.64348   -3.92621  1.000 23.97032 ?  28  SER D CA  1 
ATOM   1062 C C   . SER D 2 4  ? 6.82788   1.97843   -3.97553  1.000 22.95957 ?  28  SER D C   1 
ATOM   1063 O O   . SER D 2 4  ? 6.35814   1.42830   -2.97898  1.000 23.52707 ?  28  SER D O   1 
ATOM   1064 C CB  . SER D 2 4  ? 9.29499   1.58945   -4.06854  1.000 23.71745 ?  28  SER D CB  1 
ATOM   1065 O OG  . SER D 2 4  ? 10.57794  2.18918   -4.09982  1.000 25.20459 ?  28  SER D OG  1 
ATOM   1066 N N   . ALA D 2 5  ? 6.18704   2.04199   -5.13781  1.000 25.26141 ?  29  ALA D N   1 
ATOM   1067 C CA  . ALA D 2 5  ? 4.92394   1.35201   -5.31591  1.000 24.87388 ?  29  ALA D CA  1 
ATOM   1068 C C   . ALA D 2 5  ? 5.14825   -0.15758  -5.29589  1.000 27.68238 ?  29  ALA D C   1 
ATOM   1069 O O   . ALA D 2 5  ? 6.18658   -0.64262  -5.74738  1.000 24.62335 ?  29  ALA D O   1 
ATOM   1070 C CB  . ALA D 2 5  ? 4.26492   1.76141   -6.62901  1.000 23.88794 ?  29  ALA D CB  1 
ATOM   1071 N N   . PRO D 2 6  ? 4.19170   -0.91989  -4.77540  1.000 34.41711 ?  30  PRO D N   1 
ATOM   1072 C CA  . PRO D 2 6  ? 4.34419   -2.37799  -4.76124  1.000 40.93248 ?  30  PRO D CA  1 
ATOM   1073 C C   . PRO D 2 6  ? 4.29034   -2.95887  -6.16505  1.000 34.64925 ?  30  PRO D C   1 
ATOM   1074 O O   . PRO D 2 6  ? 3.64603   -2.41609  -7.06616  1.000 34.66882 ?  30  PRO D O   1 
ATOM   1075 C CB  . PRO D 2 6  ? 3.15391   -2.84892  -3.91959  1.000 42.81317 ?  30  PRO D CB  1 
ATOM   1076 C CG  . PRO D 2 6  ? 2.12794   -1.76452  -4.08876  1.000 34.77695 ?  30  PRO D CG  1 
ATOM   1077 C CD  . PRO D 2 6  ? 2.89996   -0.48323  -4.21508  1.000 36.83206 ?  30  PRO D CD  1 
ATOM   1078 N N   . THR D 2 7  ? 4.98327   -4.07981  -6.34397  1.000 39.24374 ?  31  THR D N   1 
ATOM   1079 C CA  . THR D 2 7  ? 4.96174   -4.76658  -7.62678  1.000 39.38700 ?  31  THR D CA  1 
ATOM   1080 C C   . THR D 2 7  ? 3.62745   -5.47624  -7.82586  1.000 38.32792 ?  31  THR D C   1 
ATOM   1081 O O   . THR D 2 7  ? 3.02858   -5.99107  -6.87685  1.000 34.16324 ?  31  THR D O   1 
ATOM   1082 C CB  . THR D 2 7  ? 6.11449   -5.76614  -7.71790  1.000 39.70338 ?  31  THR D CB  1 
ATOM   1083 O OG1 . THR D 2 7  ? 6.07168   -6.65849  -6.59765  1.000 41.68892 ?  31  THR D OG1 1 
ATOM   1084 C CG2 . THR D 2 7  ? 7.44338   -5.03267  -7.71971  1.000 40.70449 ?  31  THR D CG2 1 
ATOM   1085 N N   . THR D 2 8  ? 3.15694   -5.48996  -9.06865  1.000 40.79772 ?  32  THR D N   1 
ATOM   1086 C CA  . THR D 2 8  ? 1.88355   -6.11648  -9.39718  1.000 37.06964 ?  32  THR D CA  1 
ATOM   1087 C C   . THR D 2 8  ? 2.04470   -7.05442  -10.58690 1.000 45.42272 ?  32  THR D C   1 
ATOM   1088 O O   . THR D 2 8  ? 1.23966   -7.96331  -10.79031 1.000 38.47849 ?  32  THR D O   1 
ATOM   1089 C CB  . THR D 2 8  ? 0.79934   -5.06720  -9.71273  1.000 33.96684 ?  32  THR D CB  1 
ATOM   1090 O OG1 . THR D 2 8  ? 1.23035   -4.24282  -10.80239 1.000 36.48097 ?  32  THR D OG1 1 
ATOM   1091 C CG2 . THR D 2 8  ? 0.52891   -4.19128  -8.49689  1.000 29.98448 ?  32  THR D CG2 1 
ATOM   1092 O OXT . THR D 2 8  ? 2.98819   -6.92645  -11.36773 1.000 43.19117 ?  32  THR D OXT 1 
HETATM 1093 O O   . HOH E 3 .  ? -20.23158 -11.97416 -5.47436  1.000 40.82241 ?  201 HOH A O   1 
HETATM 1094 O O   . HOH E 3 .  ? -30.45496 -23.64052 4.74132   1.000 51.43273 ?  202 HOH A O   1 
HETATM 1095 O O   . HOH E 3 .  ? 5.11653   -9.14762  -9.10842  1.000 42.96453 ?  203 HOH A O   1 
HETATM 1096 O O   . HOH E 3 .  ? -21.37856 -22.10998 4.64580   1.000 53.96540 ?  204 HOH A O   1 
HETATM 1097 O O   . HOH E 3 .  ? -11.45634 -7.53981  9.91413   1.000 40.83690 ?  205 HOH A O   1 
HETATM 1098 O O   . HOH E 3 .  ? -23.25425 -4.44479  -6.09332  1.000 38.02806 ?  206 HOH A O   1 
HETATM 1099 O O   . HOH E 3 .  ? -16.12941 -5.09748  -12.66558 1.000 48.50433 ?  207 HOH A O   1 
HETATM 1100 O O   . HOH E 3 .  ? -10.73397 -0.61330  -8.19747  1.000 34.58227 ?  208 HOH A O   1 
HETATM 1101 O O   . HOH E 3 .  ? -14.05019 1.09121   10.96424  0.50  25.49549 ?  209 HOH A O   1 
HETATM 1102 O O   . HOH E 3 .  ? -7.92535  -2.15091  11.36444  1.000 28.39256 ?  210 HOH A O   1 
HETATM 1103 O O   . HOH E 3 .  ? -21.54860 6.36584   -12.98978 1.000 35.53149 ?  211 HOH A O   1 
HETATM 1104 O O   . HOH E 3 .  ? -10.36387 -7.51216  -10.57324 1.000 47.66791 ?  212 HOH A O   1 
HETATM 1105 O O   . HOH E 3 .  ? -10.13711 4.10839   11.38837  1.000 25.19156 ?  213 HOH A O   1 
HETATM 1106 O O   . HOH E 3 .  ? 3.93463   -7.51486  -3.74501  1.000 35.96862 ?  214 HOH A O   1 
HETATM 1107 O O   . HOH E 3 .  ? -9.05279  -4.47403  -9.27096  1.000 36.99525 ?  215 HOH A O   1 
HETATM 1108 O O   . HOH E 3 .  ? -1.50378  -1.58200  -2.54384  1.000 26.09754 ?  216 HOH A O   1 
HETATM 1109 O O   . HOH E 3 .  ? -7.23787  6.20527   -0.41339  1.000 39.93187 ?  217 HOH A O   1 
HETATM 1110 O O   . HOH E 3 .  ? -14.30979 -9.14057  6.90081   1.000 37.58643 ?  218 HOH A O   1 
HETATM 1111 O O   . HOH E 3 .  ? -29.08471 -24.53496 6.33925   1.000 57.57234 ?  219 HOH A O   1 
HETATM 1112 O O   . HOH E 3 .  ? -11.92220 7.95466   6.21599   1.000 31.01107 ?  220 HOH A O   1 
HETATM 1113 O O   . HOH E 3 .  ? -10.52070 1.55144   12.45497  1.000 29.23599 ?  221 HOH A O   1 
HETATM 1114 O O   . HOH E 3 .  ? 0.93130   -3.84478  -0.14854  1.000 25.42728 ?  222 HOH A O   1 
HETATM 1115 O O   . HOH E 3 .  ? -7.55984  0.34105   -11.00170 1.000 56.49415 ?  223 HOH A O   1 
HETATM 1116 O O   . HOH E 3 .  ? -18.09689 -5.40437  -11.08131 1.000 34.52871 ?  224 HOH A O   1 
HETATM 1117 O O   . HOH E 3 .  ? -6.29465  5.65717   9.88518   1.000 24.70926 ?  225 HOH A O   1 
HETATM 1118 O O   . HOH E 3 .  ? -24.39518 -15.88007 -1.00643  1.000 39.17137 ?  226 HOH A O   1 
HETATM 1119 O O   . HOH E 3 .  ? -6.91586  0.89606   10.93723  1.000 31.54180 ?  227 HOH A O   1 
HETATM 1120 O O   . HOH E 3 .  ? -21.29099 4.32651   -15.29645 1.000 39.37380 ?  228 HOH A O   1 
HETATM 1121 O O   . HOH E 3 .  ? -19.27897 -4.83126  -8.91791  1.000 30.87369 ?  229 HOH A O   1 
HETATM 1122 O O   . HOH E 3 .  ? -6.17360  -6.87834  5.71200   1.000 22.19207 ?  230 HOH A O   1 
HETATM 1123 O O   . HOH E 3 .  ? -1.97023  -4.76010  10.00885  1.000 31.19844 ?  231 HOH A O   1 
HETATM 1124 O O   . HOH E 3 .  ? -22.92166 5.07086   -0.97996  1.000 30.44442 ?  232 HOH A O   1 
HETATM 1125 O O   . HOH E 3 .  ? -7.84657  0.81828   4.53688   1.000 20.67687 ?  233 HOH A O   1 
HETATM 1126 O O   . HOH E 3 .  ? -12.32453 -6.61251  -12.34824 1.000 54.15165 ?  234 HOH A O   1 
HETATM 1127 O O   . HOH E 3 .  ? -12.38715 1.10291   -11.98157 1.000 45.28971 ?  235 HOH A O   1 
HETATM 1128 O O   . HOH E 3 .  ? -8.94103  8.07248   2.84607   1.000 34.45416 ?  236 HOH A O   1 
HETATM 1129 O O   . HOH E 3 .  ? -22.30808 7.50103   -2.87129  1.000 27.78182 ?  237 HOH A O   1 
HETATM 1130 O O   . HOH E 3 .  ? 1.66308   -7.06831  -1.89988  1.000 30.29321 ?  238 HOH A O   1 
HETATM 1131 O O   . HOH E 3 .  ? -4.46037  1.83932   -0.86892  1.000 24.52857 ?  239 HOH A O   1 
HETATM 1132 O O   . HOH E 3 .  ? -12.27297 -18.03259 -1.47648  1.000 50.51347 ?  240 HOH A O   1 
HETATM 1133 O O   . HOH E 3 .  ? -12.69390 -9.89712  4.20670   1.000 25.03101 ?  241 HOH A O   1 
HETATM 1134 O O   . HOH E 3 .  ? -14.29995 -7.77482  -14.10408 1.000 59.32052 ?  242 HOH A O   1 
HETATM 1135 O O   . HOH E 3 .  ? -12.06369 6.84633   2.36286   1.000 35.53918 ?  243 HOH A O   1 
HETATM 1136 O O   . HOH E 3 .  ? -19.67724 -12.64525 1.44638   1.000 43.63453 ?  244 HOH A O   1 
HETATM 1137 O O   . HOH E 3 .  ? -9.38938  3.30521   -5.11695  1.000 33.20923 ?  245 HOH A O   1 
HETATM 1138 O O   . HOH E 3 .  ? -19.83125 -26.00173 -0.76196  1.000 42.96948 ?  246 HOH A O   1 
HETATM 1139 O O   . HOH E 3 .  ? -18.28677 -23.20536 -1.97128  1.000 44.84439 ?  247 HOH A O   1 
HETATM 1140 O O   . HOH E 3 .  ? -19.22244 -2.27069  7.23708   1.000 34.83259 ?  248 HOH A O   1 
HETATM 1141 O O   . HOH E 3 .  ? -16.06871 8.47589   -5.76828  1.000 27.14329 ?  249 HOH A O   1 
HETATM 1142 O O   . HOH E 3 .  ? -1.64783  7.35877   7.32593   1.000 40.03635 ?  250 HOH A O   1 
HETATM 1143 O O   . HOH E 3 .  ? -4.13348  -9.20861  5.53291   1.000 36.72072 ?  251 HOH A O   1 
HETATM 1144 O O   . HOH E 3 .  ? -2.32829  -7.23389  5.66368   1.000 26.08295 ?  252 HOH A O   1 
HETATM 1145 O O   . HOH E 3 .  ? -14.33870 -19.42982 -6.15251  1.000 38.01177 ?  253 HOH A O   1 
HETATM 1146 O O   . HOH E 3 .  ? -4.15753  0.76805   10.54094  1.000 39.67385 ?  254 HOH A O   1 
HETATM 1147 O O   . HOH E 3 .  ? -15.34041 7.40919   6.45129   1.000 42.01632 ?  255 HOH A O   1 
HETATM 1148 O O   . HOH E 3 .  ? -12.00454 -12.50272 -2.87031  1.000 38.26751 ?  256 HOH A O   1 
HETATM 1149 O O   . HOH E 3 .  ? -9.10472  -6.78349  -11.81847 1.000 61.64839 ?  257 HOH A O   1 
HETATM 1150 O O   . HOH E 3 .  ? -5.29242  4.11006   -2.10496  1.000 34.16307 ?  258 HOH A O   1 
HETATM 1151 O O   . HOH E 3 .  ? -19.57450 1.01342   8.03391   1.000 27.67983 ?  259 HOH A O   1 
HETATM 1152 O O   . HOH E 3 .  ? -20.13134 8.22982   -3.55466  1.000 41.32531 ?  260 HOH A O   1 
HETATM 1153 O O   . HOH E 3 .  ? -1.92798  -1.72731  12.29555  1.000 44.38569 ?  261 HOH A O   1 
HETATM 1154 O O   . HOH E 3 .  ? -12.82042 -10.94996 8.25409   1.000 49.29646 ?  262 HOH A O   1 
HETATM 1155 O O   . HOH E 3 .  ? -5.11284  -8.00713  9.56387   1.000 38.54310 ?  263 HOH A O   1 
HETATM 1156 O O   . HOH E 3 .  ? -29.20552 -24.79534 8.24551   1.000 54.93795 ?  264 HOH A O   1 
HETATM 1157 O O   . HOH E 3 .  ? -13.11390 8.26494   4.07468   1.000 47.65011 ?  265 HOH A O   1 
HETATM 1158 O O   . HOH E 3 .  ? -17.33363 6.59909   8.15306   1.000 30.22458 ?  266 HOH A O   1 
HETATM 1159 O O   . HOH E 3 .  ? -6.31840  -9.81217  12.40525  1.000 28.13490 ?  267 HOH A O   1 
HETATM 1160 O O   . HOH E 3 .  ? -7.15030  3.35842   11.74856  1.000 37.37906 ?  268 HOH A O   1 
HETATM 1161 O O   . HOH E 3 .  ? -21.93556 -5.44494  -8.08315  1.000 24.87115 ?  269 HOH A O   1 
HETATM 1162 O O   . HOH E 3 .  ? -7.64176  10.10677  7.16607   1.000 59.81281 ?  270 HOH A O   1 
HETATM 1163 O O   . HOH E 3 .  ? -9.85244  9.79241   7.87576   1.000 59.70293 ?  271 HOH A O   1 
HETATM 1164 O O   . HOH E 3 .  ? -1.98207  2.02295   0.25977   1.000 20.19252 ?  272 HOH A O   1 
HETATM 1165 O O   . HOH E 3 .  ? -7.85026  7.51864   11.11539  1.000 39.40403 ?  273 HOH A O   1 
HETATM 1166 O O   . HOH E 3 .  ? -9.58640  9.50159   9.95785   1.000 38.35034 ?  274 HOH A O   1 
HETATM 1167 O O   . HOH E 3 .  ? -22.17030 -7.69122  -9.30578  1.000 42.90788 ?  275 HOH A O   1 
HETATM 1168 O O   . HOH F 3 .  ? 21.77708  11.57328  0.74066   1.000 43.24846 ?  201 HOH B O   1 
HETATM 1169 O O   . HOH F 3 .  ? 27.38369  -0.64021  5.88721   1.000 44.17841 ?  202 HOH B O   1 
HETATM 1170 O O   . HOH F 3 .  ? 5.71524   7.86609   -2.06449  1.000 21.53813 ?  203 HOH B O   1 
HETATM 1171 O O   . HOH F 3 .  ? 16.51332  0.31228   -5.12822  1.000 42.69295 ?  204 HOH B O   1 
HETATM 1172 O O   . HOH F 3 .  ? 5.83383   -0.12113  6.81096   1.000 23.37134 ?  205 HOH B O   1 
HETATM 1173 O O   . HOH F 3 .  ? 19.41068  -8.87527  2.74295   1.000 38.71495 ?  206 HOH B O   1 
HETATM 1174 O O   . HOH F 3 .  ? 5.40704   -5.13442  2.11203   1.000 25.77949 ?  207 HOH B O   1 
HETATM 1175 O O   . HOH F 3 .  ? 23.67792  26.34854  10.27036  1.000 40.93439 ?  208 HOH B O   1 
HETATM 1176 O O   . HOH F 3 .  ? 12.78122  13.55314  1.89473   1.000 42.80016 ?  209 HOH B O   1 
HETATM 1177 O O   . HOH F 3 .  ? 3.85494   3.95020   13.04383  1.000 38.02822 ?  210 HOH B O   1 
HETATM 1178 O O   . HOH F 3 .  ? 1.52825   10.45861  -10.63082 1.000 43.59669 ?  211 HOH B O   1 
HETATM 1179 O O   . HOH F 3 .  ? 24.97104  23.42811  12.94231  1.000 40.96929 ?  212 HOH B O   1 
HETATM 1180 O O   . HOH F 3 .  ? 1.94813   2.00195   -2.20774  1.000 29.57907 ?  213 HOH B O   1 
HETATM 1181 O O   . HOH F 3 .  ? 10.32746  -5.93046  7.91827   1.000 31.75532 ?  214 HOH B O   1 
HETATM 1182 O O   . HOH F 3 .  ? 9.03921   9.07615   12.05950  1.000 43.21976 ?  215 HOH B O   1 
HETATM 1183 O O   . HOH F 3 .  ? -2.31424  7.61578   -5.65344  1.000 40.34957 ?  216 HOH B O   1 
HETATM 1184 O O   . HOH F 3 .  ? -0.88300  4.56758   -0.61626  1.000 23.84931 ?  217 HOH B O   1 
HETATM 1185 O O   . HOH F 3 .  ? 4.26795   7.94883   7.00078   1.000 30.49750 ?  218 HOH B O   1 
HETATM 1186 O O   . HOH F 3 .  ? 3.19460   0.68632   13.32324  1.000 44.45401 ?  219 HOH B O   1 
HETATM 1187 O O   . HOH F 3 .  ? 20.89346  4.32378   -4.56206  1.000 37.98466 ?  220 HOH B O   1 
HETATM 1188 O O   . HOH F 3 .  ? -1.22981  -6.22407  8.14506   1.000 38.40236 ?  221 HOH B O   1 
HETATM 1189 O O   . HOH F 3 .  ? 15.49057  -5.59235  12.14050  1.000 28.95430 ?  222 HOH B O   1 
HETATM 1190 O O   . HOH F 3 .  ? 14.56053  -1.52540  13.30142  1.000 38.20166 ?  223 HOH B O   1 
HETATM 1191 O O   . HOH F 3 .  ? 6.55193   -6.97191  5.58725   1.000 28.61539 ?  224 HOH B O   1 
HETATM 1192 O O   . HOH F 3 .  ? 18.97355  -5.67168  10.12470  1.000 33.56114 ?  225 HOH B O   1 
HETATM 1193 O O   . HOH F 3 .  ? 24.32892  2.33827   -3.91360  1.000 42.45367 ?  226 HOH B O   1 
HETATM 1194 O O   . HOH F 3 .  ? 19.51787  -8.10478  8.40736   1.000 29.42747 ?  227 HOH B O   1 
HETATM 1195 O O   . HOH F 3 .  ? 11.46393  10.31692  7.26886   1.000 31.31012 ?  228 HOH B O   1 
HETATM 1196 O O   . HOH F 3 .  ? 24.06531  4.09072   1.41817   1.000 51.88909 ?  229 HOH B O   1 
HETATM 1197 O O   . HOH F 3 .  ? 20.95408  3.89564   -2.36682  1.000 28.85435 ?  230 HOH B O   1 
HETATM 1198 O O   . HOH F 3 .  ? 25.87166  -6.05280  -5.40271  1.000 46.97616 ?  231 HOH B O   1 
HETATM 1199 O O   . HOH F 3 .  ? 13.91090  -9.58905  5.08451   1.000 27.55074 ?  232 HOH B O   1 
HETATM 1200 O O   . HOH F 3 .  ? 2.24563   -3.58624  12.04861  1.000 35.90436 ?  233 HOH B O   1 
HETATM 1201 O O   . HOH F 3 .  ? 10.16696  -3.80590  -1.28401  1.000 29.33362 ?  234 HOH B O   1 
HETATM 1202 O O   . HOH F 3 .  ? 21.00331  -7.25135  6.35519   1.000 34.35189 ?  235 HOH B O   1 
HETATM 1203 O O   . HOH F 3 .  ? 4.13426   -1.18885  0.65071   1.000 23.34000 ?  236 HOH B O   1 
HETATM 1204 O O   . HOH F 3 .  ? 11.87337  3.65288   -6.39585  1.000 37.57272 ?  237 HOH B O   1 
HETATM 1205 O O   . HOH F 3 .  ? 18.84003  23.84326  7.53291   1.000 50.10167 ?  238 HOH B O   1 
HETATM 1206 O O   . HOH F 3 .  ? -1.42487  8.24630   1.30969   1.000 45.43570 ?  239 HOH B O   1 
HETATM 1207 O O   . HOH F 3 .  ? 10.26453  -1.89554  -2.88065  1.000 35.30259 ?  240 HOH B O   1 
HETATM 1208 O O   . HOH F 3 .  ? 12.62643  10.28141  -4.72340  1.000 39.05885 ?  241 HOH B O   1 
HETATM 1209 O O   . HOH F 3 .  ? 14.78616  -11.40210 -2.18220  1.000 42.83144 ?  242 HOH B O   1 
HETATM 1210 O O   . HOH F 3 .  ? 19.89008  12.80208  -2.63770  1.000 41.11894 ?  243 HOH B O   1 
HETATM 1211 O O   . HOH F 3 .  ? 21.12295  -4.83748  8.05732   1.000 30.85747 ?  244 HOH B O   1 
HETATM 1212 O O   . HOH F 3 .  ? 13.11703  -9.83537  -4.79609  1.000 45.06346 ?  245 HOH B O   1 
HETATM 1213 O O   . HOH F 3 .  ? 17.99597  15.65433  7.31552   1.000 47.76091 ?  246 HOH B O   1 
HETATM 1214 O O   . HOH F 3 .  ? -1.05553  7.03261   -3.38272  1.000 34.82668 ?  247 HOH B O   1 
HETATM 1215 O O   . HOH F 3 .  ? 0.66571   8.43144   5.88832   1.000 30.36371 ?  248 HOH B O   1 
HETATM 1216 O O   . HOH F 3 .  ? 21.47734  8.58186   -3.86883  1.000 41.57488 ?  249 HOH B O   1 
HETATM 1217 O O   . HOH F 3 .  ? 16.60903  2.86461   12.39235  1.000 48.54688 ?  250 HOH B O   1 
HETATM 1218 O O   . HOH F 3 .  ? 15.81423  19.07503  -2.53128  1.000 52.76105 ?  251 HOH B O   1 
HETATM 1219 O O   . HOH F 3 .  ? 1.38870   3.36993   -4.98353  1.000 37.01199 ?  252 HOH B O   1 
HETATM 1220 O O   . HOH F 3 .  ? 12.22820  -8.92396  2.61421   1.000 31.90742 ?  253 HOH B O   1 
HETATM 1221 O O   . HOH F 3 .  ? 19.81728  3.10178   -6.53166  1.000 48.55673 ?  254 HOH B O   1 
HETATM 1222 O O   . HOH F 3 .  ? 18.78698  0.68741   12.04409  1.000 47.78717 ?  255 HOH B O   1 
HETATM 1223 O O   . HOH F 3 .  ? 7.01943   8.13401   -9.82691  1.000 42.39222 ?  256 HOH B O   1 
HETATM 1224 O O   . HOH F 3 .  ? 2.03873   -6.25599  10.43556  1.000 39.11134 ?  257 HOH B O   1 
HETATM 1225 O O   . HOH F 3 .  ? -1.28946  9.78880   -1.95645  1.000 32.63624 ?  258 HOH B O   1 
HETATM 1226 O O   . HOH F 3 .  ? 0.33242   0.33266   12.04329  1.000 42.83788 ?  259 HOH B O   1 
HETATM 1227 O O   . HOH F 3 .  ? 9.14800   -6.80844  5.93954   1.000 31.62841 ?  260 HOH B O   1 
HETATM 1228 O O   . HOH F 3 .  ? 12.57003  -7.82177  -6.72676  1.000 45.58540 ?  261 HOH B O   1 
HETATM 1229 O O   . HOH F 3 .  ? 4.91507   -4.19836  -0.22098  1.000 45.95012 ?  262 HOH B O   1 
HETATM 1230 O O   . HOH F 3 .  ? 23.97144  27.42062  8.21118   1.000 42.80591 ?  263 HOH B O   1 
HETATM 1231 O O   . HOH F 3 .  ? 3.99805   -8.62015  9.66324   1.000 38.46317 ?  264 HOH B O   1 
HETATM 1232 O O   . HOH F 3 .  ? 25.59382  25.64115  14.05073  1.000 41.88171 ?  265 HOH B O   1 
HETATM 1233 O O   . HOH F 3 .  ? 16.08668  21.04715  -3.32929  1.000 48.41331 ?  266 HOH B O   1 
HETATM 1234 O O   . HOH F 3 .  ? 5.43625   -8.97935  7.48588   1.000 27.30029 ?  267 HOH B O   1 
HETATM 1235 O O   . HOH F 3 .  ? 7.08150   -3.71229  -1.93440  1.000 34.97475 ?  268 HOH B O   1 
HETATM 1236 O O   . HOH F 3 .  ? 17.76668  -6.76350  13.29826  1.000 41.65748 ?  269 HOH B O   1 
HETATM 1237 O O   . HOH F 3 .  ? 28.44250  -4.91207  -4.10739  1.000 39.52184 ?  270 HOH B O   1 
HETATM 1238 O O   . HOH F 3 .  ? -0.00184  0.35648   -1.05547  1.000 26.47447 ?  271 HOH B O   1 
HETATM 1239 O O   . HOH F 3 .  ? 23.27017  4.65187   -1.25965  1.000 30.89377 ?  272 HOH B O   1 
HETATM 1240 O O   . HOH F 3 .  ? 29.42999  -1.45673  6.36851   1.000 39.97450 ?  273 HOH B O   1 
HETATM 1241 O O   . HOH F 3 .  ? -3.71122  6.27085   10.87396  1.000 45.09482 ?  274 HOH B O   1 
HETATM 1242 O O   . HOH F 3 .  ? 15.30407  1.61589   -7.03698  1.000 52.68941 ?  275 HOH B O   1 
HETATM 1243 O O   . HOH F 3 .  ? 1.53466   -1.15538  0.71156   1.000 20.88757 ?  276 HOH B O   1 
HETATM 1244 O O   . HOH G 3 .  ? -12.23635 -11.87832 1.70537   1.000 34.67212 ?  101 HOH C O   1 
HETATM 1245 O O   . HOH G 3 .  ? -4.94782  -7.66762  -3.21858  1.000 26.60679 ?  102 HOH C O   1 
HETATM 1246 O O   . HOH G 3 .  ? 0.15849   5.85386   -5.33018  1.000 29.56023 ?  103 HOH C O   1 
HETATM 1247 O O   . HOH G 3 .  ? -4.13182  -0.42089  -2.56637  1.000 23.92952 ?  104 HOH C O   1 
HETATM 1248 O O   . HOH G 3 .  ? 0.57633   1.25770   -6.93868  1.000 35.66180 ?  105 HOH C O   1 
HETATM 1249 O O   . HOH G 3 .  ? 4.13474   8.27618   -8.96727  1.000 29.29215 ?  106 HOH C O   1 
HETATM 1250 O O   . HOH G 3 .  ? -7.50533  -13.90499 -6.01722  1.000 31.55194 ?  107 HOH C O   1 
HETATM 1251 O O   . HOH G 3 .  ? -2.04789  -10.56514 -8.44816  1.000 48.60834 ?  108 HOH C O   1 
HETATM 1252 O O   . HOH G 3 .  ? -9.46294  -13.57184 -1.13526  1.000 32.76436 ?  109 HOH C O   1 
HETATM 1253 O O   . HOH G 3 .  ? -6.83300  1.58914   -5.89027  1.000 38.29129 ?  110 HOH C O   1 
HETATM 1254 O O   . HOH G 3 .  ? -4.41210  -11.93260 -9.83341  1.000 38.82005 ?  111 HOH C O   1 
HETATM 1255 O O   . HOH G 3 .  ? 4.68354   10.19306  -12.83651 1.000 52.09233 ?  112 HOH C O   1 
HETATM 1256 O O   . HOH G 3 .  ? -9.02575  -12.95160 -8.26429  1.000 49.19749 ?  113 HOH C O   1 
HETATM 1257 O O   . HOH G 3 .  ? -6.25200  4.04381   -4.85886  1.000 34.29602 ?  114 HOH C O   1 
HETATM 1258 O O   . HOH G 3 .  ? -9.46009  -14.15116 -3.69574  1.000 44.07815 ?  115 HOH C O   1 
HETATM 1259 O O   . HOH G 3 .  ? -6.35552  -10.66913 -11.63682 1.000 51.39451 ?  116 HOH C O   1 
HETATM 1260 O O   . HOH H 3 .  ? 7.38639   12.00437  -7.61508  1.000 38.76379 ?  101 HOH D O   1 
HETATM 1261 O O   . HOH H 3 .  ? 1.61990   -5.86685  -4.71858  1.000 29.23766 ?  102 HOH D O   1 
HETATM 1262 O O   . HOH H 3 .  ? 12.59671  0.52417   -4.54752  1.000 36.08368 ?  103 HOH D O   1 
HETATM 1263 O O   . HOH H 3 .  ? 4.28173   0.89410   -1.30825  1.000 25.76463 ?  104 HOH D O   1 
HETATM 1264 O O   . HOH H 3 .  ? 11.28067  12.47363  5.10516   1.000 35.35787 ?  105 HOH D O   1 
HETATM 1265 O O   . HOH H 3 .  ? 8.15239   0.38428   -7.64869  1.000 42.00346 ?  106 HOH D O   1 
HETATM 1266 O O   . HOH H 3 .  ? 9.59571   14.04897  1.06184   1.000 32.40294 ?  107 HOH D O   1 
HETATM 1267 O O   . HOH H 3 .  ? 1.71828   0.19632   -8.78396  1.000 41.64277 ?  108 HOH D O   1 
HETATM 1268 O O   . HOH H 3 .  ? 11.51521  11.86767  -6.35179  1.000 43.48924 ?  109 HOH D O   1 
HETATM 1269 O O   . HOH H 3 .  ? 10.40015  13.90245  -1.34680  1.000 38.14750 ?  110 HOH D O   1 
# 
